data_2CDB
#
_entry.id   2CDB
#
_cell.length_a   68.672
_cell.length_b   91.394
_cell.length_c   138.433
_cell.angle_alpha   90.00
_cell.angle_beta   90.03
_cell.angle_gamma   90.00
#
_symmetry.space_group_name_H-M   'P 1 21 1'
#
loop_
_entity.id
_entity.type
_entity.pdbx_description
1 polymer 'GLUCOSE 1-DEHYDROGENASE (DHG-1)'
2 non-polymer 1,2-ETHANEDIOL
3 non-polymer beta-D-glucopyranose
4 non-polymer 'NADP NICOTINAMIDE-ADENINE-DINUCLEOTIDE PHOSPHATE'
5 non-polymer 'ZINC ION'
6 water water
#
_entity_poly.entity_id   1
_entity_poly.type   'polypeptide(L)'
_entity_poly.pdbx_seq_one_letter_code
;MKAIIVKPPNAGVQVKDVDEKKLDSYGKIKIRTIYNGICGADREIVNGKLTLSTLPKGKDFLVLGHEAIGVVEESYHGFS
QGDLVMPVNRRGCGICRNCLVGRPDFCETGEFGEAGIHKMDGFMREWWYDDPKYLVKIPKSIEDIGILAQPLADIEKSIE
EILEVQKRVPVWTCDDGTLNCRKVLVVGTGPIGVLFTLLFRTYGLEVWMANRREPTEVEQTVIEETKTNYYNSSNGYDKL
KDSVGKFDVIIDATGADVNILGNVIPLLGRNGVLGLFGFSTSGSVPLDYKTLQEIVHTNKTIIGLVNGQKPHFQQAVVHL
ASWKTLYPKAAKMLITKTVSINDEKELLKVLREKEHGEIKIRILWE
;
_entity_poly.pdbx_strand_id   A,B,C,D
#
loop_
_chem_comp.id
_chem_comp.type
_chem_comp.name
_chem_comp.formula
BGC D-saccharide, beta linking beta-D-glucopyranose 'C6 H12 O6'
EDO non-polymer 1,2-ETHANEDIOL 'C2 H6 O2'
NAP non-polymer 'NADP NICOTINAMIDE-ADENINE-DINUCLEOTIDE PHOSPHATE' 'C21 H28 N7 O17 P3'
ZN non-polymer 'ZINC ION' 'Zn 2'
#
# COMPACT_ATOMS: atom_id res chain seq x y z
N MET A 1 -27.61 2.30 -40.91
CA MET A 1 -27.68 1.58 -39.60
C MET A 1 -28.49 2.38 -38.57
N LYS A 2 -29.38 1.72 -37.86
CA LYS A 2 -30.18 2.36 -36.81
C LYS A 2 -29.28 2.82 -35.64
N ALA A 3 -29.50 4.05 -35.20
CA ALA A 3 -28.75 4.64 -34.09
C ALA A 3 -29.61 5.64 -33.34
N ILE A 4 -29.33 5.80 -32.04
CA ILE A 4 -29.95 6.85 -31.24
C ILE A 4 -28.97 8.01 -31.19
N ILE A 5 -29.36 9.17 -31.72
CA ILE A 5 -28.41 10.25 -31.92
C ILE A 5 -28.82 11.54 -31.22
N VAL A 6 -27.83 12.32 -30.82
CA VAL A 6 -28.05 13.62 -30.18
C VAL A 6 -27.15 14.65 -30.85
N LYS A 7 -27.41 15.93 -30.60
CA LYS A 7 -26.61 17.00 -31.22
C LYS A 7 -26.27 18.07 -30.19
N PRO A 8 -25.35 17.75 -29.25
CA PRO A 8 -24.98 18.70 -28.20
C PRO A 8 -24.39 19.99 -28.81
N PRO A 9 -24.66 21.14 -28.18
CA PRO A 9 -25.29 21.30 -26.87
C PRO A 9 -26.82 21.40 -26.93
N ASN A 10 -27.40 21.22 -28.12
CA ASN A 10 -28.86 21.30 -28.32
C ASN A 10 -29.61 20.13 -27.67
N ALA A 11 -30.87 20.37 -27.30
CA ALA A 11 -31.71 19.30 -26.76
C ALA A 11 -32.33 18.51 -27.90
N GLY A 12 -32.85 17.33 -27.59
CA GLY A 12 -33.48 16.52 -28.61
C GLY A 12 -32.76 15.20 -28.81
N VAL A 13 -33.51 14.19 -29.25
CA VAL A 13 -32.97 12.86 -29.50
C VAL A 13 -33.83 12.18 -30.56
N GLN A 14 -33.17 11.40 -31.42
CA GLN A 14 -33.81 10.76 -32.55
C GLN A 14 -33.33 9.33 -32.66
N VAL A 15 -34.21 8.45 -33.12
CA VAL A 15 -33.82 7.11 -33.52
C VAL A 15 -33.95 7.10 -35.03
N LYS A 16 -32.83 7.00 -35.73
CA LYS A 16 -32.86 7.03 -37.18
C LYS A 16 -31.74 6.21 -37.81
N ASP A 17 -31.93 5.88 -39.09
CA ASP A 17 -30.90 5.24 -39.88
C ASP A 17 -29.85 6.31 -40.20
N VAL A 18 -28.59 5.98 -39.93
CA VAL A 18 -27.48 6.88 -40.19
C VAL A 18 -26.43 6.17 -41.05
N ASP A 19 -25.58 6.96 -41.70
CA ASP A 19 -24.53 6.43 -42.55
C ASP A 19 -23.45 5.76 -41.70
N GLU A 20 -23.28 4.46 -41.92
CA GLU A 20 -22.32 3.63 -41.21
C GLU A 20 -20.91 4.17 -41.36
N LYS A 21 -20.62 4.72 -42.54
CA LYS A 21 -19.30 5.30 -42.85
C LYS A 21 -18.95 6.47 -41.94
N LYS A 22 -19.97 7.09 -41.34
CA LYS A 22 -19.79 8.26 -40.50
C LYS A 22 -19.46 7.88 -39.05
N LEU A 23 -19.85 6.68 -38.65
CA LEU A 23 -19.77 6.29 -37.24
C LEU A 23 -18.38 5.81 -36.85
N ASP A 24 -17.96 6.20 -35.64
CA ASP A 24 -16.63 5.87 -35.13
C ASP A 24 -16.41 4.35 -34.95
N SER A 25 -15.23 3.89 -35.36
CA SER A 25 -14.77 2.51 -35.19
C SER A 25 -13.55 2.49 -34.28
N TYR A 26 -13.43 1.49 -33.40
CA TYR A 26 -12.36 1.49 -32.38
C TYR A 26 -11.41 0.31 -32.47
N GLY A 27 -11.72 -0.63 -33.36
CA GLY A 27 -10.88 -1.80 -33.53
C GLY A 27 -11.47 -2.74 -34.54
N LYS A 28 -11.10 -4.01 -34.41
CA LYS A 28 -11.33 -4.99 -35.47
C LYS A 28 -12.49 -5.95 -35.19
N ILE A 29 -12.96 -6.01 -33.95
CA ILE A 29 -14.02 -6.95 -33.58
C ILE A 29 -15.40 -6.33 -33.79
N LYS A 30 -16.21 -6.97 -34.63
CA LYS A 30 -17.60 -6.55 -34.88
C LYS A 30 -18.50 -7.06 -33.76
N ILE A 31 -19.19 -6.11 -33.14
CA ILE A 31 -20.04 -6.39 -32.00
C ILE A 31 -21.45 -5.91 -32.29
N ARG A 32 -22.42 -6.82 -32.19
CA ARG A 32 -23.80 -6.51 -32.45
C ARG A 32 -24.51 -6.21 -31.14
N THR A 33 -25.04 -5.00 -31.02
CA THR A 33 -25.69 -4.59 -29.78
C THR A 33 -26.93 -5.42 -29.49
N ILE A 34 -27.06 -5.83 -28.22
CA ILE A 34 -28.28 -6.48 -27.76
C ILE A 34 -28.97 -5.61 -26.71
N TYR A 35 -28.20 -5.11 -25.74
CA TYR A 35 -28.75 -4.20 -24.73
C TYR A 35 -27.99 -2.90 -24.58
N ASN A 36 -28.74 -1.83 -24.33
CA ASN A 36 -28.18 -0.60 -23.77
C ASN A 36 -28.80 -0.32 -22.42
N GLY A 37 -28.09 0.44 -21.59
CA GLY A 37 -28.70 1.02 -20.39
C GLY A 37 -28.86 2.51 -20.60
N ILE A 38 -29.78 3.11 -19.85
CA ILE A 38 -29.99 4.56 -19.85
C ILE A 38 -29.68 5.08 -18.45
N CYS A 39 -28.97 6.19 -18.35
CA CYS A 39 -28.77 6.82 -17.05
C CYS A 39 -28.98 8.34 -17.13
N GLY A 40 -28.81 8.99 -15.98
CA GLY A 40 -29.01 10.43 -15.88
C GLY A 40 -28.16 11.24 -16.85
N ALA A 41 -26.94 10.78 -17.11
CA ALA A 41 -26.04 11.46 -18.06
C ALA A 41 -26.68 11.50 -19.44
N ASP A 42 -27.33 10.40 -19.83
CA ASP A 42 -28.07 10.32 -21.10
C ASP A 42 -29.23 11.30 -21.11
N ARG A 43 -30.03 11.29 -20.03
CA ARG A 43 -31.15 12.24 -19.86
C ARG A 43 -30.69 13.67 -20.01
N GLU A 44 -29.57 14.01 -19.38
CA GLU A 44 -29.06 15.37 -19.41
C GLU A 44 -28.70 15.82 -20.83
N ILE A 45 -28.07 14.95 -21.59
CA ILE A 45 -27.68 15.30 -22.95
C ILE A 45 -28.94 15.44 -23.80
N VAL A 46 -29.87 14.50 -23.64
CA VAL A 46 -31.13 14.56 -24.39
C VAL A 46 -31.87 15.88 -24.12
N ASN A 47 -31.73 16.40 -22.91
CA ASN A 47 -32.40 17.62 -22.52
C ASN A 47 -31.56 18.88 -22.71
N GLY A 48 -30.38 18.71 -23.31
CA GLY A 48 -29.46 19.81 -23.59
C GLY A 48 -28.91 20.51 -22.36
N LYS A 49 -28.60 19.75 -21.32
CA LYS A 49 -28.15 20.29 -20.03
C LYS A 49 -26.71 19.90 -19.65
N LEU A 50 -26.10 18.99 -20.40
CA LEU A 50 -24.67 18.65 -20.20
C LEU A 50 -23.75 19.35 -21.21
N LYS A 57 -16.78 17.67 -33.76
CA LYS A 57 -15.90 18.23 -34.79
C LYS A 57 -15.71 17.27 -35.97
N GLY A 58 -16.38 17.58 -37.07
CA GLY A 58 -16.40 16.72 -38.25
C GLY A 58 -17.73 16.00 -38.42
N LYS A 59 -18.51 15.92 -37.33
CA LYS A 59 -19.78 15.21 -37.33
C LYS A 59 -20.99 16.12 -37.10
N ASP A 60 -22.11 15.80 -37.76
CA ASP A 60 -23.38 16.50 -37.55
C ASP A 60 -24.09 16.06 -36.27
N PHE A 61 -23.64 14.96 -35.68
CA PHE A 61 -24.33 14.34 -34.55
C PHE A 61 -23.41 13.42 -33.75
N LEU A 62 -23.91 12.96 -32.61
CA LEU A 62 -23.18 12.04 -31.74
C LEU A 62 -24.08 10.86 -31.43
N VAL A 63 -23.57 9.64 -31.56
CA VAL A 63 -24.33 8.47 -31.11
C VAL A 63 -24.37 8.47 -29.59
N LEU A 64 -25.60 8.41 -29.06
CA LEU A 64 -25.80 8.37 -27.62
C LEU A 64 -25.40 7.01 -27.04
N GLY A 65 -25.06 7.03 -25.74
CA GLY A 65 -25.11 5.82 -24.92
C GLY A 65 -23.74 5.25 -24.57
N HIS A 66 -23.51 4.97 -23.29
CA HIS A 66 -22.21 4.45 -22.86
C HIS A 66 -22.33 3.13 -22.08
N GLU A 67 -23.57 2.65 -21.94
CA GLU A 67 -23.85 1.38 -21.28
C GLU A 67 -24.36 0.41 -22.34
N ALA A 68 -23.63 -0.69 -22.55
CA ALA A 68 -23.93 -1.60 -23.64
C ALA A 68 -23.49 -3.04 -23.39
N ILE A 69 -24.29 -3.98 -23.88
CA ILE A 69 -23.84 -5.36 -24.02
C ILE A 69 -24.09 -5.73 -25.48
N GLY A 70 -23.07 -6.31 -26.12
CA GLY A 70 -23.19 -6.75 -27.49
C GLY A 70 -22.75 -8.19 -27.64
N VAL A 71 -23.04 -8.75 -28.80
CA VAL A 71 -22.62 -10.12 -29.11
C VAL A 71 -21.51 -10.11 -30.18
N VAL A 72 -20.46 -10.88 -29.90
CA VAL A 72 -19.35 -11.04 -30.84
C VAL A 72 -19.80 -11.84 -32.08
N GLU A 73 -19.54 -11.25 -33.26
CA GLU A 73 -20.06 -11.72 -34.54
C GLU A 73 -19.28 -12.88 -35.17
N GLU A 74 -17.98 -12.93 -34.88
CA GLU A 74 -17.07 -13.95 -35.42
C GLU A 74 -16.09 -14.37 -34.34
N SER A 75 -15.57 -15.60 -34.43
CA SER A 75 -14.60 -16.07 -33.44
C SER A 75 -13.21 -15.45 -33.64
N TYR A 76 -12.94 -14.42 -32.85
CA TYR A 76 -11.70 -13.65 -32.93
C TYR A 76 -10.72 -14.14 -31.86
N HIS A 77 -9.80 -13.27 -31.44
CA HIS A 77 -8.76 -13.64 -30.48
C HIS A 77 -9.30 -13.62 -29.04
N GLY A 78 -9.55 -14.81 -28.51
CA GLY A 78 -10.09 -14.95 -27.14
C GLY A 78 -11.59 -14.68 -27.03
N PHE A 79 -12.21 -14.31 -28.15
CA PHE A 79 -13.64 -14.04 -28.18
C PHE A 79 -14.30 -15.01 -29.15
N SER A 80 -15.25 -15.79 -28.65
CA SER A 80 -15.95 -16.76 -29.47
C SER A 80 -17.25 -16.16 -29.97
N GLN A 81 -17.60 -16.49 -31.21
CA GLN A 81 -18.88 -16.09 -31.79
C GLN A 81 -19.99 -16.38 -30.79
N GLY A 82 -20.82 -15.38 -30.52
CA GLY A 82 -21.91 -15.55 -29.58
C GLY A 82 -21.58 -15.08 -28.18
N ASP A 83 -20.30 -14.81 -27.90
CA ASP A 83 -19.92 -14.25 -26.60
C ASP A 83 -20.52 -12.88 -26.37
N LEU A 84 -20.92 -12.63 -25.12
CA LEU A 84 -21.44 -11.32 -24.74
C LEU A 84 -20.30 -10.48 -24.19
N VAL A 85 -20.25 -9.22 -24.59
CA VAL A 85 -19.19 -8.31 -24.16
C VAL A 85 -19.77 -6.93 -23.84
N MET A 86 -19.09 -6.21 -22.96
CA MET A 86 -19.46 -4.85 -22.61
C MET A 86 -18.24 -3.94 -22.84
N PRO A 87 -18.42 -2.83 -23.59
CA PRO A 87 -17.29 -1.96 -23.78
C PRO A 87 -17.03 -1.03 -22.60
N VAL A 88 -15.75 -0.80 -22.32
CA VAL A 88 -15.38 0.23 -21.37
C VAL A 88 -15.64 1.58 -22.05
N ASN A 89 -16.30 2.49 -21.34
CA ASN A 89 -16.79 3.73 -21.97
C ASN A 89 -15.80 4.89 -22.02
N ARG A 90 -14.96 5.05 -20.99
CA ARG A 90 -13.88 6.06 -21.04
C ARG A 90 -12.61 5.47 -21.61
N ARG A 91 -12.06 6.15 -22.61
CA ARG A 91 -10.86 5.72 -23.30
C ARG A 91 -9.78 6.80 -23.15
N GLY A 92 -8.53 6.37 -23.03
CA GLY A 92 -7.44 7.30 -22.74
C GLY A 92 -6.99 8.30 -23.77
N CYS A 93 -6.08 9.17 -23.32
CA CYS A 93 -5.58 10.27 -24.13
C CYS A 93 -4.36 9.87 -24.97
N GLY A 94 -3.79 8.69 -24.70
CA GLY A 94 -2.61 8.19 -25.41
C GLY A 94 -1.28 8.87 -25.07
N ILE A 95 -1.32 9.85 -24.15
CA ILE A 95 -0.13 10.66 -23.81
C ILE A 95 0.40 10.37 -22.40
N CYS A 96 -0.49 10.41 -21.42
CA CYS A 96 -0.05 10.43 -20.02
C CYS A 96 0.15 9.04 -19.43
N ARG A 97 0.96 8.96 -18.37
CA ARG A 97 1.35 7.69 -17.77
C ARG A 97 0.15 6.91 -17.20
N ASN A 98 -0.84 7.63 -16.69
CA ASN A 98 -2.02 6.94 -16.19
C ASN A 98 -2.82 6.29 -17.31
N CYS A 99 -2.99 6.99 -18.44
CA CYS A 99 -3.68 6.36 -19.58
C CYS A 99 -2.87 5.23 -20.19
N LEU A 100 -1.54 5.37 -20.16
CA LEU A 100 -0.71 4.34 -20.78
C LEU A 100 -0.70 3.03 -19.96
N VAL A 101 -1.05 3.09 -18.68
CA VAL A 101 -1.22 1.86 -17.87
C VAL A 101 -2.69 1.35 -17.81
N GLY A 102 -3.54 1.88 -18.69
CA GLY A 102 -4.93 1.43 -18.78
C GLY A 102 -5.88 2.12 -17.82
N ARG A 103 -5.49 3.30 -17.33
CA ARG A 103 -6.26 3.93 -16.26
C ARG A 103 -6.57 5.42 -16.52
N PRO A 104 -7.33 5.69 -17.59
CA PRO A 104 -7.74 7.05 -17.91
C PRO A 104 -8.72 7.68 -16.90
N ASP A 105 -9.18 6.89 -15.91
CA ASP A 105 -9.91 7.46 -14.77
C ASP A 105 -9.07 8.49 -14.01
N PHE A 106 -7.75 8.37 -14.16
CA PHE A 106 -6.78 9.30 -13.54
C PHE A 106 -6.00 10.09 -14.60
N CYS A 107 -6.55 10.23 -15.80
CA CYS A 107 -5.91 10.95 -16.90
C CYS A 107 -5.40 12.31 -16.44
N GLU A 108 -4.17 12.64 -16.83
CA GLU A 108 -3.52 13.87 -16.36
C GLU A 108 -3.71 15.05 -17.31
N THR A 109 -4.19 14.78 -18.52
CA THR A 109 -4.28 15.79 -19.55
C THR A 109 -5.71 16.27 -19.76
N GLY A 110 -6.67 15.44 -19.36
CA GLY A 110 -8.09 15.65 -19.64
C GLY A 110 -8.49 15.41 -21.09
N GLU A 111 -7.55 14.91 -21.89
CA GLU A 111 -7.78 14.68 -23.32
C GLU A 111 -8.35 13.28 -23.63
N PHE A 112 -8.97 12.65 -22.62
CA PHE A 112 -9.60 11.34 -22.82
C PHE A 112 -10.92 11.50 -23.55
N GLY A 113 -11.49 10.38 -23.96
CA GLY A 113 -12.81 10.38 -24.55
C GLY A 113 -13.79 9.62 -23.69
N GLU A 114 -15.06 9.99 -23.82
CA GLU A 114 -16.14 9.26 -23.17
C GLU A 114 -17.25 8.92 -24.15
N ALA A 115 -17.36 7.62 -24.45
CA ALA A 115 -18.36 7.08 -25.37
C ALA A 115 -19.72 7.72 -25.12
N GLY A 116 -20.29 8.31 -26.19
CA GLY A 116 -21.66 8.82 -26.17
C GLY A 116 -21.85 10.09 -25.36
N ILE A 117 -20.75 10.72 -24.98
CA ILE A 117 -20.75 11.97 -24.23
C ILE A 117 -19.79 13.02 -24.81
N HIS A 118 -18.53 12.62 -24.98
CA HIS A 118 -17.43 13.50 -25.32
C HIS A 118 -16.45 12.82 -26.31
N LYS A 119 -16.32 13.36 -27.51
CA LYS A 119 -15.23 12.95 -28.45
C LYS A 119 -15.38 11.58 -29.15
N MET A 120 -16.34 10.76 -28.71
CA MET A 120 -16.44 9.37 -29.15
C MET A 120 -17.90 8.96 -29.28
N ASP A 121 -18.27 8.41 -30.44
CA ASP A 121 -19.62 7.86 -30.61
C ASP A 121 -19.96 6.78 -29.58
N GLY A 122 -21.18 6.85 -29.05
CA GLY A 122 -21.65 5.89 -28.06
C GLY A 122 -22.05 4.57 -28.67
N PHE A 123 -22.81 3.77 -27.91
CA PHE A 123 -23.12 2.39 -28.26
C PHE A 123 -24.60 2.11 -28.50
N MET A 124 -25.43 3.16 -28.53
CA MET A 124 -26.84 2.99 -28.93
C MET A 124 -26.93 2.96 -30.45
N ARG A 125 -26.37 1.91 -31.03
CA ARG A 125 -26.39 1.70 -32.48
C ARG A 125 -26.37 0.22 -32.76
N GLU A 126 -26.80 -0.17 -33.96
CA GLU A 126 -26.98 -1.60 -34.30
C GLU A 126 -25.76 -2.46 -34.01
N TRP A 127 -24.59 -1.95 -34.40
CA TRP A 127 -23.32 -2.60 -34.08
C TRP A 127 -22.18 -1.61 -34.16
N TRP A 128 -21.03 -1.99 -33.61
CA TRP A 128 -19.84 -1.17 -33.68
C TRP A 128 -18.62 -2.08 -33.74
N TYR A 129 -17.49 -1.52 -34.14
CA TYR A 129 -16.25 -2.26 -34.12
C TYR A 129 -15.43 -1.84 -32.91
N ASP A 130 -14.85 -2.81 -32.21
CA ASP A 130 -14.04 -2.46 -31.04
C ASP A 130 -12.75 -3.25 -30.99
N ASP A 131 -11.85 -2.76 -30.15
CA ASP A 131 -10.58 -3.39 -29.85
C ASP A 131 -10.80 -4.32 -28.66
N PRO A 132 -10.33 -5.59 -28.75
CA PRO A 132 -10.44 -6.51 -27.62
C PRO A 132 -9.99 -5.95 -26.26
N LYS A 133 -9.02 -5.05 -26.25
CA LYS A 133 -8.51 -4.49 -25.00
C LYS A 133 -9.60 -3.76 -24.19
N TYR A 134 -10.63 -3.26 -24.89
CA TYR A 134 -11.69 -2.47 -24.25
C TYR A 134 -12.97 -3.25 -24.00
N LEU A 135 -12.93 -4.56 -24.23
CA LEU A 135 -14.11 -5.40 -24.06
C LEU A 135 -14.02 -6.24 -22.80
N VAL A 136 -15.09 -6.17 -22.02
CA VAL A 136 -15.24 -6.94 -20.79
C VAL A 136 -16.16 -8.11 -21.13
N LYS A 137 -15.78 -9.31 -20.71
CA LYS A 137 -16.60 -10.48 -20.93
C LYS A 137 -17.77 -10.48 -19.96
N ILE A 138 -18.98 -10.67 -20.49
CA ILE A 138 -20.19 -10.75 -19.66
C ILE A 138 -20.69 -12.19 -19.73
N PRO A 139 -20.55 -12.95 -18.64
CA PRO A 139 -21.06 -14.33 -18.65
C PRO A 139 -22.53 -14.39 -19.03
N LYS A 140 -22.89 -15.36 -19.85
CA LYS A 140 -24.30 -15.55 -20.21
C LYS A 140 -25.19 -15.74 -18.97
N SER A 141 -24.60 -16.24 -17.88
CA SER A 141 -25.30 -16.46 -16.60
C SER A 141 -25.79 -15.20 -15.90
N ILE A 142 -25.28 -14.04 -16.31
CA ILE A 142 -25.77 -12.75 -15.80
C ILE A 142 -26.27 -11.82 -16.91
N GLU A 143 -26.72 -12.41 -18.02
CA GLU A 143 -27.17 -11.60 -19.14
C GLU A 143 -28.27 -10.62 -18.73
N ASP A 144 -29.19 -11.08 -17.88
CA ASP A 144 -30.34 -10.24 -17.49
C ASP A 144 -29.98 -8.96 -16.73
N ILE A 145 -29.01 -9.05 -15.80
CA ILE A 145 -28.63 -7.89 -14.99
C ILE A 145 -27.24 -7.32 -15.35
N GLY A 146 -26.60 -7.96 -16.32
CA GLY A 146 -25.23 -7.62 -16.70
C GLY A 146 -25.01 -6.18 -17.13
N ILE A 147 -26.06 -5.52 -17.63
CA ILE A 147 -25.93 -4.15 -18.08
C ILE A 147 -25.49 -3.23 -16.93
N LEU A 148 -25.81 -3.64 -15.70
CA LEU A 148 -25.43 -2.85 -14.53
C LEU A 148 -23.93 -2.87 -14.28
N ALA A 149 -23.17 -3.69 -15.02
CA ALA A 149 -21.72 -3.74 -14.79
C ALA A 149 -21.08 -2.38 -15.06
N GLN A 150 -21.64 -1.62 -16.01
CA GLN A 150 -21.03 -0.32 -16.30
C GLN A 150 -21.19 0.68 -15.13
N PRO A 151 -22.44 0.96 -14.67
CA PRO A 151 -22.56 1.84 -13.48
C PRO A 151 -21.87 1.30 -12.23
N LEU A 152 -21.97 -0.01 -12.03
CA LEU A 152 -21.36 -0.62 -10.85
C LEU A 152 -19.84 -0.47 -10.88
N ALA A 153 -19.26 -0.48 -12.08
CA ALA A 153 -17.81 -0.23 -12.20
C ALA A 153 -17.34 1.09 -11.59
N ASP A 154 -18.09 2.18 -11.80
CA ASP A 154 -17.70 3.47 -11.19
C ASP A 154 -17.64 3.34 -9.67
N ILE A 155 -18.58 2.56 -9.13
CA ILE A 155 -18.74 2.38 -7.70
C ILE A 155 -17.67 1.43 -7.16
N GLU A 156 -17.37 0.35 -7.89
CA GLU A 156 -16.24 -0.51 -7.50
C GLU A 156 -14.95 0.30 -7.36
N LYS A 157 -14.69 1.17 -8.34
CA LYS A 157 -13.48 1.99 -8.32
C LYS A 157 -13.51 2.89 -7.08
N SER A 158 -14.67 3.48 -6.85
CA SER A 158 -14.86 4.44 -5.77
C SER A 158 -14.58 3.80 -4.41
N ILE A 159 -15.16 2.64 -4.17
CA ILE A 159 -14.96 1.96 -2.90
C ILE A 159 -13.52 1.48 -2.77
N GLU A 160 -12.95 0.93 -3.85
CA GLU A 160 -11.55 0.59 -3.88
C GLU A 160 -10.68 1.77 -3.44
N GLU A 161 -10.98 2.95 -3.97
CA GLU A 161 -10.17 4.12 -3.67
C GLU A 161 -10.30 4.56 -2.21
N ILE A 162 -11.52 4.52 -1.69
CA ILE A 162 -11.78 4.87 -0.28
C ILE A 162 -10.95 3.94 0.62
N LEU A 163 -10.99 2.65 0.32
CA LEU A 163 -10.27 1.67 1.11
C LEU A 163 -8.75 1.85 1.00
N GLU A 164 -8.25 2.18 -0.18
CA GLU A 164 -6.84 2.53 -0.38
C GLU A 164 -6.45 3.73 0.44
N VAL A 165 -7.25 4.78 0.33
CA VAL A 165 -6.95 5.98 1.09
C VAL A 165 -6.89 5.66 2.59
N GLN A 166 -7.81 4.82 3.07
CA GLN A 166 -7.86 4.55 4.51
C GLN A 166 -6.70 3.69 5.01
N LYS A 167 -5.85 3.20 4.09
CA LYS A 167 -4.57 2.59 4.52
C LYS A 167 -3.69 3.58 5.29
N ARG A 168 -4.01 4.87 5.18
CA ARG A 168 -3.33 5.92 5.95
C ARG A 168 -3.53 5.75 7.46
N VAL A 169 -4.64 5.12 7.83
CA VAL A 169 -4.97 4.94 9.23
C VAL A 169 -4.26 3.66 9.69
N PRO A 170 -3.39 3.76 10.70
CA PRO A 170 -2.65 2.58 11.19
C PRO A 170 -3.54 1.33 11.41
N VAL A 171 -4.68 1.50 12.09
CA VAL A 171 -5.65 0.39 12.20
C VAL A 171 -7.05 0.92 11.91
N TRP A 172 -7.55 0.67 10.71
CA TRP A 172 -8.95 1.02 10.41
C TRP A 172 -9.85 -0.19 10.45
N THR A 173 -9.26 -1.36 10.68
CA THR A 173 -10.06 -2.56 10.85
C THR A 173 -10.62 -2.60 12.27
N CYS A 174 -11.45 -3.61 12.52
CA CYS A 174 -12.22 -3.72 13.75
C CYS A 174 -11.61 -4.78 14.68
N ASP A 175 -12.22 -4.98 15.84
CA ASP A 175 -11.65 -5.91 16.83
C ASP A 175 -11.52 -7.36 16.28
N ASP A 176 -12.32 -7.64 15.25
CA ASP A 176 -12.36 -8.95 14.60
C ASP A 176 -11.60 -9.00 13.27
N GLY A 177 -10.83 -7.95 12.97
CA GLY A 177 -10.02 -7.90 11.76
C GLY A 177 -10.77 -7.54 10.48
N THR A 178 -12.08 -7.32 10.61
CA THR A 178 -12.94 -6.95 9.47
C THR A 178 -13.19 -5.44 9.45
N LEU A 179 -14.04 -5.03 8.54
CA LEU A 179 -14.56 -3.66 8.56
C LEU A 179 -16.04 -3.67 8.97
N ASN A 180 -16.49 -4.75 9.62
CA ASN A 180 -17.91 -4.86 9.96
C ASN A 180 -18.42 -3.77 10.88
N CYS A 181 -17.52 -3.23 11.70
CA CYS A 181 -17.87 -2.19 12.68
C CYS A 181 -17.92 -0.79 12.05
N ARG A 182 -17.45 -0.66 10.82
CA ARG A 182 -17.43 0.65 10.12
C ARG A 182 -18.81 0.94 9.57
N LYS A 183 -19.25 2.19 9.73
CA LYS A 183 -20.61 2.59 9.32
C LYS A 183 -20.55 3.56 8.13
N VAL A 184 -21.42 3.33 7.16
CA VAL A 184 -21.48 4.16 5.97
C VAL A 184 -22.84 4.82 5.89
N LEU A 185 -22.85 6.13 5.64
CA LEU A 185 -24.07 6.88 5.33
C LEU A 185 -24.09 7.12 3.83
N VAL A 186 -25.07 6.53 3.15
CA VAL A 186 -25.21 6.70 1.71
C VAL A 186 -26.36 7.67 1.52
N VAL A 187 -26.03 8.88 1.04
CA VAL A 187 -27.03 9.94 0.87
C VAL A 187 -27.57 9.95 -0.55
N GLY A 188 -28.87 9.69 -0.70
CA GLY A 188 -29.46 9.53 -2.03
C GLY A 188 -29.64 8.03 -2.31
N THR A 189 -30.78 7.70 -2.90
N THR A 189 -30.76 7.66 -2.90
CA THR A 189 -31.10 6.33 -3.26
CA THR A 189 -31.15 6.24 -2.98
C THR A 189 -31.13 6.24 -4.79
C THR A 189 -31.61 5.84 -4.40
N GLY A 190 -31.98 5.41 -5.36
N GLY A 190 -31.11 6.58 -5.40
CA GLY A 190 -31.92 5.27 -6.82
CA GLY A 190 -31.26 6.22 -6.80
C GLY A 190 -30.65 4.53 -7.21
C GLY A 190 -30.37 5.04 -7.17
N PRO A 191 -30.36 4.45 -8.52
N PRO A 191 -30.22 4.76 -8.47
CA PRO A 191 -29.37 3.46 -8.91
CA PRO A 191 -29.46 3.56 -8.81
C PRO A 191 -28.03 3.56 -8.17
C PRO A 191 -28.04 3.58 -8.22
N ILE A 192 -27.45 4.76 -8.12
CA ILE A 192 -26.11 4.91 -7.53
C ILE A 192 -26.14 4.60 -6.04
N GLY A 193 -27.04 5.24 -5.30
CA GLY A 193 -27.18 4.97 -3.87
C GLY A 193 -27.45 3.49 -3.58
N VAL A 194 -28.33 2.89 -4.37
CA VAL A 194 -28.64 1.48 -4.21
C VAL A 194 -27.42 0.57 -4.46
N LEU A 195 -26.68 0.85 -5.54
CA LEU A 195 -25.47 0.07 -5.84
C LEU A 195 -24.36 0.25 -4.80
N PHE A 196 -24.14 1.49 -4.35
CA PHE A 196 -23.22 1.73 -3.21
C PHE A 196 -23.63 0.90 -1.99
N THR A 197 -24.92 0.87 -1.69
CA THR A 197 -25.41 0.12 -0.53
C THR A 197 -25.19 -1.38 -0.69
N LEU A 198 -25.59 -1.91 -1.85
CA LEU A 198 -25.34 -3.31 -2.16
C LEU A 198 -23.86 -3.69 -2.03
N LEU A 199 -22.99 -2.87 -2.59
CA LEU A 199 -21.57 -3.19 -2.58
C LEU A 199 -20.96 -3.04 -1.20
N PHE A 200 -21.31 -1.98 -0.46
CA PHE A 200 -20.77 -1.85 0.91
C PHE A 200 -21.25 -3.00 1.80
N ARG A 201 -22.53 -3.36 1.67
CA ARG A 201 -23.03 -4.52 2.43
C ARG A 201 -22.31 -5.82 2.02
N THR A 202 -22.04 -5.99 0.73
CA THR A 202 -21.25 -7.15 0.27
C THR A 202 -19.91 -7.21 0.98
N TYR A 203 -19.27 -6.04 1.16
CA TYR A 203 -18.00 -5.95 1.86
C TYR A 203 -18.12 -6.05 3.38
N GLY A 204 -19.34 -5.97 3.88
CA GLY A 204 -19.62 -6.24 5.29
C GLY A 204 -19.77 -5.03 6.19
N LEU A 205 -19.60 -3.82 5.64
CA LEU A 205 -19.74 -2.60 6.43
C LEU A 205 -21.22 -2.39 6.74
N GLU A 206 -21.50 -1.70 7.85
CA GLU A 206 -22.87 -1.31 8.19
C GLU A 206 -23.26 -0.13 7.33
N VAL A 207 -24.50 -0.14 6.83
CA VAL A 207 -24.99 0.93 5.95
C VAL A 207 -26.30 1.55 6.43
N TRP A 208 -26.35 2.89 6.40
CA TRP A 208 -27.60 3.65 6.45
C TRP A 208 -27.80 4.37 5.12
N MET A 209 -28.95 4.14 4.48
CA MET A 209 -29.38 4.92 3.31
C MET A 209 -30.18 6.09 3.82
N ALA A 210 -30.05 7.27 3.21
CA ALA A 210 -30.85 8.43 3.59
C ALA A 210 -31.48 9.11 2.39
N ASN A 211 -32.77 9.44 2.52
CA ASN A 211 -33.47 10.27 1.52
C ASN A 211 -34.57 11.03 2.26
N ARG A 212 -35.03 12.11 1.63
CA ARG A 212 -36.02 13.02 2.24
C ARG A 212 -37.44 12.56 2.00
N ARG A 213 -37.70 11.33 2.43
CA ARG A 213 -38.97 10.65 2.25
C ARG A 213 -38.87 9.25 2.83
N GLU A 214 -39.99 8.53 2.80
CA GLU A 214 -39.99 7.11 3.12
C GLU A 214 -39.50 6.28 1.92
N PRO A 215 -39.08 5.02 2.14
CA PRO A 215 -38.55 4.21 1.02
C PRO A 215 -39.61 3.79 -0.01
N THR A 216 -39.18 3.62 -1.26
CA THR A 216 -40.03 2.97 -2.29
C THR A 216 -40.06 1.46 -2.02
N GLU A 217 -40.90 0.72 -2.76
CA GLU A 217 -40.96 -0.73 -2.61
C GLU A 217 -39.61 -1.40 -2.87
N VAL A 218 -38.96 -0.97 -3.95
CA VAL A 218 -37.64 -1.48 -4.31
C VAL A 218 -36.61 -1.16 -3.22
N GLU A 219 -36.57 0.08 -2.75
CA GLU A 219 -35.69 0.43 -1.65
C GLU A 219 -36.00 -0.42 -0.42
N GLN A 220 -37.28 -0.57 -0.10
CA GLN A 220 -37.65 -1.39 1.05
C GLN A 220 -37.12 -2.83 0.93
N THR A 221 -37.17 -3.36 -0.29
CA THR A 221 -36.72 -4.73 -0.56
C THR A 221 -35.22 -4.81 -0.32
N VAL A 222 -34.49 -3.82 -0.83
CA VAL A 222 -33.05 -3.72 -0.64
C VAL A 222 -32.70 -3.60 0.85
N ILE A 223 -33.38 -2.69 1.56
CA ILE A 223 -33.20 -2.48 3.00
C ILE A 223 -33.32 -3.79 3.77
N GLU A 224 -34.43 -4.49 3.57
CA GLU A 224 -34.70 -5.73 4.31
C GLU A 224 -33.77 -6.87 3.94
N GLU A 225 -33.54 -7.06 2.63
CA GLU A 225 -32.76 -8.23 2.19
C GLU A 225 -31.29 -8.13 2.55
N THR A 226 -30.75 -6.92 2.52
CA THR A 226 -29.33 -6.68 2.78
C THR A 226 -29.05 -6.31 4.24
N LYS A 227 -30.12 -6.19 5.03
CA LYS A 227 -30.04 -5.76 6.44
C LYS A 227 -29.37 -4.39 6.52
N THR A 228 -29.92 -3.47 5.73
CA THR A 228 -29.49 -2.08 5.70
C THR A 228 -30.46 -1.25 6.53
N ASN A 229 -29.96 -0.15 7.10
CA ASN A 229 -30.77 0.79 7.85
C ASN A 229 -31.23 1.94 6.95
N TYR A 230 -32.37 2.55 7.27
CA TYR A 230 -32.87 3.68 6.49
C TYR A 230 -33.21 4.85 7.40
N TYR A 231 -32.85 6.05 6.95
CA TYR A 231 -33.16 7.28 7.65
C TYR A 231 -33.88 8.28 6.75
N ASN A 232 -35.06 8.71 7.19
CA ASN A 232 -35.81 9.79 6.55
C ASN A 232 -35.21 11.12 6.99
N SER A 233 -34.49 11.72 6.06
CA SER A 233 -33.74 12.97 6.27
C SER A 233 -34.55 14.25 5.96
N SER A 234 -35.88 14.13 5.85
CA SER A 234 -36.75 15.27 5.47
C SER A 234 -36.55 16.50 6.34
N ASN A 235 -36.24 16.26 7.61
CA ASN A 235 -36.02 17.33 8.60
C ASN A 235 -34.59 17.36 9.12
N GLY A 236 -33.64 17.06 8.23
CA GLY A 236 -32.24 17.11 8.59
C GLY A 236 -31.75 15.86 9.29
N TYR A 237 -30.53 15.97 9.81
CA TYR A 237 -29.78 14.82 10.35
C TYR A 237 -29.55 14.85 11.86
N ASP A 238 -30.04 15.88 12.55
CA ASP A 238 -29.94 15.90 14.00
C ASP A 238 -30.40 14.60 14.67
N LYS A 239 -31.55 14.09 14.27
CA LYS A 239 -32.09 12.88 14.92
C LYS A 239 -31.19 11.67 14.65
N LEU A 240 -30.66 11.58 13.43
CA LEU A 240 -29.72 10.49 13.13
C LEU A 240 -28.46 10.58 13.99
N LYS A 241 -27.90 11.78 14.08
CA LYS A 241 -26.67 11.98 14.85
C LYS A 241 -26.89 11.64 16.33
N ASP A 242 -28.04 12.02 16.84
CA ASP A 242 -28.33 11.80 18.25
C ASP A 242 -28.58 10.33 18.58
N SER A 243 -29.14 9.59 17.63
CA SER A 243 -29.42 8.18 17.85
C SER A 243 -28.28 7.21 17.50
N VAL A 244 -27.64 7.44 16.36
CA VAL A 244 -26.68 6.49 15.82
C VAL A 244 -25.26 6.98 16.01
N GLY A 245 -25.11 8.30 16.08
CA GLY A 245 -23.81 8.93 16.19
C GLY A 245 -23.21 9.23 14.83
N LYS A 246 -21.89 9.08 14.74
CA LYS A 246 -21.15 9.50 13.55
C LYS A 246 -20.76 8.30 12.67
N PHE A 247 -20.33 8.63 11.45
CA PHE A 247 -20.07 7.63 10.40
C PHE A 247 -18.62 7.64 9.94
N ASP A 248 -18.13 6.46 9.57
CA ASP A 248 -16.76 6.32 9.11
C ASP A 248 -16.62 6.74 7.65
N VAL A 249 -17.68 6.56 6.90
CA VAL A 249 -17.73 6.92 5.48
C VAL A 249 -19.08 7.56 5.22
N ILE A 250 -19.07 8.65 4.49
CA ILE A 250 -20.31 9.25 4.00
C ILE A 250 -20.17 9.41 2.51
N ILE A 251 -21.16 8.91 1.76
CA ILE A 251 -21.19 9.02 0.30
C ILE A 251 -22.29 9.97 -0.12
N ASP A 252 -21.91 11.02 -0.86
CA ASP A 252 -22.91 11.86 -1.53
C ASP A 252 -23.26 11.26 -2.89
N ALA A 253 -24.42 10.59 -2.94
N ALA A 253 -24.47 10.68 -2.98
CA ALA A 253 -24.95 10.00 -4.16
CA ALA A 253 -24.97 10.07 -4.20
C ALA A 253 -26.13 10.82 -4.65
C ALA A 253 -26.29 10.71 -4.69
N THR A 254 -26.28 12.02 -4.07
N THR A 254 -26.46 12.01 -4.42
CA THR A 254 -27.28 12.99 -4.52
CA THR A 254 -27.74 12.70 -4.70
C THR A 254 -27.77 13.42 -6.05
C THR A 254 -26.64 13.91 -5.61
N GLY A 255 -26.61 13.99 -6.42
N GLY A 255 -27.32 14.16 -6.73
CA GLY A 255 -26.85 15.16 -7.74
CA GLY A 255 -26.55 15.02 -7.46
C GLY A 255 -27.58 16.46 -7.48
C GLY A 255 -27.43 16.22 -7.10
N ALA A 256 -27.81 16.73 -6.20
N ALA A 256 -27.53 16.50 -5.80
CA ALA A 256 -28.66 17.83 -5.82
CA ALA A 256 -28.42 17.55 -5.33
C ALA A 256 -27.86 19.06 -5.39
C ALA A 256 -27.67 18.85 -5.01
N ASP A 257 -28.39 19.83 -4.44
CA ASP A 257 -27.77 21.06 -3.98
C ASP A 257 -26.63 20.76 -3.03
N VAL A 258 -25.51 21.48 -3.18
CA VAL A 258 -24.32 21.20 -2.35
C VAL A 258 -24.51 21.43 -0.85
N ASN A 259 -25.54 22.19 -0.46
CA ASN A 259 -25.84 22.32 0.96
C ASN A 259 -26.15 21.00 1.70
N ILE A 260 -26.42 19.93 0.96
CA ILE A 260 -26.47 18.60 1.54
C ILE A 260 -25.16 18.31 2.30
N LEU A 261 -24.03 18.78 1.76
CA LEU A 261 -22.76 18.50 2.39
C LEU A 261 -22.64 19.22 3.74
N GLY A 262 -23.20 20.43 3.82
CA GLY A 262 -23.24 21.16 5.08
C GLY A 262 -24.00 20.37 6.15
N ASN A 263 -25.01 19.62 5.72
CA ASN A 263 -25.85 18.88 6.66
C ASN A 263 -25.22 17.58 7.12
N VAL A 264 -24.46 16.94 6.26
CA VAL A 264 -23.87 15.63 6.63
C VAL A 264 -22.44 15.68 7.16
N ILE A 265 -21.67 16.72 6.81
CA ILE A 265 -20.30 16.87 7.37
C ILE A 265 -20.24 16.76 8.92
N PRO A 266 -21.22 17.36 9.65
CA PRO A 266 -21.29 17.18 11.12
C PRO A 266 -21.48 15.74 11.61
N LEU A 267 -21.73 14.81 10.69
CA LEU A 267 -21.92 13.42 11.05
C LEU A 267 -20.70 12.57 10.72
N LEU A 268 -19.67 13.19 10.15
CA LEU A 268 -18.45 12.44 9.85
C LEU A 268 -17.64 12.21 11.11
N GLY A 269 -17.21 10.95 11.31
CA GLY A 269 -16.47 10.58 12.51
C GLY A 269 -14.96 10.70 12.36
N ARG A 270 -14.25 10.45 13.46
CA ARG A 270 -12.80 10.57 13.47
C ARG A 270 -12.17 9.69 12.40
N ASN A 271 -11.16 10.22 11.70
CA ASN A 271 -10.47 9.48 10.62
C ASN A 271 -11.36 9.17 9.42
N GLY A 272 -12.55 9.78 9.39
CA GLY A 272 -13.55 9.45 8.36
C GLY A 272 -13.30 10.01 6.97
N VAL A 273 -14.06 9.49 6.00
CA VAL A 273 -13.95 9.89 4.60
C VAL A 273 -15.30 10.38 4.11
N LEU A 274 -15.36 11.61 3.57
CA LEU A 274 -16.51 12.06 2.81
C LEU A 274 -16.21 11.79 1.34
N GLY A 275 -17.02 10.96 0.71
CA GLY A 275 -16.83 10.56 -0.70
C GLY A 275 -17.82 11.34 -1.58
N LEU A 276 -17.27 12.23 -2.41
CA LEU A 276 -18.06 13.03 -3.33
C LEU A 276 -18.15 12.28 -4.65
N PHE A 277 -19.32 11.69 -4.93
CA PHE A 277 -19.54 10.92 -6.15
C PHE A 277 -20.58 11.61 -7.04
N GLY A 278 -21.67 12.09 -6.46
CA GLY A 278 -22.71 12.77 -7.25
C GLY A 278 -22.16 14.07 -7.82
N PHE A 279 -22.73 14.50 -8.93
CA PHE A 279 -22.42 15.79 -9.52
C PHE A 279 -23.47 16.79 -9.09
N SER A 280 -23.15 17.58 -8.07
CA SER A 280 -24.08 18.55 -7.53
C SER A 280 -24.40 19.59 -8.60
N THR A 281 -25.65 20.04 -8.58
CA THR A 281 -26.22 20.79 -9.69
C THR A 281 -26.64 22.21 -9.31
N SER A 282 -26.58 22.52 -8.02
CA SER A 282 -26.92 23.87 -7.56
C SER A 282 -26.29 24.15 -6.21
N GLY A 283 -26.24 25.43 -5.87
CA GLY A 283 -25.93 25.87 -4.53
C GLY A 283 -24.49 26.23 -4.23
N SER A 284 -24.34 26.86 -3.07
CA SER A 284 -23.03 27.15 -2.49
C SER A 284 -23.11 26.77 -1.01
N VAL A 285 -22.17 25.95 -0.56
CA VAL A 285 -22.08 25.52 0.83
C VAL A 285 -20.94 26.21 1.62
N PRO A 286 -21.29 26.90 2.72
CA PRO A 286 -20.25 27.58 3.47
C PRO A 286 -19.63 26.67 4.50
N LEU A 287 -18.31 26.61 4.51
CA LEU A 287 -17.56 25.91 5.52
C LEU A 287 -16.86 26.93 6.41
N ASP A 288 -17.22 26.94 7.68
CA ASP A 288 -16.63 27.88 8.62
C ASP A 288 -15.35 27.29 9.21
N TYR A 289 -14.57 28.14 9.88
CA TYR A 289 -13.30 27.74 10.48
C TYR A 289 -13.43 26.63 11.52
N LYS A 290 -14.55 26.59 12.23
CA LYS A 290 -14.77 25.58 13.29
C LYS A 290 -14.85 24.20 12.67
N THR A 291 -15.58 24.14 11.56
CA THR A 291 -15.74 22.89 10.83
C THR A 291 -14.40 22.43 10.25
N LEU A 292 -13.65 23.35 9.67
CA LEU A 292 -12.40 23.00 9.01
C LEU A 292 -11.32 22.62 10.03
N GLN A 293 -11.29 23.35 11.13
CA GLN A 293 -10.36 23.07 12.21
C GLN A 293 -10.58 21.66 12.71
N GLU A 294 -11.85 21.28 12.82
CA GLU A 294 -12.18 19.98 13.38
C GLU A 294 -11.75 18.84 12.43
N ILE A 295 -11.88 19.10 11.12
CA ILE A 295 -11.40 18.20 10.04
C ILE A 295 -9.88 17.95 10.19
N VAL A 296 -9.15 19.02 10.49
CA VAL A 296 -7.70 18.92 10.70
C VAL A 296 -7.44 18.06 11.93
N HIS A 297 -8.10 18.39 13.05
CA HIS A 297 -7.84 17.68 14.30
C HIS A 297 -8.15 16.20 14.28
N THR A 298 -9.03 15.79 13.36
CA THR A 298 -9.53 14.39 13.36
C THR A 298 -9.13 13.57 12.12
N ASN A 299 -8.15 14.06 11.34
CA ASN A 299 -7.63 13.33 10.17
C ASN A 299 -8.71 12.99 9.15
N LYS A 300 -9.69 13.88 8.99
CA LYS A 300 -10.77 13.60 8.03
C LYS A 300 -10.33 13.87 6.61
N THR A 301 -10.94 13.17 5.66
CA THR A 301 -10.60 13.38 4.26
C THR A 301 -11.86 13.51 3.42
N ILE A 302 -11.79 14.38 2.40
CA ILE A 302 -12.84 14.54 1.40
C ILE A 302 -12.24 14.13 0.06
N ILE A 303 -12.93 13.25 -0.65
CA ILE A 303 -12.37 12.76 -1.91
C ILE A 303 -13.36 12.79 -3.05
N GLY A 304 -12.91 13.31 -4.19
CA GLY A 304 -13.66 13.27 -5.46
C GLY A 304 -13.52 11.91 -6.12
N LEU A 305 -14.66 11.27 -6.39
CA LEU A 305 -14.73 9.88 -6.87
C LEU A 305 -15.35 9.82 -8.25
N VAL A 306 -14.60 9.32 -9.23
CA VAL A 306 -15.08 9.31 -10.62
C VAL A 306 -14.49 8.18 -11.44
N ASN A 307 -15.38 7.56 -12.21
CA ASN A 307 -15.04 6.64 -13.33
C ASN A 307 -14.35 5.33 -12.98
N GLY A 308 -15.01 4.24 -13.37
CA GLY A 308 -14.42 2.89 -13.25
C GLY A 308 -13.80 2.44 -14.57
N GLN A 309 -12.75 1.63 -14.46
CA GLN A 309 -12.04 1.14 -15.64
C GLN A 309 -12.13 -0.41 -15.69
N LYS A 310 -11.45 -1.03 -16.65
CA LYS A 310 -11.66 -2.46 -16.91
C LYS A 310 -11.61 -3.40 -15.69
N PRO A 311 -10.60 -3.27 -14.81
CA PRO A 311 -10.61 -4.16 -13.63
C PRO A 311 -11.89 -4.02 -12.80
N HIS A 312 -12.41 -2.80 -12.73
CA HIS A 312 -13.63 -2.51 -11.97
C HIS A 312 -14.89 -3.10 -12.61
N PHE A 313 -14.92 -3.11 -13.94
CA PHE A 313 -15.97 -3.79 -14.69
C PHE A 313 -15.97 -5.28 -14.40
N GLN A 314 -14.76 -5.86 -14.32
CA GLN A 314 -14.62 -7.30 -14.08
C GLN A 314 -15.07 -7.65 -12.67
N GLN A 315 -14.70 -6.79 -11.72
CA GLN A 315 -15.11 -6.98 -10.34
C GLN A 315 -16.63 -6.85 -10.21
N ALA A 316 -17.22 -5.88 -10.91
CA ALA A 316 -18.67 -5.73 -10.95
C ALA A 316 -19.39 -7.01 -11.41
N VAL A 317 -18.86 -7.65 -12.45
CA VAL A 317 -19.46 -8.88 -12.96
C VAL A 317 -19.50 -9.93 -11.84
N VAL A 318 -18.41 -10.08 -11.10
CA VAL A 318 -18.37 -11.06 -10.01
C VAL A 318 -19.39 -10.72 -8.93
N HIS A 319 -19.48 -9.44 -8.58
CA HIS A 319 -20.45 -9.04 -7.57
C HIS A 319 -21.88 -9.22 -8.03
N LEU A 320 -22.18 -8.83 -9.26
CA LEU A 320 -23.54 -9.02 -9.77
C LEU A 320 -23.94 -10.52 -9.74
N ALA A 321 -23.01 -11.37 -10.15
CA ALA A 321 -23.20 -12.81 -10.07
C ALA A 321 -23.48 -13.26 -8.61
N SER A 322 -22.69 -12.73 -7.66
CA SER A 322 -22.88 -13.07 -6.24
C SER A 322 -24.27 -12.68 -5.76
N TRP A 323 -24.79 -11.53 -6.24
CA TRP A 323 -26.05 -11.00 -5.70
C TRP A 323 -27.24 -11.85 -6.11
N LYS A 324 -27.11 -12.59 -7.20
CA LYS A 324 -28.19 -13.51 -7.58
C LYS A 324 -28.43 -14.54 -6.49
N THR A 325 -27.39 -14.83 -5.70
CA THR A 325 -27.50 -15.80 -4.61
C THR A 325 -27.67 -15.09 -3.26
N LEU A 326 -26.91 -14.01 -3.04
CA LEU A 326 -26.94 -13.31 -1.75
C LEU A 326 -28.19 -12.49 -1.56
N TYR A 327 -28.57 -11.73 -2.60
CA TYR A 327 -29.69 -10.80 -2.54
C TYR A 327 -30.61 -10.97 -3.75
N PRO A 328 -31.24 -12.15 -3.89
CA PRO A 328 -31.96 -12.45 -5.13
C PRO A 328 -33.12 -11.50 -5.42
N LYS A 329 -33.82 -11.04 -4.38
CA LYS A 329 -34.97 -10.15 -4.55
C LYS A 329 -34.54 -8.78 -5.07
N ALA A 330 -33.50 -8.22 -4.46
CA ALA A 330 -32.91 -6.95 -4.93
C ALA A 330 -32.37 -7.09 -6.35
N ALA A 331 -31.66 -8.19 -6.61
CA ALA A 331 -31.03 -8.38 -7.93
C ALA A 331 -32.06 -8.33 -9.05
N LYS A 332 -33.21 -8.95 -8.82
CA LYS A 332 -34.29 -8.95 -9.82
C LYS A 332 -34.81 -7.54 -10.05
N MET A 333 -34.81 -6.72 -9.01
CA MET A 333 -35.36 -5.36 -9.08
C MET A 333 -34.41 -4.33 -9.66
N LEU A 334 -33.19 -4.74 -9.99
CA LEU A 334 -32.25 -3.81 -10.57
C LEU A 334 -32.63 -3.34 -11.97
N ILE A 335 -33.26 -4.22 -12.74
CA ILE A 335 -33.77 -3.83 -14.06
C ILE A 335 -35.25 -3.50 -13.88
N THR A 336 -35.55 -2.21 -14.01
CA THR A 336 -36.91 -1.71 -13.82
C THR A 336 -37.82 -2.14 -14.96
N LYS A 337 -37.32 -2.03 -16.18
CA LYS A 337 -38.05 -2.50 -17.35
C LYS A 337 -37.13 -2.47 -18.57
N THR A 338 -37.57 -3.17 -19.61
CA THR A 338 -36.85 -3.26 -20.85
C THR A 338 -37.75 -2.71 -21.95
N VAL A 339 -37.20 -1.81 -22.74
CA VAL A 339 -37.94 -1.19 -23.84
C VAL A 339 -37.35 -1.59 -25.18
N SER A 340 -38.21 -2.02 -26.12
CA SER A 340 -37.73 -2.38 -27.44
C SER A 340 -37.24 -1.15 -28.20
N ILE A 341 -36.15 -1.33 -28.95
CA ILE A 341 -35.63 -0.29 -29.84
C ILE A 341 -36.67 0.11 -30.90
N ASN A 342 -37.61 -0.80 -31.14
CA ASN A 342 -38.64 -0.61 -32.14
C ASN A 342 -39.88 0.12 -31.63
N ASP A 343 -40.01 0.20 -30.30
CA ASP A 343 -41.13 0.84 -29.63
C ASP A 343 -40.81 2.33 -29.44
N GLU A 344 -41.00 3.12 -30.51
CA GLU A 344 -40.47 4.49 -30.54
C GLU A 344 -41.06 5.44 -29.50
N LYS A 345 -42.36 5.38 -29.28
CA LYS A 345 -42.99 6.29 -28.32
C LYS A 345 -42.46 6.02 -26.91
N GLU A 346 -42.44 4.75 -26.53
CA GLU A 346 -41.93 4.35 -25.21
C GLU A 346 -40.42 4.68 -25.09
N LEU A 347 -39.64 4.36 -26.12
CA LEU A 347 -38.18 4.66 -26.13
C LEU A 347 -37.87 6.16 -25.94
N LEU A 348 -38.57 7.02 -26.66
CA LEU A 348 -38.37 8.45 -26.49
C LEU A 348 -38.74 8.90 -25.07
N LYS A 349 -39.84 8.34 -24.54
CA LYS A 349 -40.28 8.64 -23.19
C LYS A 349 -39.15 8.34 -22.19
N VAL A 350 -38.59 7.14 -22.28
CA VAL A 350 -37.58 6.72 -21.30
C VAL A 350 -36.23 7.46 -21.48
N LEU A 351 -35.91 7.83 -22.71
CA LEU A 351 -34.70 8.61 -22.98
C LEU A 351 -34.80 10.01 -22.40
N ARG A 352 -36.01 10.57 -22.40
CA ARG A 352 -36.19 11.95 -21.99
C ARG A 352 -36.31 12.15 -20.48
N GLU A 353 -36.87 11.16 -19.78
CA GLU A 353 -37.15 11.36 -18.34
C GLU A 353 -37.14 10.08 -17.50
N LYS A 354 -36.62 10.22 -16.27
CA LYS A 354 -36.65 9.16 -15.27
C LYS A 354 -38.03 9.09 -14.63
N GLU A 355 -38.51 7.88 -14.39
CA GLU A 355 -39.71 7.69 -13.55
C GLU A 355 -39.33 7.51 -12.08
N HIS A 356 -40.16 8.02 -11.18
CA HIS A 356 -39.90 7.87 -9.75
C HIS A 356 -39.64 6.41 -9.41
N GLY A 357 -38.60 6.18 -8.61
CA GLY A 357 -38.30 4.84 -8.11
C GLY A 357 -37.52 3.96 -9.08
N GLU A 358 -37.27 4.49 -10.28
CA GLU A 358 -36.51 3.80 -11.33
C GLU A 358 -35.11 3.44 -10.86
N ILE A 359 -34.68 2.25 -11.22
CA ILE A 359 -33.29 1.84 -10.98
C ILE A 359 -32.56 1.87 -12.32
N LYS A 360 -32.87 0.93 -13.21
CA LYS A 360 -32.27 0.90 -14.56
C LYS A 360 -33.27 0.52 -15.64
N ILE A 361 -33.32 1.35 -16.69
CA ILE A 361 -34.05 0.99 -17.91
C ILE A 361 -33.08 0.44 -18.94
N ARG A 362 -33.46 -0.69 -19.53
CA ARG A 362 -32.65 -1.37 -20.53
C ARG A 362 -33.36 -1.23 -21.89
N ILE A 363 -32.58 -1.03 -22.94
CA ILE A 363 -33.08 -1.04 -24.32
C ILE A 363 -32.67 -2.36 -24.97
N LEU A 364 -33.64 -3.03 -25.59
CA LEU A 364 -33.39 -4.30 -26.26
C LEU A 364 -33.36 -4.06 -27.76
N TRP A 365 -32.28 -4.52 -28.41
CA TRP A 365 -32.18 -4.43 -29.85
C TRP A 365 -32.67 -5.74 -30.44
N GLU A 366 -33.73 -5.63 -31.24
CA GLU A 366 -34.33 -6.75 -31.94
C GLU A 366 -34.34 -6.41 -33.42
N MET B 1 -22.99 -35.51 25.79
CA MET B 1 -23.02 -34.93 24.43
C MET B 1 -22.16 -35.74 23.47
N LYS B 2 -22.71 -36.07 22.30
CA LYS B 2 -21.97 -36.73 21.23
C LYS B 2 -20.89 -35.82 20.66
N ALA B 3 -19.67 -36.36 20.57
CA ALA B 3 -18.51 -35.64 20.05
C ALA B 3 -17.55 -36.61 19.38
N ILE B 4 -16.89 -36.12 18.33
CA ILE B 4 -15.78 -36.83 17.72
C ILE B 4 -14.48 -36.36 18.38
N ILE B 5 -13.78 -37.28 19.02
CA ILE B 5 -12.63 -36.90 19.84
C ILE B 5 -11.34 -37.62 19.49
N VAL B 6 -10.23 -36.94 19.72
CA VAL B 6 -8.89 -37.46 19.52
C VAL B 6 -8.07 -37.22 20.79
N LYS B 7 -6.90 -37.86 20.87
CA LYS B 7 -6.05 -37.73 22.06
C LYS B 7 -4.60 -37.53 21.63
N PRO B 8 -4.29 -36.35 21.05
CA PRO B 8 -2.92 -36.11 20.55
C PRO B 8 -1.85 -36.18 21.64
N PRO B 9 -0.63 -36.68 21.31
CA PRO B 9 -0.11 -37.08 20.01
C PRO B 9 -0.42 -38.54 19.61
N ASN B 10 -1.21 -39.25 20.41
CA ASN B 10 -1.58 -40.62 20.05
C ASN B 10 -2.43 -40.67 18.78
N ALA B 11 -2.31 -41.75 18.02
CA ALA B 11 -3.20 -41.97 16.88
C ALA B 11 -4.52 -42.56 17.37
N GLY B 12 -5.59 -42.26 16.65
CA GLY B 12 -6.91 -42.83 16.93
C GLY B 12 -8.01 -41.79 16.94
N VAL B 13 -9.24 -42.24 16.72
CA VAL B 13 -10.40 -41.37 16.76
C VAL B 13 -11.62 -42.17 17.22
N GLN B 14 -12.52 -41.53 17.97
CA GLN B 14 -13.76 -42.17 18.41
C GLN B 14 -14.93 -41.18 18.37
N VAL B 15 -16.11 -41.73 18.09
CA VAL B 15 -17.34 -40.98 18.21
C VAL B 15 -18.03 -41.47 19.48
N LYS B 16 -18.10 -40.62 20.49
CA LYS B 16 -18.65 -41.04 21.78
C LYS B 16 -19.27 -39.91 22.61
N ASP B 17 -20.14 -40.30 23.54
CA ASP B 17 -20.75 -39.37 24.46
C ASP B 17 -19.72 -38.89 25.49
N VAL B 18 -19.59 -37.58 25.60
CA VAL B 18 -18.64 -36.96 26.51
C VAL B 18 -19.37 -35.98 27.42
N ASP B 19 -18.76 -35.65 28.55
CA ASP B 19 -19.36 -34.71 29.47
C ASP B 19 -19.21 -33.29 28.95
N GLU B 20 -20.34 -32.64 28.71
CA GLU B 20 -20.39 -31.27 28.20
C GLU B 20 -19.69 -30.28 29.09
N LYS B 21 -19.65 -30.58 30.39
CA LYS B 21 -19.03 -29.71 31.41
C LYS B 21 -17.51 -29.59 31.27
N LYS B 22 -16.88 -30.55 30.60
CA LYS B 22 -15.44 -30.44 30.37
C LYS B 22 -15.05 -29.90 28.98
N LEU B 23 -16.04 -29.68 28.12
CA LEU B 23 -15.78 -29.16 26.77
C LEU B 23 -15.60 -27.64 26.77
N ASP B 24 -14.75 -27.14 25.87
CA ASP B 24 -14.45 -25.70 25.80
C ASP B 24 -15.60 -24.87 25.25
N SER B 25 -15.90 -23.79 25.95
CA SER B 25 -16.92 -22.81 25.55
C SER B 25 -16.18 -21.51 25.30
N TYR B 26 -16.65 -20.72 24.33
CA TYR B 26 -15.92 -19.53 23.88
C TYR B 26 -16.72 -18.22 23.95
N GLY B 27 -17.99 -18.32 24.28
CA GLY B 27 -18.83 -17.13 24.40
C GLY B 27 -20.25 -17.50 24.76
N LYS B 28 -21.18 -16.56 24.53
CA LYS B 28 -22.55 -16.70 25.03
C LYS B 28 -23.58 -17.20 24.01
N ILE B 29 -23.17 -17.39 22.76
CA ILE B 29 -24.09 -17.82 21.72
C ILE B 29 -24.07 -19.35 21.57
N LYS B 30 -25.20 -19.99 21.86
CA LYS B 30 -25.31 -21.44 21.70
C LYS B 30 -25.60 -21.80 20.25
N ILE B 31 -24.76 -22.67 19.71
CA ILE B 31 -24.79 -23.02 18.30
C ILE B 31 -24.94 -24.54 18.19
N ARG B 32 -25.98 -24.98 17.49
CA ARG B 32 -26.18 -26.40 17.22
C ARG B 32 -25.56 -26.75 15.86
N THR B 33 -24.58 -27.66 15.89
CA THR B 33 -23.86 -28.06 14.69
C THR B 33 -24.80 -28.71 13.69
N ILE B 34 -24.69 -28.33 12.41
CA ILE B 34 -25.41 -29.00 11.32
C ILE B 34 -24.43 -29.74 10.41
N TYR B 35 -23.36 -29.05 10.01
CA TYR B 35 -22.36 -29.63 9.13
C TYR B 35 -20.95 -29.46 9.69
N ASN B 36 -20.13 -30.51 9.61
CA ASN B 36 -18.67 -30.34 9.67
C ASN B 36 -18.07 -30.71 8.33
N GLY B 37 -16.87 -30.18 8.08
CA GLY B 37 -16.05 -30.59 6.95
C GLY B 37 -14.85 -31.38 7.46
N ILE B 38 -14.26 -32.22 6.60
CA ILE B 38 -13.06 -32.96 6.99
C ILE B 38 -11.96 -32.55 6.01
N CYS B 39 -10.75 -32.35 6.51
CA CYS B 39 -9.62 -32.19 5.58
C CYS B 39 -8.37 -32.96 6.03
N GLY B 40 -7.29 -32.83 5.26
CA GLY B 40 -6.03 -33.53 5.56
C GLY B 40 -5.47 -33.29 6.95
N ALA B 41 -5.77 -32.11 7.52
CA ALA B 41 -5.34 -31.74 8.86
C ALA B 41 -5.98 -32.69 9.87
N ASP B 42 -7.28 -32.95 9.69
CA ASP B 42 -8.01 -33.94 10.50
C ASP B 42 -7.40 -35.33 10.35
N ARG B 43 -7.13 -35.74 9.12
CA ARG B 43 -6.51 -37.04 8.86
C ARG B 43 -5.15 -37.16 9.57
N GLU B 44 -4.37 -36.07 9.56
CA GLU B 44 -3.07 -36.07 10.24
C GLU B 44 -3.17 -36.35 11.72
N ILE B 45 -4.05 -35.62 12.40
CA ILE B 45 -4.16 -35.73 13.85
C ILE B 45 -4.78 -37.09 14.22
N VAL B 46 -5.69 -37.57 13.38
CA VAL B 46 -6.33 -38.88 13.63
C VAL B 46 -5.26 -39.96 13.58
N ASN B 47 -4.29 -39.77 12.68
CA ASN B 47 -3.21 -40.75 12.50
C ASN B 47 -1.96 -40.49 13.34
N GLY B 48 -2.04 -39.52 14.24
CA GLY B 48 -0.96 -39.22 15.18
C GLY B 48 0.25 -38.64 14.47
N LYS B 49 0.01 -37.93 13.38
CA LYS B 49 1.08 -37.38 12.55
C LYS B 49 1.50 -35.97 12.98
N LEU B 50 0.79 -35.41 13.96
CA LEU B 50 1.07 -34.07 14.45
C LEU B 50 1.82 -34.09 15.78
N GLY B 58 -6.07 -32.22 33.83
CA GLY B 58 -6.79 -31.45 32.81
C GLY B 58 -7.68 -32.31 31.94
N LYS B 59 -7.63 -32.08 30.64
CA LYS B 59 -8.43 -32.80 29.65
C LYS B 59 -7.67 -33.99 29.08
N ASP B 60 -8.35 -35.13 28.98
CA ASP B 60 -7.75 -36.35 28.47
C ASP B 60 -7.90 -36.49 26.96
N PHE B 61 -8.69 -35.59 26.37
CA PHE B 61 -9.02 -35.65 24.95
C PHE B 61 -9.25 -34.26 24.38
N LEU B 62 -9.31 -34.21 23.05
CA LEU B 62 -9.58 -32.98 22.29
C LEU B 62 -10.73 -33.27 21.34
N VAL B 63 -11.72 -32.37 21.31
CA VAL B 63 -12.77 -32.45 20.30
C VAL B 63 -12.17 -32.09 18.95
N LEU B 64 -12.35 -33.00 18.00
CA LEU B 64 -11.84 -32.82 16.65
C LEU B 64 -12.68 -31.84 15.85
N GLY B 65 -12.07 -31.24 14.81
CA GLY B 65 -12.82 -30.56 13.75
C GLY B 65 -12.69 -29.05 13.82
N HIS B 66 -12.42 -28.44 12.68
CA HIS B 66 -12.23 -26.99 12.65
C HIS B 66 -13.04 -26.37 11.49
N GLU B 67 -13.79 -27.20 10.76
CA GLU B 67 -14.67 -26.73 9.69
C GLU B 67 -16.11 -27.00 10.14
N ALA B 68 -16.91 -25.96 10.37
CA ALA B 68 -18.28 -26.17 10.88
C ALA B 68 -19.27 -25.13 10.41
N ILE B 69 -20.51 -25.57 10.20
CA ILE B 69 -21.65 -24.68 10.06
C ILE B 69 -22.66 -25.12 11.11
N GLY B 70 -23.15 -24.16 11.88
CA GLY B 70 -24.15 -24.45 12.90
C GLY B 70 -25.29 -23.46 12.85
N VAL B 71 -26.35 -23.76 13.59
CA VAL B 71 -27.50 -22.87 13.65
C VAL B 71 -27.55 -22.23 15.04
N VAL B 72 -27.79 -20.92 15.06
CA VAL B 72 -27.93 -20.17 16.30
C VAL B 72 -29.26 -20.54 16.97
N GLU B 73 -29.18 -21.03 18.20
CA GLU B 73 -30.34 -21.58 18.91
C GLU B 73 -31.29 -20.54 19.53
N GLU B 74 -30.73 -19.41 19.95
CA GLU B 74 -31.50 -18.32 20.54
C GLU B 74 -30.90 -17.01 20.06
N SER B 75 -31.75 -16.03 19.75
CA SER B 75 -31.26 -14.74 19.30
C SER B 75 -30.34 -14.10 20.34
N TYR B 76 -29.19 -13.58 19.91
CA TYR B 76 -28.25 -12.87 20.79
C TYR B 76 -27.58 -11.72 20.05
N HIS B 77 -27.86 -10.50 20.51
CA HIS B 77 -27.43 -9.26 19.87
C HIS B 77 -27.67 -9.28 18.35
N GLY B 78 -26.61 -9.38 17.55
CA GLY B 78 -26.74 -9.34 16.10
C GLY B 78 -27.21 -10.63 15.43
N PHE B 79 -27.26 -11.71 16.21
CA PHE B 79 -27.54 -13.04 15.68
C PHE B 79 -28.94 -13.51 16.03
N SER B 80 -29.69 -13.94 15.01
CA SER B 80 -31.07 -14.36 15.20
C SER B 80 -31.19 -15.88 15.24
N GLN B 81 -32.14 -16.35 16.05
CA GLN B 81 -32.49 -17.76 16.07
C GLN B 81 -32.70 -18.28 14.65
N GLY B 82 -32.01 -19.37 14.30
CA GLY B 82 -32.11 -19.97 12.98
C GLY B 82 -31.03 -19.52 12.00
N ASP B 83 -30.27 -18.49 12.37
CA ASP B 83 -29.16 -18.04 11.53
C ASP B 83 -28.07 -19.11 11.44
N LEU B 84 -27.48 -19.25 10.26
CA LEU B 84 -26.33 -20.15 10.08
C LEU B 84 -25.04 -19.38 10.30
N VAL B 85 -24.13 -20.02 11.02
CA VAL B 85 -22.84 -19.42 11.35
C VAL B 85 -21.70 -20.42 11.20
N MET B 86 -20.51 -19.88 10.95
CA MET B 86 -19.30 -20.66 10.88
C MET B 86 -18.26 -20.06 11.82
N PRO B 87 -17.65 -20.88 12.68
CA PRO B 87 -16.63 -20.30 13.56
C PRO B 87 -15.27 -20.17 12.87
N VAL B 88 -14.54 -19.09 13.16
CA VAL B 88 -13.13 -18.98 12.75
C VAL B 88 -12.31 -19.91 13.67
N ASN B 89 -11.41 -20.68 13.08
CA ASN B 89 -10.73 -21.76 13.79
C ASN B 89 -9.43 -21.38 14.49
N ARG B 90 -8.63 -20.45 13.93
CA ARG B 90 -7.46 -19.98 14.64
C ARG B 90 -7.79 -18.74 15.45
N ARG B 91 -7.42 -18.78 16.72
CA ARG B 91 -7.72 -17.67 17.63
C ARG B 91 -6.48 -17.22 18.36
N GLY B 92 -6.47 -15.94 18.72
CA GLY B 92 -5.24 -15.26 19.12
C GLY B 92 -4.60 -15.64 20.43
N CYS B 93 -3.38 -15.14 20.62
CA CYS B 93 -2.56 -15.45 21.80
C CYS B 93 -2.81 -14.45 22.92
N GLY B 94 -3.47 -13.35 22.58
CA GLY B 94 -3.82 -12.31 23.54
C GLY B 94 -2.67 -11.42 24.00
N ILE B 95 -1.50 -11.60 23.40
CA ILE B 95 -0.29 -10.89 23.80
C ILE B 95 0.25 -9.98 22.70
N CYS B 96 0.35 -10.50 21.48
CA CYS B 96 1.02 -9.78 20.41
C CYS B 96 0.10 -8.83 19.65
N ARG B 97 0.69 -7.83 18.99
CA ARG B 97 -0.09 -6.81 18.29
C ARG B 97 -0.89 -7.35 17.10
N ASN B 98 -0.37 -8.36 16.43
CA ASN B 98 -1.14 -8.94 15.32
C ASN B 98 -2.42 -9.64 15.77
N CYS B 99 -2.33 -10.37 16.87
CA CYS B 99 -3.51 -10.94 17.50
C CYS B 99 -4.47 -9.88 18.06
N LEU B 100 -3.90 -8.78 18.57
CA LEU B 100 -4.69 -7.65 19.09
C LEU B 100 -5.61 -7.07 18.04
N VAL B 101 -5.19 -7.08 16.78
CA VAL B 101 -5.99 -6.47 15.69
C VAL B 101 -6.80 -7.53 14.94
N GLY B 102 -6.92 -8.71 15.54
CA GLY B 102 -7.77 -9.75 14.99
C GLY B 102 -7.09 -10.59 13.91
N ARG B 103 -5.74 -10.64 13.95
CA ARG B 103 -4.95 -11.31 12.90
C ARG B 103 -3.90 -12.32 13.42
N PRO B 104 -4.38 -13.37 14.09
CA PRO B 104 -3.48 -14.42 14.57
C PRO B 104 -2.79 -15.22 13.45
N ASP B 105 -3.19 -14.99 12.20
CA ASP B 105 -2.47 -15.61 11.08
C ASP B 105 -1.02 -15.11 11.04
N PHE B 106 -0.78 -13.95 11.65
CA PHE B 106 0.56 -13.32 11.72
C PHE B 106 1.03 -13.23 13.20
N CYS B 107 0.48 -14.10 14.04
CA CYS B 107 0.85 -14.15 15.46
C CYS B 107 2.37 -14.18 15.63
N GLU B 108 2.86 -13.31 16.49
CA GLU B 108 4.31 -13.23 16.72
C GLU B 108 4.84 -14.13 17.82
N THR B 109 3.96 -14.73 18.62
CA THR B 109 4.41 -15.55 19.75
C THR B 109 4.27 -17.02 19.43
N GLY B 110 3.38 -17.32 18.48
CA GLY B 110 3.05 -18.70 18.14
C GLY B 110 2.22 -19.38 19.23
N GLU B 111 1.71 -18.60 20.17
CA GLU B 111 0.90 -19.15 21.27
C GLU B 111 -0.62 -19.07 20.99
N PHE B 112 -0.98 -18.93 19.72
CA PHE B 112 -2.38 -19.01 19.29
C PHE B 112 -2.98 -20.39 19.52
N GLY B 113 -4.31 -20.46 19.45
CA GLY B 113 -5.03 -21.73 19.50
C GLY B 113 -5.55 -22.07 18.12
N GLU B 114 -5.65 -23.37 17.82
CA GLU B 114 -6.35 -23.80 16.60
C GLU B 114 -7.37 -24.87 16.95
N ALA B 115 -8.64 -24.54 16.74
CA ALA B 115 -9.76 -25.44 17.07
C ALA B 115 -9.56 -26.81 16.47
N GLY B 116 -9.76 -27.84 17.30
CA GLY B 116 -9.69 -29.23 16.88
C GLY B 116 -8.31 -29.70 16.50
N ILE B 117 -7.29 -28.88 16.83
CA ILE B 117 -5.91 -29.20 16.48
C ILE B 117 -4.96 -28.96 17.65
N HIS B 118 -5.02 -27.76 18.21
CA HIS B 118 -4.03 -27.32 19.21
C HIS B 118 -4.66 -26.36 20.22
N LYS B 119 -4.67 -26.74 21.49
CA LYS B 119 -5.11 -25.89 22.62
C LYS B 119 -6.61 -25.67 22.78
N MET B 120 -7.40 -25.99 21.75
CA MET B 120 -8.80 -25.60 21.64
C MET B 120 -9.71 -26.73 21.18
N ASP B 121 -10.75 -27.05 21.95
CA ASP B 121 -11.76 -28.01 21.47
C ASP B 121 -12.37 -27.57 20.13
N GLY B 122 -12.39 -28.48 19.16
CA GLY B 122 -13.04 -28.23 17.88
C GLY B 122 -14.55 -28.32 17.87
N PHE B 123 -15.12 -28.51 16.68
CA PHE B 123 -16.55 -28.31 16.44
C PHE B 123 -17.32 -29.55 16.00
N MET B 124 -16.66 -30.71 16.07
CA MET B 124 -17.33 -31.98 15.79
C MET B 124 -18.02 -32.47 17.05
N ARG B 125 -19.03 -31.72 17.47
CA ARG B 125 -19.85 -32.02 18.65
C ARG B 125 -21.24 -31.45 18.40
N GLU B 126 -22.24 -32.04 19.06
CA GLU B 126 -23.64 -31.67 18.92
C GLU B 126 -23.89 -30.16 18.90
N TRP B 127 -23.29 -29.46 19.86
CA TRP B 127 -23.40 -28.01 19.96
C TRP B 127 -22.24 -27.40 20.72
N TRP B 128 -22.04 -26.10 20.55
CA TRP B 128 -21.00 -25.38 21.27
C TRP B 128 -21.42 -23.91 21.53
N TYR B 129 -20.74 -23.27 22.46
CA TYR B 129 -20.96 -21.85 22.77
C TYR B 129 -19.82 -21.00 22.20
N ASP B 130 -20.16 -19.92 21.51
CA ASP B 130 -19.14 -19.07 20.90
C ASP B 130 -19.44 -17.58 21.08
N ASP B 131 -18.42 -16.78 20.78
CA ASP B 131 -18.43 -15.32 20.87
C ASP B 131 -18.75 -14.79 19.47
N PRO B 132 -19.67 -13.80 19.36
CA PRO B 132 -19.99 -13.23 18.05
C PRO B 132 -18.74 -12.76 17.28
N LYS B 133 -17.70 -12.35 18.02
CA LYS B 133 -16.45 -11.91 17.44
C LYS B 133 -15.87 -12.96 16.48
N TYR B 134 -16.07 -14.24 16.79
CA TYR B 134 -15.48 -15.32 15.98
C TYR B 134 -16.46 -16.04 15.08
N LEU B 135 -17.62 -15.45 14.87
CA LEU B 135 -18.63 -16.08 14.04
C LEU B 135 -18.82 -15.36 12.72
N VAL B 136 -18.82 -16.16 11.65
CA VAL B 136 -19.08 -15.70 10.31
C VAL B 136 -20.49 -16.08 9.92
N LYS B 137 -21.25 -15.10 9.45
CA LYS B 137 -22.59 -15.34 8.96
C LYS B 137 -22.57 -16.10 7.63
N ILE B 138 -23.24 -17.26 7.60
CA ILE B 138 -23.34 -18.04 6.37
C ILE B 138 -24.77 -17.88 5.84
N PRO B 139 -24.92 -17.25 4.66
CA PRO B 139 -26.27 -17.14 4.09
C PRO B 139 -26.92 -18.50 3.83
N LYS B 140 -28.22 -18.59 4.11
CA LYS B 140 -28.98 -19.80 3.88
C LYS B 140 -28.88 -20.26 2.42
N SER B 141 -28.72 -19.29 1.52
CA SER B 141 -28.60 -19.55 0.10
C SER B 141 -27.32 -20.28 -0.32
N ILE B 142 -26.35 -20.41 0.60
CA ILE B 142 -25.17 -21.23 0.34
C ILE B 142 -24.97 -22.29 1.42
N GLU B 143 -26.07 -22.70 2.05
CA GLU B 143 -25.96 -23.74 3.07
C GLU B 143 -25.24 -24.99 2.57
N ASP B 144 -25.55 -25.39 1.33
CA ASP B 144 -25.02 -26.63 0.76
C ASP B 144 -23.50 -26.63 0.58
N ILE B 145 -22.95 -25.55 0.03
CA ILE B 145 -21.50 -25.47 -0.23
C ILE B 145 -20.77 -24.57 0.76
N GLY B 146 -21.50 -23.98 1.71
CA GLY B 146 -20.94 -23.02 2.66
C GLY B 146 -19.83 -23.53 3.55
N ILE B 147 -19.79 -24.84 3.79
CA ILE B 147 -18.72 -25.43 4.57
C ILE B 147 -17.34 -25.12 3.97
N LEU B 148 -17.29 -24.90 2.65
CA LEU B 148 -16.02 -24.62 1.97
C LEU B 148 -15.46 -23.24 2.33
N ALA B 149 -16.25 -22.41 3.06
CA ALA B 149 -15.75 -21.06 3.35
C ALA B 149 -14.53 -21.11 4.23
N GLN B 150 -14.40 -22.17 5.04
CA GLN B 150 -13.24 -22.28 5.91
C GLN B 150 -11.95 -22.59 5.12
N PRO B 151 -11.91 -23.70 4.34
CA PRO B 151 -10.71 -23.89 3.52
C PRO B 151 -10.47 -22.76 2.50
N LEU B 152 -11.54 -22.23 1.93
CA LEU B 152 -11.39 -21.15 0.94
C LEU B 152 -10.78 -19.88 1.60
N ALA B 153 -11.05 -19.69 2.90
CA ALA B 153 -10.51 -18.53 3.63
C ALA B 153 -8.98 -18.51 3.60
N ASP B 154 -8.35 -19.69 3.75
CA ASP B 154 -6.88 -19.76 3.75
C ASP B 154 -6.39 -19.28 2.40
N ILE B 155 -7.14 -19.64 1.36
CA ILE B 155 -6.78 -19.32 -0.02
C ILE B 155 -7.06 -17.83 -0.36
N GLU B 156 -8.12 -17.29 0.19
CA GLU B 156 -8.39 -15.86 0.04
C GLU B 156 -7.26 -15.07 0.62
N LYS B 157 -6.81 -15.44 1.83
CA LYS B 157 -5.69 -14.73 2.49
C LYS B 157 -4.43 -14.83 1.65
N SER B 158 -4.18 -16.01 1.10
CA SER B 158 -2.95 -16.26 0.34
C SER B 158 -2.88 -15.39 -0.92
N ILE B 159 -3.97 -15.36 -1.67
CA ILE B 159 -4.02 -14.55 -2.89
C ILE B 159 -3.95 -13.06 -2.51
N GLU B 160 -4.70 -12.65 -1.48
CA GLU B 160 -4.59 -11.27 -0.98
C GLU B 160 -3.13 -10.88 -0.70
N GLU B 161 -2.41 -11.76 -0.01
CA GLU B 161 -1.03 -11.45 0.36
C GLU B 161 -0.14 -11.39 -0.89
N ILE B 162 -0.36 -12.30 -1.84
CA ILE B 162 0.48 -12.32 -3.04
C ILE B 162 0.26 -10.99 -3.77
N LEU B 163 -0.99 -10.58 -3.91
CA LEU B 163 -1.29 -9.29 -4.54
C LEU B 163 -0.71 -8.08 -3.79
N GLU B 164 -0.74 -8.12 -2.45
CA GLU B 164 -0.15 -7.06 -1.68
C GLU B 164 1.36 -7.01 -1.91
N VAL B 165 1.98 -8.18 -1.91
CA VAL B 165 3.42 -8.24 -2.08
C VAL B 165 3.81 -7.70 -3.47
N GLN B 166 2.99 -8.00 -4.47
CA GLN B 166 3.28 -7.54 -5.83
C GLN B 166 3.09 -6.04 -6.05
N LYS B 167 2.57 -5.34 -5.05
CA LYS B 167 2.60 -3.87 -5.08
C LYS B 167 4.03 -3.31 -5.14
N ARG B 168 5.02 -4.13 -4.76
CA ARG B 168 6.45 -3.75 -4.87
C ARG B 168 6.86 -3.48 -6.32
N VAL B 169 6.13 -4.07 -7.26
CA VAL B 169 6.39 -3.90 -8.70
C VAL B 169 5.68 -2.63 -9.19
N PRO B 170 6.46 -1.65 -9.67
CA PRO B 170 5.85 -0.39 -10.11
C PRO B 170 4.59 -0.55 -10.97
N VAL B 171 4.62 -1.42 -11.98
CA VAL B 171 3.40 -1.74 -12.75
C VAL B 171 3.35 -3.25 -12.90
N TRP B 172 2.48 -3.90 -12.13
CA TRP B 172 2.24 -5.35 -12.30
C TRP B 172 0.94 -5.64 -13.03
N THR B 173 0.15 -4.61 -13.29
CA THR B 173 -1.02 -4.75 -14.15
C THR B 173 -0.62 -4.84 -15.62
N CYS B 174 -1.63 -5.08 -16.46
CA CYS B 174 -1.44 -5.35 -17.88
C CYS B 174 -1.77 -4.12 -18.75
N ASP B 175 -1.71 -4.27 -20.07
CA ASP B 175 -2.02 -3.13 -20.95
C ASP B 175 -3.43 -2.56 -20.80
N ASP B 176 -4.33 -3.37 -20.26
CA ASP B 176 -5.72 -2.97 -20.07
C ASP B 176 -6.05 -2.68 -18.61
N GLY B 177 -5.00 -2.57 -17.78
CA GLY B 177 -5.14 -2.21 -16.36
C GLY B 177 -5.64 -3.32 -15.45
N THR B 178 -5.83 -4.51 -16.01
CA THR B 178 -6.21 -5.70 -15.22
C THR B 178 -5.00 -6.60 -14.97
N LEU B 179 -5.27 -7.75 -14.40
CA LEU B 179 -4.23 -8.78 -14.25
C LEU B 179 -4.49 -9.95 -15.20
N ASN B 180 -5.31 -9.73 -16.22
CA ASN B 180 -5.71 -10.80 -17.14
C ASN B 180 -4.55 -11.46 -17.87
N CYS B 181 -3.48 -10.70 -18.06
CA CYS B 181 -2.26 -11.15 -18.75
C CYS B 181 -1.34 -11.99 -17.86
N ARG B 182 -1.58 -11.98 -16.56
CA ARG B 182 -0.73 -12.72 -15.62
C ARG B 182 -1.14 -14.19 -15.61
N LYS B 183 -0.12 -15.07 -15.59
CA LYS B 183 -0.32 -16.52 -15.66
C LYS B 183 0.06 -17.14 -14.33
N VAL B 184 -0.78 -18.04 -13.86
CA VAL B 184 -0.51 -18.78 -12.63
C VAL B 184 -0.38 -20.28 -12.90
N LEU B 185 0.64 -20.91 -12.30
CA LEU B 185 0.76 -22.35 -12.35
C LEU B 185 0.38 -22.88 -10.97
N VAL B 186 -0.71 -23.64 -10.91
CA VAL B 186 -1.12 -24.28 -9.67
C VAL B 186 -0.69 -25.74 -9.69
N VAL B 187 0.25 -26.07 -8.81
CA VAL B 187 0.85 -27.41 -8.76
C VAL B 187 0.11 -28.24 -7.72
N GLY B 188 -0.59 -29.28 -8.17
CA GLY B 188 -1.46 -30.09 -7.30
C GLY B 188 -2.91 -29.72 -7.46
N THR B 189 -3.79 -30.73 -7.47
CA THR B 189 -5.18 -30.53 -7.86
C THR B 189 -6.21 -31.12 -6.88
N GLY B 190 -5.84 -31.21 -5.61
CA GLY B 190 -6.79 -31.57 -4.56
C GLY B 190 -7.71 -30.39 -4.28
N PRO B 191 -8.46 -30.45 -3.17
CA PRO B 191 -9.34 -29.33 -2.83
C PRO B 191 -8.59 -28.00 -2.85
N ILE B 192 -7.37 -27.99 -2.36
CA ILE B 192 -6.60 -26.73 -2.31
C ILE B 192 -6.31 -26.22 -3.71
N GLY B 193 -5.74 -27.08 -4.57
CA GLY B 193 -5.46 -26.70 -5.94
C GLY B 193 -6.70 -26.23 -6.71
N VAL B 194 -7.80 -26.95 -6.54
CA VAL B 194 -9.05 -26.59 -7.21
C VAL B 194 -9.54 -25.22 -6.73
N LEU B 195 -9.50 -24.97 -5.42
CA LEU B 195 -9.92 -23.66 -4.88
C LEU B 195 -9.01 -22.49 -5.31
N PHE B 196 -7.71 -22.73 -5.33
CA PHE B 196 -6.78 -21.71 -5.89
C PHE B 196 -7.11 -21.41 -7.35
N THR B 197 -7.40 -22.44 -8.13
CA THR B 197 -7.74 -22.29 -9.55
C THR B 197 -9.04 -21.51 -9.71
N LEU B 198 -10.09 -21.92 -8.99
CA LEU B 198 -11.37 -21.21 -9.04
C LEU B 198 -11.20 -19.74 -8.66
N LEU B 199 -10.41 -19.46 -7.62
CA LEU B 199 -10.35 -18.08 -7.16
C LEU B 199 -9.45 -17.23 -8.08
N PHE B 200 -8.31 -17.76 -8.52
CA PHE B 200 -7.51 -17.01 -9.52
C PHE B 200 -8.30 -16.70 -10.79
N ARG B 201 -9.07 -17.66 -11.29
CA ARG B 201 -9.91 -17.42 -12.46
C ARG B 201 -11.00 -16.38 -12.20
N THR B 202 -11.54 -16.37 -10.98
CA THR B 202 -12.52 -15.37 -10.58
C THR B 202 -11.92 -13.96 -10.69
N TYR B 203 -10.66 -13.81 -10.28
CA TYR B 203 -9.89 -12.56 -10.36
C TYR B 203 -9.40 -12.26 -11.78
N GLY B 204 -9.55 -13.23 -12.68
CA GLY B 204 -9.23 -12.97 -14.09
C GLY B 204 -7.88 -13.41 -14.60
N LEU B 205 -7.03 -13.93 -13.71
CA LEU B 205 -5.70 -14.36 -14.14
C LEU B 205 -5.82 -15.65 -14.93
N GLU B 206 -4.88 -15.88 -15.84
CA GLU B 206 -4.82 -17.14 -16.58
C GLU B 206 -4.31 -18.23 -15.64
N VAL B 207 -4.90 -19.41 -15.69
CA VAL B 207 -4.40 -20.49 -14.83
C VAL B 207 -4.04 -21.78 -15.61
N TRP B 208 -2.91 -22.38 -15.22
CA TRP B 208 -2.54 -23.76 -15.58
C TRP B 208 -2.49 -24.59 -14.31
N MET B 209 -3.26 -25.68 -14.31
CA MET B 209 -3.18 -26.69 -13.26
C MET B 209 -2.21 -27.76 -13.70
N ALA B 210 -1.42 -28.28 -12.78
CA ALA B 210 -0.48 -29.36 -13.15
C ALA B 210 -0.54 -30.51 -12.17
N ASN B 211 -0.46 -31.72 -12.72
CA ASN B 211 -0.36 -32.92 -11.91
C ASN B 211 0.28 -34.03 -12.74
N ARG B 212 0.84 -35.03 -12.07
CA ARG B 212 1.56 -36.13 -12.74
C ARG B 212 0.64 -37.26 -13.20
N ARG B 213 -0.36 -36.88 -13.99
CA ARG B 213 -1.41 -37.76 -14.50
C ARG B 213 -2.38 -36.93 -15.33
N GLU B 214 -3.33 -37.58 -15.98
CA GLU B 214 -4.42 -36.90 -16.67
C GLU B 214 -5.48 -36.42 -15.65
N PRO B 215 -6.32 -35.44 -16.04
CA PRO B 215 -7.33 -34.92 -15.09
C PRO B 215 -8.41 -35.94 -14.71
N THR B 216 -8.94 -35.80 -13.50
CA THR B 216 -10.13 -36.53 -13.07
C THR B 216 -11.38 -35.89 -13.69
N GLU B 217 -12.54 -36.50 -13.47
CA GLU B 217 -13.81 -35.97 -13.94
C GLU B 217 -14.12 -34.59 -13.36
N VAL B 218 -13.94 -34.44 -12.05
CA VAL B 218 -14.14 -33.15 -11.36
C VAL B 218 -13.17 -32.09 -11.90
N GLU B 219 -11.90 -32.47 -12.01
CA GLU B 219 -10.89 -31.57 -12.58
C GLU B 219 -11.23 -31.16 -14.01
N GLN B 220 -11.62 -32.12 -14.85
CA GLN B 220 -12.00 -31.83 -16.24
C GLN B 220 -13.18 -30.84 -16.34
N THR B 221 -14.14 -30.96 -15.43
CA THR B 221 -15.27 -30.02 -15.36
C THR B 221 -14.80 -28.62 -14.98
N VAL B 222 -13.93 -28.54 -13.98
CA VAL B 222 -13.34 -27.27 -13.59
C VAL B 222 -12.58 -26.67 -14.78
N ILE B 223 -11.74 -27.47 -15.45
CA ILE B 223 -10.99 -27.03 -16.63
C ILE B 223 -11.88 -26.35 -17.66
N GLU B 224 -12.91 -27.07 -18.10
CA GLU B 224 -13.78 -26.61 -19.16
C GLU B 224 -14.61 -25.41 -18.72
N GLU B 225 -15.27 -25.52 -17.56
CA GLU B 225 -16.14 -24.45 -17.09
C GLU B 225 -15.44 -23.13 -16.79
N THR B 226 -14.23 -23.19 -16.23
CA THR B 226 -13.51 -21.99 -15.85
C THR B 226 -12.57 -21.48 -16.95
N LYS B 227 -12.46 -22.25 -18.04
CA LYS B 227 -11.49 -21.95 -19.12
C LYS B 227 -10.06 -21.87 -18.56
N THR B 228 -9.70 -22.95 -17.87
CA THR B 228 -8.39 -23.19 -17.28
C THR B 228 -7.63 -24.21 -18.14
N ASN B 229 -6.31 -24.05 -18.17
CA ASN B 229 -5.44 -24.98 -18.87
C ASN B 229 -4.90 -26.08 -17.94
N TYR B 230 -4.51 -27.20 -18.52
CA TYR B 230 -4.02 -28.32 -17.71
C TYR B 230 -2.75 -28.91 -18.33
N TYR B 231 -1.77 -29.21 -17.48
CA TYR B 231 -0.53 -29.81 -17.94
C TYR B 231 -0.21 -31.08 -17.17
N ASN B 232 0.03 -32.17 -17.92
CA ASN B 232 0.45 -33.43 -17.31
C ASN B 232 1.96 -33.37 -17.06
N SER B 233 2.34 -33.30 -15.78
CA SER B 233 3.74 -33.07 -15.42
C SER B 233 4.53 -34.36 -15.19
N SER B 234 4.01 -35.50 -15.64
CA SER B 234 4.62 -36.78 -15.33
C SER B 234 6.09 -36.88 -15.77
N ASN B 235 6.41 -36.24 -16.89
CA ASN B 235 7.77 -36.30 -17.41
C ASN B 235 8.49 -34.97 -17.29
N GLY B 236 8.07 -34.19 -16.30
CA GLY B 236 8.73 -32.92 -16.01
C GLY B 236 8.08 -31.76 -16.71
N TYR B 237 8.70 -30.59 -16.59
CA TYR B 237 8.09 -29.34 -17.02
C TYR B 237 8.70 -28.73 -18.28
N ASP B 238 9.67 -29.40 -18.91
CA ASP B 238 10.35 -28.77 -20.05
C ASP B 238 9.37 -28.41 -21.14
N LYS B 239 8.42 -29.32 -21.40
CA LYS B 239 7.48 -29.13 -22.50
C LYS B 239 6.52 -27.98 -22.25
N LEU B 240 6.18 -27.76 -20.98
CA LEU B 240 5.36 -26.63 -20.60
C LEU B 240 6.13 -25.32 -20.79
N LYS B 241 7.37 -25.30 -20.29
CA LYS B 241 8.23 -24.12 -20.43
C LYS B 241 8.39 -23.75 -21.90
N ASP B 242 8.65 -24.75 -22.74
CA ASP B 242 8.90 -24.49 -24.14
C ASP B 242 7.65 -24.01 -24.90
N SER B 243 6.48 -24.48 -24.48
CA SER B 243 5.20 -24.12 -25.14
C SER B 243 4.68 -22.76 -24.67
N VAL B 244 4.50 -22.62 -23.35
CA VAL B 244 3.82 -21.45 -22.79
C VAL B 244 4.77 -20.40 -22.20
N GLY B 245 5.99 -20.82 -21.89
CA GLY B 245 6.98 -19.93 -21.27
C GLY B 245 6.86 -19.94 -19.77
N LYS B 246 7.18 -18.82 -19.14
CA LYS B 246 7.25 -18.74 -17.68
C LYS B 246 5.99 -18.11 -17.07
N PHE B 247 5.88 -18.23 -15.75
CA PHE B 247 4.66 -17.87 -15.01
C PHE B 247 4.92 -16.75 -14.03
N ASP B 248 3.92 -15.89 -13.83
CA ASP B 248 4.03 -14.79 -12.89
C ASP B 248 3.84 -15.22 -11.45
N VAL B 249 3.06 -16.28 -11.27
CA VAL B 249 2.79 -16.82 -9.96
C VAL B 249 2.81 -18.33 -10.07
N ILE B 250 3.48 -18.98 -9.12
CA ILE B 250 3.45 -20.43 -9.02
C ILE B 250 3.01 -20.78 -7.62
N ILE B 251 2.00 -21.65 -7.49
CA ILE B 251 1.49 -22.07 -6.19
C ILE B 251 1.81 -23.55 -5.96
N ASP B 252 2.52 -23.87 -4.88
CA ASP B 252 2.71 -25.26 -4.51
C ASP B 252 1.53 -25.67 -3.65
N ALA B 253 0.60 -26.41 -4.23
N ALA B 253 0.70 -26.56 -4.17
CA ALA B 253 -0.57 -26.90 -3.53
CA ALA B 253 -0.48 -27.07 -3.46
C ALA B 253 -0.32 -28.37 -3.28
C ALA B 253 -0.50 -28.62 -3.41
N THR B 254 0.94 -28.77 -3.41
N THR B 254 0.69 -29.22 -3.37
CA THR B 254 1.36 -30.14 -3.17
CA THR B 254 0.85 -30.69 -3.44
C THR B 254 0.85 -31.43 -2.09
C THR B 254 2.16 -30.25 -1.85
N GLY B 255 1.59 -30.82 -0.79
N GLY B 255 1.59 -30.84 -1.15
CA GLY B 255 2.39 -31.29 0.33
CA GLY B 255 1.91 -31.50 0.11
C GLY B 255 3.32 -32.42 -0.09
C GLY B 255 2.81 -32.72 -0.06
N ALA B 256 3.72 -32.39 -1.36
N ALA B 256 3.66 -32.67 -1.08
CA ALA B 256 4.56 -33.46 -1.93
CA ALA B 256 4.50 -33.84 -1.45
C ALA B 256 6.00 -33.30 -1.51
C ALA B 256 5.99 -33.59 -1.17
N ASP B 257 6.87 -34.20 -1.99
CA ASP B 257 8.30 -34.04 -1.81
C ASP B 257 8.73 -32.63 -2.22
N VAL B 258 9.62 -32.01 -1.43
CA VAL B 258 10.06 -30.64 -1.72
C VAL B 258 10.83 -30.47 -3.04
N ASN B 259 11.28 -31.57 -3.64
CA ASN B 259 11.94 -31.50 -4.94
C ASN B 259 11.01 -31.03 -6.05
N ILE B 260 9.70 -31.05 -5.79
CA ILE B 260 8.71 -30.46 -6.70
C ILE B 260 9.11 -28.99 -6.96
N LEU B 261 9.63 -28.33 -5.93
CA LEU B 261 10.09 -26.94 -6.08
C LEU B 261 11.25 -26.80 -7.05
N GLY B 262 12.20 -27.73 -7.01
CA GLY B 262 13.32 -27.72 -7.96
C GLY B 262 12.84 -27.80 -9.39
N ASN B 263 11.74 -28.53 -9.61
CA ASN B 263 11.16 -28.69 -10.93
C ASN B 263 10.44 -27.45 -11.43
N VAL B 264 9.80 -26.72 -10.51
CA VAL B 264 8.95 -25.60 -10.96
C VAL B 264 9.60 -24.23 -10.86
N ILE B 265 10.62 -24.10 -10.01
CA ILE B 265 11.38 -22.85 -9.90
C ILE B 265 11.94 -22.31 -11.25
N PRO B 266 12.45 -23.20 -12.14
CA PRO B 266 12.87 -22.75 -13.48
C PRO B 266 11.78 -22.14 -14.35
N LEU B 267 10.52 -22.27 -13.95
CA LEU B 267 9.39 -21.75 -14.74
C LEU B 267 8.84 -20.43 -14.21
N LEU B 268 9.44 -19.93 -13.14
CA LEU B 268 9.04 -18.65 -12.57
C LEU B 268 9.60 -17.52 -13.42
N GLY B 269 8.73 -16.57 -13.77
CA GLY B 269 9.09 -15.44 -14.63
C GLY B 269 9.60 -14.22 -13.89
N ARG B 270 10.08 -13.21 -14.65
CA ARG B 270 10.62 -12.01 -14.01
C ARG B 270 9.58 -11.39 -13.08
N ASN B 271 10.07 -10.90 -11.94
CA ASN B 271 9.24 -10.27 -10.91
C ASN B 271 8.21 -11.21 -10.29
N GLY B 272 8.33 -12.51 -10.58
CA GLY B 272 7.32 -13.48 -10.15
C GLY B 272 7.33 -13.86 -8.68
N VAL B 273 6.29 -14.59 -8.26
CA VAL B 273 6.11 -15.03 -6.87
C VAL B 273 5.90 -16.53 -6.84
N LEU B 274 6.71 -17.23 -6.05
CA LEU B 274 6.45 -18.65 -5.73
C LEU B 274 5.78 -18.72 -4.38
N GLY B 275 4.53 -19.21 -4.38
CA GLY B 275 3.75 -19.24 -3.16
C GLY B 275 3.75 -20.64 -2.58
N LEU B 276 4.36 -20.78 -1.41
CA LEU B 276 4.41 -22.05 -0.73
C LEU B 276 3.24 -22.17 0.21
N PHE B 277 2.28 -23.01 -0.16
CA PHE B 277 1.05 -23.19 0.61
C PHE B 277 0.99 -24.62 1.15
N GLY B 278 1.40 -25.59 0.32
CA GLY B 278 1.40 -26.98 0.77
C GLY B 278 2.39 -27.22 1.89
N PHE B 279 2.11 -28.20 2.72
CA PHE B 279 3.04 -28.58 3.77
C PHE B 279 3.77 -29.83 3.32
N SER B 280 4.97 -29.62 2.77
CA SER B 280 5.77 -30.73 2.24
C SER B 280 6.15 -31.67 3.38
N THR B 281 6.21 -32.96 3.04
CA THR B 281 6.22 -34.04 4.03
C THR B 281 7.48 -34.88 3.91
N SER B 282 8.25 -34.62 2.86
CA SER B 282 9.47 -35.37 2.59
C SER B 282 10.46 -34.60 1.71
N GLY B 283 11.71 -35.02 1.76
CA GLY B 283 12.70 -34.57 0.79
C GLY B 283 13.63 -33.46 1.23
N SER B 284 14.66 -33.26 0.42
CA SER B 284 15.54 -32.11 0.54
C SER B 284 15.81 -31.59 -0.88
N VAL B 285 15.58 -30.30 -1.10
CA VAL B 285 15.72 -29.73 -2.44
C VAL B 285 17.00 -28.88 -2.57
N PRO B 286 17.88 -29.22 -3.53
CA PRO B 286 19.07 -28.41 -3.66
C PRO B 286 18.82 -27.17 -4.52
N LEU B 287 19.31 -26.03 -4.06
CA LEU B 287 19.27 -24.80 -4.86
C LEU B 287 20.70 -24.34 -5.11
N ASP B 288 21.12 -24.36 -6.36
CA ASP B 288 22.50 -23.98 -6.65
C ASP B 288 22.62 -22.47 -6.85
N TYR B 289 23.85 -21.98 -6.91
CA TYR B 289 24.09 -20.54 -7.00
C TYR B 289 23.51 -19.91 -8.26
N LYS B 290 23.53 -20.64 -9.38
CA LYS B 290 22.98 -20.11 -10.63
C LYS B 290 21.49 -19.79 -10.50
N THR B 291 20.75 -20.69 -9.87
CA THR B 291 19.32 -20.50 -9.57
C THR B 291 19.08 -19.31 -8.64
N LEU B 292 19.83 -19.26 -7.54
CA LEU B 292 19.71 -18.15 -6.60
C LEU B 292 20.13 -16.79 -7.20
N GLN B 293 21.28 -16.77 -7.89
CA GLN B 293 21.74 -15.55 -8.58
C GLN B 293 20.65 -14.98 -9.46
N GLU B 294 19.98 -15.87 -10.18
CA GLU B 294 18.95 -15.49 -11.13
C GLU B 294 17.71 -14.91 -10.41
N ILE B 295 17.36 -15.49 -9.26
CA ILE B 295 16.28 -14.97 -8.40
C ILE B 295 16.60 -13.52 -7.95
N VAL B 296 17.85 -13.24 -7.63
CA VAL B 296 18.26 -11.88 -7.31
C VAL B 296 18.08 -10.95 -8.51
N HIS B 297 18.58 -11.37 -9.67
CA HIS B 297 18.59 -10.49 -10.84
C HIS B 297 17.20 -10.13 -11.35
N THR B 298 16.22 -10.97 -11.02
CA THR B 298 14.88 -10.82 -11.59
C THR B 298 13.82 -10.44 -10.54
N ASN B 299 14.23 -10.02 -9.33
CA ASN B 299 13.31 -9.55 -8.30
C ASN B 299 12.26 -10.61 -7.97
N LYS B 300 12.64 -11.89 -7.98
CA LYS B 300 11.65 -12.93 -7.65
C LYS B 300 11.47 -13.03 -6.15
N THR B 301 10.31 -13.54 -5.76
CA THR B 301 10.01 -13.70 -4.34
C THR B 301 9.40 -15.09 -4.04
N ILE B 302 9.74 -15.63 -2.87
CA ILE B 302 9.19 -16.88 -2.35
C ILE B 302 8.51 -16.53 -1.03
N ILE B 303 7.25 -16.95 -0.89
CA ILE B 303 6.47 -16.57 0.30
C ILE B 303 5.76 -17.77 0.89
N GLY B 304 5.90 -17.92 2.21
CA GLY B 304 5.11 -18.91 2.95
C GLY B 304 3.73 -18.39 3.24
N LEU B 305 2.72 -19.18 2.87
CA LEU B 305 1.33 -18.74 2.88
C LEU B 305 0.55 -19.60 3.86
N VAL B 306 -0.08 -19.00 4.88
CA VAL B 306 -0.84 -19.81 5.85
C VAL B 306 -1.99 -19.03 6.50
N ASN B 307 -3.09 -19.75 6.70
CA ASN B 307 -4.19 -19.36 7.59
C ASN B 307 -4.98 -18.12 7.21
N GLY B 308 -6.27 -18.32 6.99
CA GLY B 308 -7.17 -17.21 6.72
C GLY B 308 -7.87 -16.80 8.01
N GLN B 309 -8.29 -15.54 8.05
CA GLN B 309 -8.99 -15.00 9.22
C GLN B 309 -10.36 -14.44 8.82
N LYS B 310 -11.05 -13.83 9.78
CA LYS B 310 -12.46 -13.49 9.55
C LYS B 310 -12.76 -12.72 8.25
N PRO B 311 -11.97 -11.67 7.93
CA PRO B 311 -12.26 -11.00 6.64
C PRO B 311 -12.18 -11.96 5.44
N HIS B 312 -11.29 -12.95 5.54
CA HIS B 312 -11.09 -13.93 4.47
C HIS B 312 -12.24 -14.93 4.40
N PHE B 313 -12.77 -15.33 5.55
CA PHE B 313 -14.01 -16.14 5.58
C PHE B 313 -15.16 -15.37 4.90
N GLN B 314 -15.30 -14.08 5.21
CA GLN B 314 -16.40 -13.32 4.65
C GLN B 314 -16.25 -13.18 3.15
N GLN B 315 -15.01 -12.96 2.67
CA GLN B 315 -14.77 -12.89 1.24
C GLN B 315 -15.05 -14.24 0.55
N ALA B 316 -14.73 -15.34 1.21
CA ALA B 316 -15.02 -16.69 0.73
C ALA B 316 -16.50 -16.90 0.50
N VAL B 317 -17.32 -16.40 1.43
CA VAL B 317 -18.78 -16.52 1.33
C VAL B 317 -19.25 -15.84 0.03
N VAL B 318 -18.75 -14.63 -0.21
CA VAL B 318 -19.14 -13.90 -1.41
C VAL B 318 -18.72 -14.66 -2.66
N HIS B 319 -17.51 -15.19 -2.66
CA HIS B 319 -17.03 -15.93 -3.83
C HIS B 319 -17.78 -17.24 -4.09
N LEU B 320 -18.05 -17.98 -3.00
CA LEU B 320 -18.90 -19.19 -3.11
C LEU B 320 -20.26 -18.88 -3.71
N ALA B 321 -20.88 -17.81 -3.21
CA ALA B 321 -22.13 -17.31 -3.78
C ALA B 321 -22.01 -17.02 -5.28
N SER B 322 -20.96 -16.29 -5.69
CA SER B 322 -20.71 -16.00 -7.11
C SER B 322 -20.59 -17.24 -7.97
N TRP B 323 -19.97 -18.28 -7.43
CA TRP B 323 -19.66 -19.48 -8.21
C TRP B 323 -20.91 -20.27 -8.53
N LYS B 324 -21.96 -20.08 -7.73
CA LYS B 324 -23.24 -20.73 -8.03
C LYS B 324 -23.82 -20.23 -9.35
N THR B 325 -23.47 -19.00 -9.73
CA THR B 325 -23.86 -18.43 -11.00
C THR B 325 -22.78 -18.60 -12.08
N LEU B 326 -21.53 -18.29 -11.71
CA LEU B 326 -20.44 -18.30 -12.69
C LEU B 326 -20.02 -19.68 -13.12
N TYR B 327 -19.86 -20.57 -12.14
CA TYR B 327 -19.30 -21.91 -12.35
C TYR B 327 -20.19 -22.94 -11.65
N PRO B 328 -21.46 -23.06 -12.09
CA PRO B 328 -22.42 -23.90 -11.37
C PRO B 328 -22.06 -25.39 -11.32
N LYS B 329 -21.50 -25.92 -12.41
CA LYS B 329 -21.10 -27.33 -12.45
C LYS B 329 -19.97 -27.62 -11.46
N ALA B 330 -18.94 -26.77 -11.46
CA ALA B 330 -17.85 -26.90 -10.50
C ALA B 330 -18.35 -26.75 -9.07
N ALA B 331 -19.19 -25.75 -8.84
CA ALA B 331 -19.72 -25.49 -7.50
C ALA B 331 -20.41 -26.73 -6.90
N LYS B 332 -21.21 -27.39 -7.71
CA LYS B 332 -21.94 -28.59 -7.30
C LYS B 332 -21.03 -29.79 -7.00
N MET B 333 -19.84 -29.80 -7.60
CA MET B 333 -18.86 -30.88 -7.38
C MET B 333 -17.91 -30.61 -6.22
N LEU B 334 -18.05 -29.46 -5.57
CA LEU B 334 -17.19 -29.15 -4.43
C LEU B 334 -17.48 -30.09 -3.26
N ILE B 335 -18.74 -30.47 -3.09
CA ILE B 335 -19.13 -31.42 -2.05
C ILE B 335 -19.16 -32.85 -2.63
N THR B 336 -18.18 -33.66 -2.23
CA THR B 336 -17.99 -35.01 -2.78
C THR B 336 -19.07 -35.96 -2.28
N LYS B 337 -19.33 -35.89 -0.97
CA LYS B 337 -20.43 -36.61 -0.36
C LYS B 337 -20.64 -36.21 1.10
N THR B 338 -21.75 -36.68 1.66
CA THR B 338 -22.11 -36.37 3.02
C THR B 338 -22.30 -37.65 3.81
N VAL B 339 -21.68 -37.70 5.00
CA VAL B 339 -21.80 -38.85 5.90
C VAL B 339 -22.56 -38.45 7.16
N SER B 340 -23.56 -39.25 7.53
CA SER B 340 -24.30 -39.00 8.75
C SER B 340 -23.42 -39.28 9.98
N ILE B 341 -23.54 -38.43 10.99
CA ILE B 341 -22.87 -38.64 12.27
C ILE B 341 -23.22 -40.00 12.87
N ASN B 342 -24.40 -40.50 12.50
CA ASN B 342 -24.94 -41.78 13.01
C ASN B 342 -24.42 -43.01 12.26
N ASP B 343 -23.69 -42.76 11.17
CA ASP B 343 -23.12 -43.83 10.37
C ASP B 343 -21.63 -43.99 10.72
N GLU B 344 -21.39 -44.60 11.88
CA GLU B 344 -20.07 -44.68 12.51
C GLU B 344 -19.02 -45.38 11.65
N LYS B 345 -19.39 -46.49 10.99
CA LYS B 345 -18.42 -47.25 10.20
C LYS B 345 -17.85 -46.40 9.05
N GLU B 346 -18.76 -45.80 8.29
CA GLU B 346 -18.41 -44.89 7.21
C GLU B 346 -17.73 -43.63 7.74
N LEU B 347 -18.25 -43.10 8.85
CA LEU B 347 -17.69 -41.90 9.47
C LEU B 347 -16.22 -42.11 9.83
N LEU B 348 -15.92 -43.18 10.56
CA LEU B 348 -14.53 -43.49 10.94
C LEU B 348 -13.65 -43.66 9.73
N LYS B 349 -14.18 -44.34 8.70
CA LYS B 349 -13.47 -44.53 7.44
C LYS B 349 -12.99 -43.18 6.87
N VAL B 350 -13.92 -42.25 6.71
CA VAL B 350 -13.59 -40.97 6.06
C VAL B 350 -12.78 -40.02 6.94
N LEU B 351 -12.87 -40.21 8.26
CA LEU B 351 -11.99 -39.49 9.19
C LEU B 351 -10.55 -39.99 9.09
N ARG B 352 -10.38 -41.27 8.77
CA ARG B 352 -9.04 -41.86 8.77
C ARG B 352 -8.24 -41.70 7.48
N GLU B 353 -8.94 -41.62 6.34
CA GLU B 353 -8.25 -41.60 5.07
C GLU B 353 -9.05 -40.92 3.96
N LYS B 354 -8.33 -40.19 3.10
CA LYS B 354 -8.92 -39.56 1.91
C LYS B 354 -9.22 -40.60 0.82
N GLU B 355 -10.32 -40.44 0.08
CA GLU B 355 -10.57 -41.21 -1.15
C GLU B 355 -10.00 -40.51 -2.39
N HIS B 356 -9.53 -41.26 -3.40
CA HIS B 356 -8.95 -40.63 -4.60
C HIS B 356 -9.91 -39.63 -5.22
N GLY B 357 -9.41 -38.46 -5.57
CA GLY B 357 -10.23 -37.42 -6.22
C GLY B 357 -11.28 -36.73 -5.35
N GLU B 358 -11.28 -37.02 -4.05
CA GLU B 358 -12.14 -36.36 -3.06
C GLU B 358 -11.86 -34.84 -3.06
N ILE B 359 -12.92 -34.04 -2.97
CA ILE B 359 -12.77 -32.60 -2.76
C ILE B 359 -13.16 -32.26 -1.32
N LYS B 360 -14.43 -32.45 -0.97
CA LYS B 360 -14.84 -32.23 0.43
C LYS B 360 -15.89 -33.23 0.88
N ILE B 361 -15.58 -33.90 2.00
CA ILE B 361 -16.56 -34.73 2.71
C ILE B 361 -17.20 -33.93 3.83
N ARG B 362 -18.53 -33.93 3.85
CA ARG B 362 -19.31 -33.24 4.85
C ARG B 362 -19.85 -34.25 5.86
N ILE B 363 -19.91 -33.87 7.14
CA ILE B 363 -20.59 -34.65 8.17
C ILE B 363 -21.92 -33.97 8.50
N LEU B 364 -23.01 -34.72 8.40
CA LEU B 364 -24.33 -34.18 8.70
C LEU B 364 -24.75 -34.59 10.11
N TRP B 365 -25.17 -33.62 10.92
CA TRP B 365 -25.68 -33.88 12.26
C TRP B 365 -27.20 -33.96 12.22
N GLU B 366 -27.72 -35.12 12.64
CA GLU B 366 -29.14 -35.43 12.54
C GLU B 366 -29.53 -36.49 13.58
N MET C 1 10.63 23.08 42.66
CA MET C 1 11.14 22.94 41.27
C MET C 1 10.68 24.12 40.42
N LYS C 2 11.61 24.78 39.74
CA LYS C 2 11.28 25.83 38.77
C LYS C 2 10.49 25.26 37.59
N ALA C 3 9.42 25.95 37.22
CA ALA C 3 8.50 25.51 36.19
C ALA C 3 7.76 26.71 35.61
N ILE C 4 7.45 26.60 34.32
CA ILE C 4 6.62 27.58 33.63
C ILE C 4 5.19 27.05 33.60
N ILE C 5 4.28 27.81 34.20
CA ILE C 5 2.91 27.33 34.43
C ILE C 5 1.81 28.24 33.90
N VAL C 6 0.71 27.60 33.49
CA VAL C 6 -0.46 28.29 32.97
C VAL C 6 -1.70 27.73 33.67
N LYS C 7 -2.83 28.43 33.55
CA LYS C 7 -4.06 28.02 34.22
C LYS C 7 -5.23 28.08 33.24
N PRO C 8 -5.30 27.15 32.27
CA PRO C 8 -6.32 27.18 31.21
C PRO C 8 -7.71 27.10 31.83
N PRO C 9 -8.71 27.78 31.24
CA PRO C 9 -8.67 28.60 30.03
C PRO C 9 -8.24 30.06 30.23
N ASN C 10 -7.81 30.40 31.45
CA ASN C 10 -7.47 31.77 31.79
C ASN C 10 -6.13 32.20 31.21
N ALA C 11 -6.01 33.49 30.87
CA ALA C 11 -4.76 34.02 30.32
C ALA C 11 -3.74 34.21 31.43
N GLY C 12 -2.46 34.09 31.06
CA GLY C 12 -1.37 34.30 32.01
C GLY C 12 -0.33 33.19 32.05
N VAL C 13 0.89 33.58 32.41
CA VAL C 13 2.00 32.65 32.56
C VAL C 13 2.98 33.13 33.64
N GLN C 14 3.49 32.18 34.41
CA GLN C 14 4.49 32.50 35.45
C GLN C 14 5.62 31.48 35.48
N VAL C 15 6.81 31.96 35.84
CA VAL C 15 7.92 31.08 36.14
C VAL C 15 8.03 31.09 37.65
N LYS C 16 7.65 29.99 38.28
CA LYS C 16 7.77 29.90 39.74
C LYS C 16 8.28 28.55 40.23
N ASP C 17 8.63 28.49 41.52
CA ASP C 17 9.00 27.23 42.15
C ASP C 17 7.73 26.49 42.55
N VAL C 18 7.62 25.24 42.10
CA VAL C 18 6.44 24.43 42.37
C VAL C 18 6.76 23.10 43.06
N ASP C 19 5.82 22.64 43.88
CA ASP C 19 5.89 21.36 44.57
C ASP C 19 6.04 20.18 43.57
N GLU C 20 7.23 19.59 43.56
CA GLU C 20 7.57 18.46 42.67
C GLU C 20 6.61 17.29 42.84
N LYS C 21 6.11 17.12 44.06
CA LYS C 21 5.11 16.08 44.36
C LYS C 21 3.85 16.23 43.53
N LYS C 22 3.55 17.46 43.12
CA LYS C 22 2.32 17.74 42.37
C LYS C 22 2.43 17.50 40.86
N LEU C 23 3.65 17.41 40.36
CA LEU C 23 3.88 17.35 38.91
C LEU C 23 3.75 15.96 38.36
N ASP C 24 3.28 15.83 37.12
CA ASP C 24 3.06 14.52 36.53
C ASP C 24 4.37 13.80 36.19
N SER C 25 4.42 12.52 36.57
CA SER C 25 5.51 11.63 36.22
C SER C 25 4.98 10.56 35.25
N TYR C 26 5.78 10.19 34.25
CA TYR C 26 5.36 9.27 33.20
C TYR C 26 6.13 7.95 33.13
N GLY C 27 7.17 7.82 33.95
CA GLY C 27 7.96 6.59 33.94
C GLY C 27 9.10 6.63 34.94
N LYS C 28 10.11 5.82 34.68
CA LYS C 28 11.23 5.64 35.62
C LYS C 28 12.50 6.44 35.30
N ILE C 29 12.60 6.95 34.07
CA ILE C 29 13.79 7.67 33.65
C ILE C 29 13.73 9.15 34.03
N LYS C 30 14.70 9.57 34.85
CA LYS C 30 14.86 10.98 35.22
C LYS C 30 15.60 11.75 34.12
N ILE C 31 14.94 12.81 33.64
CA ILE C 31 15.46 13.62 32.54
C ILE C 31 15.59 15.06 33.00
N ARG C 32 16.79 15.63 32.91
CA ARG C 32 16.99 17.03 33.30
C ARG C 32 16.88 17.90 32.06
N THR C 33 15.94 18.85 32.08
CA THR C 33 15.67 19.68 30.91
C THR C 33 16.87 20.58 30.56
N ILE C 34 17.22 20.62 29.27
CA ILE C 34 18.24 21.57 28.80
C ILE C 34 17.63 22.64 27.88
N TYR C 35 16.79 22.23 26.94
CA TYR C 35 16.10 23.18 26.06
C TYR C 35 14.60 22.96 26.00
N ASN C 36 13.86 24.05 25.89
CA ASN C 36 12.49 24.00 25.39
C ASN C 36 12.36 24.80 24.10
N GLY C 37 11.32 24.50 23.34
CA GLY C 37 10.90 25.30 22.20
C GLY C 37 9.59 25.96 22.52
N ILE C 38 9.33 27.13 21.94
CA ILE C 38 8.05 27.83 22.09
C ILE C 38 7.40 27.84 20.72
N CYS C 39 6.11 27.60 20.66
CA CYS C 39 5.38 27.80 19.39
C CYS C 39 4.03 28.49 19.59
N GLY C 40 3.31 28.69 18.49
CA GLY C 40 2.01 29.35 18.53
C GLY C 40 1.02 28.76 19.53
N ALA C 41 1.04 27.44 19.70
CA ALA C 41 0.13 26.80 20.65
C ALA C 41 0.44 27.26 22.08
N ASP C 42 1.72 27.44 22.39
CA ASP C 42 2.13 27.99 23.66
C ASP C 42 1.59 29.41 23.85
N ARG C 43 1.75 30.24 22.82
CA ARG C 43 1.28 31.63 22.88
C ARG C 43 -0.24 31.67 23.07
N GLU C 44 -0.94 30.75 22.41
CA GLU C 44 -2.42 30.70 22.50
C GLU C 44 -2.85 30.42 23.92
N ILE C 45 -2.26 29.41 24.57
CA ILE C 45 -2.61 29.07 25.95
C ILE C 45 -2.21 30.21 26.89
N VAL C 46 -1.03 30.77 26.65
CA VAL C 46 -0.57 31.90 27.47
C VAL C 46 -1.60 33.04 27.37
N ASN C 47 -2.16 33.23 26.18
CA ASN C 47 -3.08 34.34 25.99
C ASN C 47 -4.53 33.96 26.26
N GLY C 48 -4.75 32.72 26.68
CA GLY C 48 -6.08 32.24 27.06
C GLY C 48 -7.03 32.08 25.88
N LYS C 49 -6.49 31.60 24.76
CA LYS C 49 -7.27 31.43 23.52
C LYS C 49 -7.55 29.95 23.20
N LEU C 50 -6.92 29.04 23.95
CA LEU C 50 -7.11 27.59 23.77
C LEU C 50 -7.86 26.93 24.93
N LYS C 59 -5.60 19.58 39.57
CA LYS C 59 -4.55 20.59 39.54
C LYS C 59 -5.10 22.02 39.48
N ASP C 60 -4.39 22.94 40.14
CA ASP C 60 -4.67 24.37 40.03
C ASP C 60 -3.99 24.98 38.81
N PHE C 61 -3.02 24.25 38.27
CA PHE C 61 -2.17 24.76 37.19
C PHE C 61 -1.67 23.63 36.28
N LEU C 62 -1.15 24.02 35.13
CA LEU C 62 -0.55 23.11 34.15
C LEU C 62 0.86 23.56 33.81
N VAL C 63 1.80 22.61 33.79
CA VAL C 63 3.15 22.95 33.32
C VAL C 63 3.08 23.10 31.80
N LEU C 64 3.51 24.27 31.31
CA LEU C 64 3.50 24.57 29.88
C LEU C 64 4.59 23.79 29.16
N GLY C 65 4.40 23.64 27.84
CA GLY C 65 5.50 23.29 26.93
C GLY C 65 5.49 21.84 26.48
N HIS C 66 5.66 21.64 25.18
CA HIS C 66 5.60 20.27 24.63
C HIS C 66 6.77 20.00 23.71
N GLU C 67 7.69 20.97 23.63
CA GLU C 67 8.92 20.85 22.84
C GLU C 67 10.07 20.87 23.84
N ALA C 68 10.78 19.75 23.96
CA ALA C 68 11.86 19.62 24.94
C ALA C 68 13.02 18.73 24.49
N ILE C 69 14.23 19.11 24.90
CA ILE C 69 15.39 18.21 24.90
C ILE C 69 15.90 18.18 26.33
N GLY C 70 16.04 16.99 26.88
CA GLY C 70 16.59 16.81 28.21
C GLY C 70 17.75 15.84 28.19
N VAL C 71 18.41 15.74 29.34
CA VAL C 71 19.59 14.89 29.49
C VAL C 71 19.29 13.77 30.47
N VAL C 72 19.63 12.54 30.08
CA VAL C 72 19.41 11.38 30.93
C VAL C 72 20.35 11.45 32.13
N GLU C 73 19.76 11.45 33.33
CA GLU C 73 20.48 11.64 34.59
C GLU C 73 21.28 10.41 35.02
N GLU C 74 20.80 9.21 34.67
CA GLU C 74 21.48 7.95 35.00
C GLU C 74 21.44 6.95 33.84
N SER C 75 22.34 5.96 33.85
CA SER C 75 22.31 4.93 32.81
C SER C 75 21.17 3.93 33.08
N TYR C 76 20.21 3.90 32.17
CA TYR C 76 19.06 3.00 32.25
C TYR C 76 19.12 2.00 31.10
N HIS C 77 18.15 1.08 31.05
CA HIS C 77 18.05 0.13 29.94
C HIS C 77 17.92 0.90 28.61
N GLY C 78 19.00 0.92 27.84
CA GLY C 78 19.01 1.56 26.52
C GLY C 78 19.42 3.02 26.47
N PHE C 79 19.59 3.64 27.65
CA PHE C 79 19.88 5.07 27.72
C PHE C 79 21.07 5.36 28.64
N SER C 80 22.12 5.97 28.09
CA SER C 80 23.34 6.25 28.85
C SER C 80 23.28 7.61 29.51
N GLN C 81 23.89 7.73 30.68
CA GLN C 81 24.00 9.03 31.35
C GLN C 81 24.59 10.05 30.40
N GLY C 82 23.94 11.21 30.31
CA GLY C 82 24.40 12.28 29.43
C GLY C 82 23.76 12.28 28.06
N ASP C 83 23.01 11.24 27.74
CA ASP C 83 22.31 11.17 26.46
C ASP C 83 21.23 12.24 26.39
N LEU C 84 21.06 12.82 25.22
CA LEU C 84 20.01 13.80 24.97
C LEU C 84 18.78 13.11 24.44
N VAL C 85 17.63 13.49 24.97
CA VAL C 85 16.39 12.87 24.56
C VAL C 85 15.31 13.91 24.39
N MET C 86 14.32 13.59 23.57
CA MET C 86 13.15 14.42 23.37
C MET C 86 11.89 13.59 23.59
N PRO C 87 10.95 14.08 24.44
CA PRO C 87 9.71 13.34 24.66
C PRO C 87 8.70 13.54 23.53
N VAL C 88 7.98 12.47 23.20
CA VAL C 88 6.86 12.60 22.30
C VAL C 88 5.76 13.28 23.10
N ASN C 89 5.11 14.29 22.53
CA ASN C 89 4.14 15.09 23.29
C ASN C 89 2.69 14.58 23.39
N ARG C 90 2.17 13.92 22.33
CA ARG C 90 0.81 13.36 22.39
C ARG C 90 0.91 11.90 22.76
N ARG C 91 0.14 11.50 23.77
CA ARG C 91 0.21 10.15 24.29
C ARG C 91 -1.18 9.58 24.30
N GLY C 92 -1.28 8.27 24.15
CA GLY C 92 -2.53 7.63 23.83
C GLY C 92 -3.58 7.52 24.90
N CYS C 93 -4.74 7.04 24.50
CA CYS C 93 -5.91 6.89 25.38
C CYS C 93 -5.97 5.53 26.06
N GLY C 94 -5.12 4.61 25.62
CA GLY C 94 -5.05 3.24 26.17
C GLY C 94 -6.20 2.32 25.86
N ILE C 95 -7.13 2.77 25.02
CA ILE C 95 -8.33 1.98 24.70
C ILE C 95 -8.36 1.55 23.23
N CYS C 96 -8.18 2.51 22.33
CA CYS C 96 -8.42 2.25 20.91
C CYS C 96 -7.21 1.59 20.24
N ARG C 97 -7.49 0.94 19.11
CA ARG C 97 -6.48 0.12 18.42
C ARG C 97 -5.35 0.98 17.85
N ASN C 98 -5.66 2.20 17.44
CA ASN C 98 -4.59 3.09 16.96
C ASN C 98 -3.61 3.53 18.06
N CYS C 99 -4.15 3.86 19.22
CA CYS C 99 -3.31 4.14 20.38
C CYS C 99 -2.50 2.90 20.80
N LEU C 100 -3.14 1.74 20.72
CA LEU C 100 -2.49 0.52 21.18
C LEU C 100 -1.30 0.13 20.30
N VAL C 101 -1.27 0.63 19.06
CA VAL C 101 -0.11 0.42 18.19
C VAL C 101 0.87 1.61 18.14
N GLY C 102 0.74 2.52 19.10
CA GLY C 102 1.68 3.63 19.22
C GLY C 102 1.36 4.81 18.33
N ARG C 103 0.09 4.93 17.93
CA ARG C 103 -0.29 5.97 16.97
C ARG C 103 -1.53 6.78 17.38
N PRO C 104 -1.42 7.48 18.52
CA PRO C 104 -2.50 8.34 18.99
C PRO C 104 -2.76 9.54 18.09
N ASP C 105 -1.93 9.77 17.07
CA ASP C 105 -2.27 10.77 16.06
C ASP C 105 -3.59 10.42 15.37
N PHE C 106 -3.96 9.13 15.44
CA PHE C 106 -5.18 8.61 14.81
C PHE C 106 -6.18 8.06 15.84
N CYS C 107 -6.01 8.47 17.09
CA CYS C 107 -6.89 8.07 18.19
C CYS C 107 -8.36 8.20 17.86
N GLU C 108 -9.09 7.13 18.14
CA GLU C 108 -10.52 7.00 17.76
C GLU C 108 -11.45 7.47 18.89
N THR C 109 -10.91 7.74 20.06
CA THR C 109 -11.78 8.10 21.22
C THR C 109 -11.71 9.58 21.54
N GLY C 110 -10.59 10.18 21.15
CA GLY C 110 -10.27 11.58 21.46
C GLY C 110 -9.81 11.78 22.90
N GLU C 111 -9.56 10.68 23.61
CA GLU C 111 -9.19 10.73 25.04
C GLU C 111 -7.68 10.61 25.25
N PHE C 112 -6.93 11.03 24.25
CA PHE C 112 -5.48 11.14 24.33
C PHE C 112 -5.07 12.35 25.19
N GLY C 113 -3.81 12.37 25.60
CA GLY C 113 -3.27 13.54 26.27
C GLY C 113 -2.29 14.28 25.38
N GLU C 114 -2.13 15.58 25.62
CA GLU C 114 -1.07 16.35 24.96
C GLU C 114 -0.29 17.17 25.98
N ALA C 115 0.99 16.81 26.15
CA ALA C 115 1.88 17.49 27.09
C ALA C 115 1.76 19.00 26.99
N GLY C 116 1.57 19.66 28.13
CA GLY C 116 1.59 21.12 28.14
C GLY C 116 0.40 21.80 27.50
N ILE C 117 -0.63 21.02 27.14
CA ILE C 117 -1.83 21.51 26.47
C ILE C 117 -3.10 20.99 27.15
N HIS C 118 -3.23 19.66 27.26
CA HIS C 118 -4.38 19.07 27.96
C HIS C 118 -4.07 17.70 28.58
N LYS C 119 -4.56 17.52 29.81
CA LYS C 119 -4.49 16.23 30.52
C LYS C 119 -3.13 15.91 31.15
N MET C 120 -2.07 16.54 30.62
CA MET C 120 -0.69 16.15 30.87
C MET C 120 0.18 17.37 31.16
N ASP C 121 0.89 17.40 32.31
CA ASP C 121 1.93 18.42 32.49
C ASP C 121 2.95 18.40 31.36
N GLY C 122 3.34 19.59 30.91
CA GLY C 122 4.39 19.76 29.91
C GLY C 122 5.80 19.65 30.44
N PHE C 123 6.74 20.20 29.68
CA PHE C 123 8.17 19.94 29.88
C PHE C 123 8.98 21.20 30.15
N MET C 124 8.31 22.34 30.32
CA MET C 124 8.99 23.57 30.81
C MET C 124 9.11 23.52 32.34
N ARG C 125 9.93 22.58 32.81
CA ARG C 125 10.20 22.40 34.24
C ARG C 125 11.62 21.86 34.35
N GLU C 126 12.20 21.91 35.54
CA GLU C 126 13.61 21.56 35.73
C GLU C 126 13.91 20.14 35.28
N TRP C 127 13.06 19.21 35.69
CA TRP C 127 13.18 17.84 35.25
C TRP C 127 11.86 17.10 35.31
N TRP C 128 11.81 15.96 34.62
CA TRP C 128 10.64 15.11 34.69
C TRP C 128 11.07 13.65 34.59
N TYR C 129 10.15 12.76 34.97
CA TYR C 129 10.34 11.32 34.81
C TYR C 129 9.54 10.84 33.64
N ASP C 130 10.16 10.04 32.79
CA ASP C 130 9.47 9.54 31.62
C ASP C 130 9.72 8.06 31.39
N ASP C 131 8.87 7.50 30.54
CA ASP C 131 8.93 6.11 30.13
C ASP C 131 9.80 6.08 28.86
N PRO C 132 10.80 5.18 28.81
CA PRO C 132 11.68 5.05 27.65
C PRO C 132 10.95 4.93 26.31
N LYS C 133 9.74 4.38 26.32
CA LYS C 133 8.99 4.22 25.08
C LYS C 133 8.66 5.56 24.39
N TYR C 134 8.61 6.64 25.18
CA TYR C 134 8.22 7.96 24.66
C TYR C 134 9.39 8.91 24.39
N LEU C 135 10.60 8.38 24.52
CA LEU C 135 11.79 9.19 24.35
C LEU C 135 12.46 8.92 23.02
N VAL C 136 12.75 10.01 22.31
CA VAL C 136 13.45 9.96 21.04
C VAL C 136 14.88 10.38 21.32
N LYS C 137 15.83 9.63 20.79
CA LYS C 137 17.23 9.93 21.02
C LYS C 137 17.63 11.09 20.11
N ILE C 138 18.27 12.11 20.68
CA ILE C 138 18.72 13.28 19.94
C ILE C 138 20.24 13.28 19.87
N PRO C 139 20.82 13.02 18.69
CA PRO C 139 22.27 13.00 18.57
C PRO C 139 22.93 14.30 19.03
N LYS C 140 24.06 14.19 19.73
CA LYS C 140 24.76 15.38 20.20
C LYS C 140 25.12 16.29 19.01
N SER C 141 25.37 15.68 17.85
CA SER C 141 25.76 16.40 16.63
C SER C 141 24.68 17.34 16.09
N ILE C 142 23.44 17.22 16.61
CA ILE C 142 22.36 18.13 16.24
C ILE C 142 21.76 18.82 17.47
N GLU C 143 22.53 18.95 18.55
CA GLU C 143 22.01 19.56 19.77
C GLU C 143 21.44 20.96 19.50
N ASP C 144 22.08 21.69 18.60
CA ASP C 144 21.76 23.11 18.42
C ASP C 144 20.41 23.34 17.77
N ILE C 145 20.07 22.50 16.78
CA ILE C 145 18.81 22.63 16.02
C ILE C 145 17.83 21.50 16.31
N GLY C 146 18.27 20.57 17.15
CA GLY C 146 17.49 19.40 17.55
C GLY C 146 16.11 19.67 18.11
N ILE C 147 15.93 20.83 18.74
CA ILE C 147 14.63 21.16 19.32
C ILE C 147 13.56 21.19 18.23
N LEU C 148 13.97 21.45 16.97
CA LEU C 148 13.03 21.45 15.84
C LEU C 148 12.47 20.08 15.46
N ALA C 149 12.99 19.01 16.05
CA ALA C 149 12.49 17.67 15.69
C ALA C 149 11.02 17.48 16.06
N GLN C 150 10.57 18.19 17.11
CA GLN C 150 9.16 18.10 17.52
C GLN C 150 8.25 18.75 16.46
N PRO C 151 8.44 20.03 16.11
CA PRO C 151 7.56 20.58 15.07
C PRO C 151 7.74 19.88 13.74
N LEU C 152 8.97 19.48 13.42
CA LEU C 152 9.22 18.80 12.15
C LEU C 152 8.49 17.45 12.07
N ALA C 153 8.32 16.78 13.21
CA ALA C 153 7.60 15.50 13.25
C ALA C 153 6.16 15.61 12.71
N ASP C 154 5.48 16.71 13.04
CA ASP C 154 4.10 16.89 12.55
C ASP C 154 4.11 16.92 11.03
N ILE C 155 5.15 17.56 10.50
CA ILE C 155 5.31 17.76 9.06
C ILE C 155 5.77 16.48 8.37
N GLU C 156 6.66 15.72 9.01
CA GLU C 156 7.05 14.40 8.49
C GLU C 156 5.82 13.49 8.34
N LYS C 157 4.97 13.47 9.38
CA LYS C 157 3.73 12.67 9.33
C LYS C 157 2.82 13.13 8.20
N SER C 158 2.72 14.45 8.07
CA SER C 158 1.84 15.07 7.07
C SER C 158 2.26 14.69 5.67
N ILE C 159 3.55 14.84 5.37
CA ILE C 159 4.03 14.48 4.01
C ILE C 159 3.89 12.96 3.77
N GLU C 160 4.22 12.17 4.77
CA GLU C 160 4.05 10.71 4.70
C GLU C 160 2.62 10.36 4.32
N GLU C 161 1.68 11.03 4.99
CA GLU C 161 0.28 10.74 4.73
C GLU C 161 -0.15 11.17 3.32
N ILE C 162 0.32 12.32 2.87
CA ILE C 162 0.01 12.78 1.52
C ILE C 162 0.53 11.77 0.49
N LEU C 163 1.77 11.31 0.70
CA LEU C 163 2.37 10.34 -0.22
C LEU C 163 1.63 8.99 -0.17
N GLU C 164 1.18 8.57 1.02
CA GLU C 164 0.36 7.35 1.17
C GLU C 164 -0.95 7.46 0.40
N VAL C 165 -1.65 8.58 0.59
CA VAL C 165 -2.93 8.81 -0.07
C VAL C 165 -2.72 8.76 -1.60
N GLN C 166 -1.62 9.33 -2.06
CA GLN C 166 -1.43 9.45 -3.51
C GLN C 166 -1.07 8.12 -4.19
N LYS C 167 -0.84 7.07 -3.37
CA LYS C 167 -0.77 5.69 -3.92
C LYS C 167 -2.05 5.30 -4.65
N ARG C 168 -3.16 6.00 -4.36
CA ARG C 168 -4.43 5.77 -5.10
C ARG C 168 -4.33 6.08 -6.59
N VAL C 169 -3.39 6.94 -6.95
CA VAL C 169 -3.15 7.27 -8.34
C VAL C 169 -2.26 6.18 -8.95
N PRO C 170 -2.72 5.52 -10.03
CA PRO C 170 -1.94 4.43 -10.63
C PRO C 170 -0.47 4.80 -10.89
N VAL C 171 -0.22 5.98 -11.46
CA VAL C 171 1.15 6.45 -11.62
C VAL C 171 1.21 7.94 -11.23
N TRP C 172 1.74 8.25 -10.04
CA TRP C 172 1.90 9.63 -9.61
C TRP C 172 3.36 10.06 -9.70
N THR C 173 4.22 9.13 -10.06
CA THR C 173 5.63 9.45 -10.27
C THR C 173 5.77 10.08 -11.66
N CYS C 174 6.99 10.54 -11.96
CA CYS C 174 7.28 11.30 -13.18
C CYS C 174 7.98 10.43 -14.23
N ASP C 175 8.40 11.03 -15.35
CA ASP C 175 9.06 10.25 -16.41
C ASP C 175 10.32 9.54 -15.95
N ASP C 176 10.95 10.11 -14.93
CA ASP C 176 12.21 9.58 -14.42
C ASP C 176 12.02 8.74 -13.15
N GLY C 177 10.77 8.39 -12.81
CA GLY C 177 10.50 7.58 -11.64
C GLY C 177 10.53 8.30 -10.32
N THR C 178 10.82 9.62 -10.36
CA THR C 178 10.84 10.45 -9.14
C THR C 178 9.55 11.27 -8.99
N LEU C 179 9.52 12.14 -7.98
CA LEU C 179 8.42 13.10 -7.88
C LEU C 179 8.92 14.51 -8.22
N ASN C 180 10.06 14.60 -8.91
CA ASN C 180 10.67 15.90 -9.20
C ASN C 180 9.75 16.82 -9.99
N CYS C 181 8.86 16.22 -10.79
CA CYS C 181 7.95 17.01 -11.66
C CYS C 181 6.73 17.51 -10.91
N ARG C 182 6.54 17.01 -9.69
CA ARG C 182 5.38 17.40 -8.90
C ARG C 182 5.61 18.75 -8.24
N LYS C 183 4.58 19.58 -8.23
CA LYS C 183 4.71 20.95 -7.70
C LYS C 183 3.85 21.15 -6.48
N VAL C 184 4.42 21.79 -5.46
CA VAL C 184 3.75 22.06 -4.18
C VAL C 184 3.65 23.55 -3.96
N LEU C 185 2.47 24.02 -3.56
CA LEU C 185 2.28 25.41 -3.15
C LEU C 185 2.14 25.39 -1.65
N VAL C 186 3.07 26.03 -0.94
CA VAL C 186 3.00 26.12 0.52
C VAL C 186 2.54 27.53 0.82
N VAL C 187 1.36 27.62 1.43
CA VAL C 187 0.72 28.90 1.70
C VAL C 187 0.98 29.26 3.16
N GLY C 188 1.72 30.35 3.36
CA GLY C 188 2.19 30.71 4.69
C GLY C 188 3.67 30.36 4.87
N THR C 189 4.45 31.27 5.43
CA THR C 189 5.91 31.11 5.50
C THR C 189 6.48 31.22 6.93
N GLY C 190 5.65 30.85 7.90
CA GLY C 190 6.09 30.71 9.29
C GLY C 190 7.02 29.52 9.48
N PRO C 191 7.33 29.18 10.75
CA PRO C 191 8.13 27.98 10.99
C PRO C 191 7.55 26.76 10.29
N ILE C 192 6.23 26.62 10.31
CA ILE C 192 5.58 25.49 9.62
C ILE C 192 5.81 25.54 8.11
N GLY C 193 5.55 26.69 7.49
CA GLY C 193 5.73 26.80 6.05
C GLY C 193 7.17 26.54 5.63
N VAL C 194 8.08 27.09 6.41
CA VAL C 194 9.52 26.90 6.16
C VAL C 194 9.90 25.42 6.25
N LEU C 195 9.42 24.75 7.30
CA LEU C 195 9.72 23.32 7.46
C LEU C 195 9.10 22.46 6.37
N PHE C 196 7.84 22.75 5.98
CA PHE C 196 7.24 22.09 4.81
C PHE C 196 8.09 22.27 3.54
N THR C 197 8.53 23.49 3.30
CA THR C 197 9.37 23.79 2.13
C THR C 197 10.66 23.00 2.15
N LEU C 198 11.37 23.02 3.27
CA LEU C 198 12.62 22.29 3.42
C LEU C 198 12.43 20.79 3.18
N LEU C 199 11.41 20.22 3.82
CA LEU C 199 11.18 18.79 3.67
C LEU C 199 10.73 18.42 2.24
N PHE C 200 9.80 19.16 1.64
CA PHE C 200 9.37 18.84 0.25
C PHE C 200 10.55 18.96 -0.72
N ARG C 201 11.44 19.94 -0.50
CA ARG C 201 12.60 20.09 -1.38
C ARG C 201 13.60 18.96 -1.13
N THR C 202 13.71 18.53 0.13
CA THR C 202 14.54 17.36 0.46
C THR C 202 14.09 16.13 -0.34
N TYR C 203 12.78 15.97 -0.45
CA TYR C 203 12.17 14.89 -1.23
C TYR C 203 12.23 15.11 -2.74
N GLY C 204 12.56 16.33 -3.15
CA GLY C 204 12.84 16.64 -4.55
C GLY C 204 11.71 17.30 -5.30
N LEU C 205 10.55 17.50 -4.65
CA LEU C 205 9.42 18.13 -5.34
C LEU C 205 9.72 19.63 -5.52
N GLU C 206 9.11 20.24 -6.54
CA GLU C 206 9.26 21.67 -6.73
C GLU C 206 8.36 22.38 -5.73
N VAL C 207 8.85 23.48 -5.17
CA VAL C 207 8.06 24.22 -4.17
C VAL C 207 7.89 25.68 -4.55
N TRP C 208 6.66 26.18 -4.36
CA TRP C 208 6.39 27.61 -4.37
C TRP C 208 5.90 27.97 -2.97
N MET C 209 6.54 28.95 -2.34
CA MET C 209 6.05 29.51 -1.07
C MET C 209 5.26 30.75 -1.42
N ALA C 210 4.16 30.98 -0.72
CA ALA C 210 3.35 32.19 -0.95
C ALA C 210 3.00 32.90 0.36
N ASN C 211 3.07 34.22 0.32
CA ASN C 211 2.61 35.05 1.43
C ASN C 211 2.26 36.41 0.86
N ARG C 212 1.47 37.17 1.62
CA ARG C 212 0.93 38.44 1.18
C ARG C 212 1.89 39.60 1.51
N ARG C 213 3.11 39.47 1.01
CA ARG C 213 4.20 40.44 1.21
C ARG C 213 5.44 39.88 0.51
N GLU C 214 6.51 40.66 0.49
CA GLU C 214 7.80 40.17 0.02
C GLU C 214 8.49 39.34 1.10
N PRO C 215 9.47 38.49 0.74
CA PRO C 215 10.14 37.62 1.72
C PRO C 215 10.94 38.37 2.79
N THR C 216 11.07 37.76 3.96
CA THR C 216 11.99 38.23 5.01
C THR C 216 13.40 37.76 4.62
N GLU C 217 14.42 38.25 5.32
CA GLU C 217 15.80 37.80 5.12
C GLU C 217 15.95 36.29 5.24
N VAL C 218 15.40 35.73 6.32
CA VAL C 218 15.43 34.29 6.56
C VAL C 218 14.72 33.55 5.44
N GLU C 219 13.50 33.98 5.10
CA GLU C 219 12.78 33.34 4.00
C GLU C 219 13.56 33.43 2.68
N GLN C 220 14.16 34.59 2.40
CA GLN C 220 14.98 34.73 1.20
C GLN C 220 16.17 33.77 1.14
N THR C 221 16.79 33.55 2.30
CA THR C 221 17.88 32.57 2.41
C THR C 221 17.41 31.16 2.08
N VAL C 222 16.27 30.78 2.65
CA VAL C 222 15.70 29.46 2.41
C VAL C 222 15.34 29.32 0.92
N ILE C 223 14.74 30.37 0.35
CA ILE C 223 14.36 30.39 -1.07
C ILE C 223 15.58 30.13 -1.94
N GLU C 224 16.64 30.87 -1.69
CA GLU C 224 17.82 30.80 -2.53
C GLU C 224 18.60 29.49 -2.36
N GLU C 225 18.75 29.06 -1.11
CA GLU C 225 19.59 27.90 -0.83
C GLU C 225 18.93 26.60 -1.25
N THR C 226 17.61 26.53 -1.13
CA THR C 226 16.90 25.31 -1.51
C THR C 226 16.38 25.31 -2.97
N LYS C 227 16.64 26.40 -3.71
CA LYS C 227 16.04 26.59 -5.06
C LYS C 227 14.53 26.40 -5.08
N THR C 228 13.89 27.15 -4.20
CA THR C 228 12.45 27.25 -4.06
C THR C 228 12.01 28.57 -4.70
N ASN C 229 10.79 28.55 -5.23
CA ASN C 229 10.15 29.73 -5.79
C ASN C 229 9.30 30.45 -4.76
N TYR C 230 9.11 31.74 -4.95
CA TYR C 230 8.26 32.52 -4.05
C TYR C 230 7.25 33.35 -4.84
N TYR C 231 6.02 33.43 -4.31
CA TYR C 231 4.94 34.22 -4.91
C TYR C 231 4.32 35.15 -3.88
N ASN C 232 4.34 36.46 -4.19
CA ASN C 232 3.66 37.48 -3.39
C ASN C 232 2.16 37.44 -3.73
N SER C 233 1.35 36.96 -2.78
CA SER C 233 -0.06 36.71 -3.03
C SER C 233 -0.92 37.86 -2.55
N SER C 234 -0.33 39.05 -2.39
CA SER C 234 -1.06 40.19 -1.81
C SER C 234 -2.33 40.53 -2.58
N ASN C 235 -2.33 40.29 -3.89
CA ASN C 235 -3.46 40.64 -4.73
C ASN C 235 -4.13 39.41 -5.37
N GLY C 236 -4.00 38.28 -4.68
CA GLY C 236 -4.63 37.05 -5.15
C GLY C 236 -3.68 36.17 -5.94
N TYR C 237 -4.23 35.09 -6.46
CA TYR C 237 -3.46 34.02 -7.08
C TYR C 237 -3.59 33.96 -8.60
N ASP C 238 -4.39 34.83 -9.21
CA ASP C 238 -4.55 34.75 -10.67
C ASP C 238 -3.20 34.81 -11.43
N LYS C 239 -2.30 35.70 -11.01
CA LYS C 239 -1.00 35.83 -11.68
C LYS C 239 -0.20 34.54 -11.62
N LEU C 240 -0.21 33.88 -10.46
CA LEU C 240 0.52 32.63 -10.30
C LEU C 240 -0.05 31.55 -11.21
N LYS C 241 -1.38 31.45 -11.22
CA LYS C 241 -2.10 30.49 -12.05
C LYS C 241 -1.79 30.70 -13.53
N ASP C 242 -1.76 31.96 -13.96
CA ASP C 242 -1.48 32.31 -15.36
C ASP C 242 -0.07 31.96 -15.76
N SER C 243 0.89 32.10 -14.84
CA SER C 243 2.30 31.88 -15.15
C SER C 243 2.71 30.41 -14.99
N VAL C 244 2.38 29.84 -13.83
CA VAL C 244 2.88 28.53 -13.43
C VAL C 244 1.87 27.44 -13.71
N GLY C 245 0.60 27.80 -13.68
CA GLY C 245 -0.46 26.82 -13.79
C GLY C 245 -0.84 26.26 -12.44
N LYS C 246 -1.22 24.98 -12.45
CA LYS C 246 -1.79 24.34 -11.27
C LYS C 246 -0.79 23.47 -10.51
N PHE C 247 -1.16 23.12 -9.28
CA PHE C 247 -0.24 22.43 -8.37
C PHE C 247 -0.74 21.05 -7.99
N ASP C 248 0.19 20.09 -7.84
CA ASP C 248 -0.18 18.75 -7.41
C ASP C 248 -0.49 18.63 -5.93
N VAL C 249 0.13 19.49 -5.13
CA VAL C 249 -0.10 19.53 -3.66
C VAL C 249 -0.21 20.99 -3.24
N ILE C 250 -1.18 21.29 -2.37
CA ILE C 250 -1.27 22.65 -1.81
C ILE C 250 -1.37 22.47 -0.32
N ILE C 251 -0.50 23.15 0.42
CA ILE C 251 -0.49 23.08 1.86
C ILE C 251 -0.98 24.39 2.45
N ASP C 252 -2.04 24.34 3.26
CA ASP C 252 -2.42 25.53 4.02
C ASP C 252 -1.69 25.53 5.35
N ALA C 253 -0.67 26.39 5.45
CA ALA C 253 0.16 26.53 6.66
C ALA C 253 -0.04 27.91 7.31
N THR C 254 -1.21 28.52 7.10
CA THR C 254 -1.44 29.91 7.53
C THR C 254 -2.03 30.11 8.92
N GLY C 255 -3.02 29.31 9.28
CA GLY C 255 -3.82 29.58 10.48
C GLY C 255 -4.67 30.82 10.37
N ALA C 256 -4.96 31.21 9.12
CA ALA C 256 -5.65 32.48 8.85
C ALA C 256 -7.12 32.24 8.52
N ASP C 257 -7.75 33.25 7.93
CA ASP C 257 -9.14 33.15 7.56
C ASP C 257 -9.29 32.03 6.52
N VAL C 258 -10.35 31.23 6.65
CA VAL C 258 -10.58 30.09 5.75
C VAL C 258 -10.79 30.49 4.30
N ASN C 259 -11.09 31.75 4.05
CA ASN C 259 -11.25 32.19 2.67
C ASN C 259 -9.95 32.07 1.84
N ILE C 260 -8.83 31.88 2.54
CA ILE C 260 -7.60 31.52 1.85
C ILE C 260 -7.83 30.26 0.99
N LEU C 261 -8.68 29.35 1.47
CA LEU C 261 -8.94 28.12 0.72
C LEU C 261 -9.68 28.41 -0.58
N GLY C 262 -10.61 29.37 -0.54
CA GLY C 262 -11.33 29.73 -1.77
C GLY C 262 -10.37 30.28 -2.81
N ASN C 263 -9.30 30.94 -2.35
CA ASN C 263 -8.36 31.52 -3.28
C ASN C 263 -7.44 30.48 -3.89
N VAL C 264 -7.14 29.42 -3.15
CA VAL C 264 -6.14 28.46 -3.63
C VAL C 264 -6.72 27.20 -4.24
N ILE C 265 -7.97 26.88 -3.88
CA ILE C 265 -8.62 25.72 -4.50
C ILE C 265 -8.58 25.75 -6.05
N PRO C 266 -8.80 26.92 -6.68
CA PRO C 266 -8.75 26.97 -8.14
C PRO C 266 -7.37 26.69 -8.75
N LEU C 267 -6.36 26.52 -7.90
CA LEU C 267 -5.00 26.27 -8.38
C LEU C 267 -4.61 24.80 -8.21
N LEU C 268 -5.53 23.99 -7.68
CA LEU C 268 -5.23 22.57 -7.51
C LEU C 268 -5.39 21.82 -8.84
N GLY C 269 -4.40 20.98 -9.14
CA GLY C 269 -4.35 20.24 -10.40
C GLY C 269 -5.05 18.88 -10.34
N ARG C 270 -5.16 18.26 -11.50
CA ARG C 270 -5.80 16.96 -11.60
C ARG C 270 -5.11 15.98 -10.66
N ASN C 271 -5.93 15.18 -9.99
CA ASN C 271 -5.45 14.16 -9.03
C ASN C 271 -4.75 14.74 -7.79
N GLY C 272 -4.85 16.06 -7.61
CA GLY C 272 -4.09 16.75 -6.58
C GLY C 272 -4.66 16.65 -5.18
N VAL C 273 -3.87 17.12 -4.22
CA VAL C 273 -4.20 17.06 -2.82
C VAL C 273 -4.08 18.43 -2.17
N LEU C 274 -5.14 18.84 -1.45
CA LEU C 274 -5.13 20.01 -0.62
C LEU C 274 -4.93 19.55 0.81
N GLY C 275 -3.79 19.88 1.38
CA GLY C 275 -3.43 19.48 2.74
C GLY C 275 -3.77 20.57 3.73
N LEU C 276 -4.73 20.31 4.61
CA LEU C 276 -5.12 21.30 5.60
C LEU C 276 -4.33 21.03 6.87
N PHE C 277 -3.37 21.89 7.18
CA PHE C 277 -2.49 21.69 8.34
C PHE C 277 -2.69 22.81 9.34
N GLY C 278 -2.81 24.04 8.84
CA GLY C 278 -3.06 25.20 9.70
C GLY C 278 -4.40 25.08 10.41
N PHE C 279 -4.49 25.73 11.57
CA PHE C 279 -5.76 25.80 12.28
C PHE C 279 -6.34 27.17 12.04
N SER C 280 -7.28 27.24 11.10
CA SER C 280 -7.92 28.49 10.74
C SER C 280 -8.72 29.01 11.91
N THR C 281 -8.72 30.34 12.04
CA THR C 281 -9.11 31.05 13.25
C THR C 281 -10.32 31.95 13.03
N SER C 282 -10.68 32.16 11.77
CA SER C 282 -11.85 32.97 11.42
C SER C 282 -12.43 32.63 10.05
N GLY C 283 -13.65 33.07 9.83
CA GLY C 283 -14.23 33.09 8.50
C GLY C 283 -15.05 31.89 8.11
N SER C 284 -15.68 32.03 6.95
CA SER C 284 -16.46 30.97 6.36
C SER C 284 -16.19 31.07 4.86
N VAL C 285 -15.92 29.93 4.24
CA VAL C 285 -15.61 29.89 2.82
C VAL C 285 -16.71 29.15 2.04
N PRO C 286 -17.33 29.84 1.05
CA PRO C 286 -18.35 29.17 0.24
C PRO C 286 -17.75 28.32 -0.87
N LEU C 287 -18.25 27.10 -0.98
CA LEU C 287 -17.85 26.19 -2.05
C LEU C 287 -19.09 25.96 -2.93
N ASP C 288 -19.01 26.40 -4.19
CA ASP C 288 -20.13 26.33 -5.13
C ASP C 288 -20.17 24.96 -5.82
N TYR C 289 -21.31 24.62 -6.42
CA TYR C 289 -21.46 23.33 -7.10
C TYR C 289 -20.46 23.13 -8.25
N LYS C 290 -20.06 24.22 -8.89
CA LYS C 290 -19.07 24.14 -9.99
C LYS C 290 -17.72 23.67 -9.46
N THR C 291 -17.29 24.26 -8.35
CA THR C 291 -16.03 23.88 -7.72
C THR C 291 -16.06 22.42 -7.25
N LEU C 292 -17.15 22.03 -6.60
CA LEU C 292 -17.26 20.66 -6.08
C LEU C 292 -17.38 19.62 -7.20
N GLN C 293 -18.16 19.91 -8.23
CA GLN C 293 -18.26 18.98 -9.35
C GLN C 293 -16.88 18.78 -10.02
N GLU C 294 -16.08 19.84 -10.05
CA GLU C 294 -14.77 19.79 -10.69
C GLU C 294 -13.80 18.91 -9.88
N ILE C 295 -13.89 19.00 -8.55
CA ILE C 295 -13.19 18.11 -7.63
C ILE C 295 -13.55 16.63 -7.85
N VAL C 296 -14.84 16.34 -8.05
CA VAL C 296 -15.22 14.95 -8.35
C VAL C 296 -14.60 14.53 -9.69
N HIS C 297 -14.74 15.37 -10.71
CA HIS C 297 -14.28 15.02 -12.06
C HIS C 297 -12.77 14.76 -12.20
N THR C 298 -11.99 15.36 -11.30
CA THR C 298 -10.52 15.32 -11.38
C THR C 298 -9.84 14.55 -10.24
N ASN C 299 -10.60 13.73 -9.50
CA ASN C 299 -10.04 12.88 -8.43
C ASN C 299 -9.29 13.65 -7.35
N LYS C 300 -9.73 14.87 -7.07
CA LYS C 300 -9.00 15.69 -6.07
C LYS C 300 -9.35 15.23 -4.66
N THR C 301 -8.43 15.49 -3.74
CA THR C 301 -8.64 15.11 -2.34
C THR C 301 -8.29 16.28 -1.41
N ILE C 302 -9.03 16.42 -0.31
CA ILE C 302 -8.70 17.39 0.74
C ILE C 302 -8.45 16.57 1.99
N ILE C 303 -7.33 16.80 2.67
CA ILE C 303 -7.00 15.99 3.84
C ILE C 303 -6.62 16.86 5.04
N GLY C 304 -7.22 16.55 6.19
CA GLY C 304 -6.85 17.16 7.47
C GLY C 304 -5.61 16.46 8.01
N LEU C 305 -4.58 17.26 8.28
CA LEU C 305 -3.25 16.77 8.64
C LEU C 305 -2.92 17.18 10.06
N VAL C 306 -2.69 16.22 10.95
CA VAL C 306 -2.40 16.56 12.35
C VAL C 306 -1.50 15.52 13.06
N ASN C 307 -0.55 16.06 13.82
CA ASN C 307 0.23 15.33 14.83
C ASN C 307 1.22 14.27 14.35
N GLY C 308 2.50 14.47 14.69
CA GLY C 308 3.53 13.48 14.41
C GLY C 308 3.77 12.58 15.60
N GLN C 309 4.14 11.32 15.35
CA GLN C 309 4.45 10.39 16.43
C GLN C 309 5.92 9.94 16.38
N LYS C 310 6.29 8.99 17.23
CA LYS C 310 7.70 8.63 17.39
C LYS C 310 8.48 8.38 16.08
N PRO C 311 7.96 7.55 15.17
CA PRO C 311 8.73 7.35 13.91
C PRO C 311 9.00 8.66 13.17
N HIS C 312 8.05 9.59 13.26
CA HIS C 312 8.19 10.88 12.61
C HIS C 312 9.24 11.76 13.27
N PHE C 313 9.33 11.69 14.59
CA PHE C 313 10.39 12.39 15.35
C PHE C 313 11.76 11.85 14.91
N GLN C 314 11.86 10.54 14.75
CA GLN C 314 13.14 9.92 14.38
C GLN C 314 13.55 10.30 12.98
N GLN C 315 12.57 10.34 12.07
CA GLN C 315 12.81 10.80 10.70
C GLN C 315 13.21 12.28 10.69
N ALA C 316 12.59 13.10 11.54
CA ALA C 316 12.92 14.53 11.64
C ALA C 316 14.38 14.68 12.01
N VAL C 317 14.86 13.85 12.93
CA VAL C 317 16.26 13.91 13.36
C VAL C 317 17.20 13.70 12.18
N VAL C 318 16.92 12.68 11.39
CA VAL C 318 17.73 12.36 10.19
C VAL C 318 17.74 13.54 9.21
N HIS C 319 16.58 14.15 8.98
CA HIS C 319 16.49 15.23 8.03
C HIS C 319 17.18 16.48 8.56
N LEU C 320 17.02 16.75 9.85
CA LEU C 320 17.72 17.91 10.42
C LEU C 320 19.25 17.74 10.24
N ALA C 321 19.74 16.52 10.48
CA ALA C 321 21.15 16.21 10.33
C ALA C 321 21.57 16.44 8.87
N SER C 322 20.73 15.97 7.94
CA SER C 322 21.02 16.14 6.50
C SER C 322 21.11 17.63 6.12
N TRP C 323 20.26 18.46 6.73
CA TRP C 323 20.24 19.89 6.34
C TRP C 323 21.48 20.65 6.74
N LYS C 324 22.21 20.17 7.76
CA LYS C 324 23.48 20.79 8.13
C LYS C 324 24.48 20.74 6.96
N THR C 325 24.34 19.71 6.13
CA THR C 325 25.17 19.57 4.95
C THR C 325 24.51 20.17 3.70
N LEU C 326 23.23 19.83 3.49
CA LEU C 326 22.50 20.23 2.29
C LEU C 326 22.15 21.71 2.24
N TYR C 327 21.73 22.24 3.38
CA TYR C 327 21.22 23.61 3.46
C TYR C 327 21.76 24.30 4.72
N PRO C 328 23.09 24.45 4.81
CA PRO C 328 23.70 24.96 6.05
C PRO C 328 23.22 26.35 6.45
N LYS C 329 23.03 27.23 5.48
CA LYS C 329 22.58 28.60 5.77
C LYS C 329 21.18 28.61 6.39
N ALA C 330 20.26 27.89 5.76
CA ALA C 330 18.90 27.77 6.28
C ALA C 330 18.87 27.09 7.66
N ALA C 331 19.69 26.06 7.84
CA ALA C 331 19.71 25.33 9.10
C ALA C 331 20.14 26.21 10.28
N LYS C 332 21.14 27.08 10.04
CA LYS C 332 21.65 28.04 11.04
C LYS C 332 20.64 29.14 11.35
N MET C 333 19.61 29.23 10.52
CA MET C 333 18.54 30.21 10.71
C MET C 333 17.28 29.65 11.35
N LEU C 334 17.27 28.35 11.61
CA LEU C 334 16.06 27.73 12.19
C LEU C 334 15.89 28.15 13.66
N ILE C 335 17.01 28.39 14.35
CA ILE C 335 16.97 28.91 15.73
C ILE C 335 17.15 30.43 15.71
N THR C 336 16.07 31.16 15.95
CA THR C 336 16.07 32.61 15.91
C THR C 336 16.85 33.22 17.08
N LYS C 337 16.58 32.73 18.30
CA LYS C 337 17.40 33.06 19.45
C LYS C 337 17.12 32.11 20.61
N THR C 338 17.99 32.20 21.61
CA THR C 338 17.90 31.39 22.81
C THR C 338 17.73 32.33 24.00
N VAL C 339 16.73 32.06 24.83
CA VAL C 339 16.48 32.86 26.03
C VAL C 339 16.75 32.01 27.26
N SER C 340 17.50 32.56 28.21
CA SER C 340 17.75 31.87 29.46
C SER C 340 16.49 31.78 30.33
N ILE C 341 16.32 30.65 31.01
CA ILE C 341 15.24 30.47 31.98
C ILE C 341 15.30 31.49 33.11
N ASN C 342 16.49 32.04 33.31
CA ASN C 342 16.75 32.99 34.40
C ASN C 342 16.58 34.46 33.99
N ASP C 343 16.32 34.71 32.71
CA ASP C 343 16.10 36.07 32.21
C ASP C 343 14.60 36.31 32.08
N GLU C 344 13.95 36.52 33.23
CA GLU C 344 12.48 36.46 33.32
C GLU C 344 11.71 37.45 32.45
N LYS C 345 12.20 38.69 32.33
CA LYS C 345 11.53 39.70 31.51
C LYS C 345 11.47 39.28 30.05
N GLU C 346 12.62 38.87 29.51
CA GLU C 346 12.69 38.44 28.13
C GLU C 346 11.94 37.11 27.91
N LEU C 347 12.05 36.20 28.86
CA LEU C 347 11.32 34.94 28.81
C LEU C 347 9.80 35.15 28.76
N LEU C 348 9.28 35.99 29.66
CA LEU C 348 7.84 36.28 29.64
C LEU C 348 7.45 36.88 28.31
N LYS C 349 8.30 37.78 27.79
CA LYS C 349 8.00 38.42 26.51
C LYS C 349 7.87 37.41 25.37
N VAL C 350 8.84 36.52 25.24
CA VAL C 350 8.81 35.53 24.15
C VAL C 350 7.68 34.49 24.32
N LEU C 351 7.28 34.19 25.55
CA LEU C 351 6.14 33.29 25.77
C LEU C 351 4.83 33.93 25.34
N ARG C 352 4.77 35.25 25.45
CA ARG C 352 3.52 35.98 25.22
C ARG C 352 3.26 36.37 23.76
N GLU C 353 4.32 36.53 22.97
CA GLU C 353 4.17 37.08 21.62
C GLU C 353 5.28 36.66 20.69
N LYS C 354 4.91 36.37 19.45
CA LYS C 354 5.87 36.08 18.38
C LYS C 354 6.44 37.40 17.86
N GLU C 355 7.74 37.43 17.55
CA GLU C 355 8.32 38.55 16.75
C GLU C 355 8.17 38.29 15.23
N HIS C 356 7.97 39.35 14.44
CA HIS C 356 7.81 39.18 12.99
C HIS C 356 8.98 38.40 12.41
N GLY C 357 8.67 37.38 11.60
CA GLY C 357 9.72 36.61 10.90
C GLY C 357 10.47 35.59 11.76
N GLU C 358 10.06 35.47 13.03
CA GLU C 358 10.58 34.46 13.94
C GLU C 358 10.42 33.05 13.37
N ILE C 359 11.40 32.20 13.62
CA ILE C 359 11.25 30.79 13.27
C ILE C 359 11.07 29.96 14.54
N LYS C 360 12.12 29.91 15.37
CA LYS C 360 12.04 29.19 16.63
C LYS C 360 12.84 29.87 17.72
N ILE C 361 12.18 30.15 18.84
CA ILE C 361 12.82 30.57 20.07
C ILE C 361 13.05 29.37 20.98
N ARG C 362 14.27 29.26 21.49
CA ARG C 362 14.66 28.21 22.40
C ARG C 362 14.80 28.78 23.79
N ILE C 363 14.39 28.01 24.79
CA ILE C 363 14.62 28.35 26.19
C ILE C 363 15.75 27.46 26.69
N LEU C 364 16.79 28.08 27.24
CA LEU C 364 17.92 27.38 27.82
C LEU C 364 17.82 27.28 29.34
N TRP C 365 17.87 26.06 29.86
CA TRP C 365 17.90 25.84 31.31
C TRP C 365 19.33 25.83 31.82
N GLU C 366 19.63 26.80 32.69
CA GLU C 366 20.96 27.05 33.22
C GLU C 366 20.89 27.04 34.75
N MET D 1 40.27 10.65 -27.05
CA MET D 1 39.76 10.74 -25.66
C MET D 1 40.25 9.56 -24.83
N LYS D 2 40.81 9.85 -23.65
CA LYS D 2 41.21 8.80 -22.71
C LYS D 2 39.99 8.05 -22.17
N ALA D 3 40.07 6.72 -22.19
CA ALA D 3 39.02 5.88 -21.64
C ALA D 3 39.58 4.57 -21.10
N ILE D 4 38.88 4.02 -20.12
CA ILE D 4 39.17 2.68 -19.62
C ILE D 4 38.26 1.70 -20.34
N ILE D 5 38.86 0.78 -21.09
CA ILE D 5 38.09 -0.10 -21.95
C ILE D 5 38.30 -1.60 -21.69
N VAL D 6 37.22 -2.35 -21.91
CA VAL D 6 37.20 -3.80 -21.78
C VAL D 6 36.60 -4.42 -23.04
N LYS D 7 36.82 -5.71 -23.24
CA LYS D 7 36.35 -6.42 -24.42
C LYS D 7 35.67 -7.75 -24.07
N PRO D 8 34.45 -7.69 -23.48
CA PRO D 8 33.76 -8.91 -23.03
C PRO D 8 33.42 -9.82 -24.21
N PRO D 9 33.36 -11.15 -23.99
CA PRO D 9 33.50 -11.83 -22.69
C PRO D 9 34.94 -12.09 -22.24
N ASN D 10 35.92 -11.74 -23.08
CA ASN D 10 37.34 -11.87 -22.76
C ASN D 10 37.80 -11.02 -21.57
N ALA D 11 38.75 -11.55 -20.79
CA ALA D 11 39.37 -10.79 -19.71
C ALA D 11 40.34 -9.76 -20.27
N GLY D 12 40.65 -8.75 -19.46
CA GLY D 12 41.60 -7.70 -19.84
C GLY D 12 41.04 -6.31 -19.66
N VAL D 13 41.94 -5.36 -19.45
CA VAL D 13 41.54 -3.96 -19.34
C VAL D 13 42.66 -3.05 -19.85
N GLN D 14 42.28 -1.94 -20.49
CA GLN D 14 43.26 -1.00 -21.04
C GLN D 14 42.84 0.44 -20.77
N VAL D 15 43.82 1.28 -20.42
CA VAL D 15 43.60 2.71 -20.38
C VAL D 15 44.29 3.29 -21.60
N LYS D 16 43.50 3.81 -22.53
CA LYS D 16 44.02 4.28 -23.80
C LYS D 16 43.17 5.38 -24.43
N ASP D 17 43.73 6.03 -25.44
CA ASP D 17 43.02 7.01 -26.24
C ASP D 17 42.15 6.26 -27.25
N VAL D 18 40.86 6.60 -27.25
CA VAL D 18 39.89 6.01 -28.18
C VAL D 18 39.22 7.11 -28.98
N ASP D 19 38.64 6.75 -30.12
CA ASP D 19 37.95 7.72 -30.98
C ASP D 19 36.61 8.13 -30.36
N GLU D 20 36.55 9.39 -29.93
CA GLU D 20 35.33 9.94 -29.29
C GLU D 20 34.07 9.72 -30.12
N LYS D 21 34.21 9.73 -31.46
CA LYS D 21 33.07 9.64 -32.39
C LYS D 21 32.33 8.31 -32.36
N LYS D 22 32.98 7.27 -31.82
CA LYS D 22 32.38 5.93 -31.80
C LYS D 22 31.79 5.57 -30.43
N LEU D 23 32.04 6.40 -29.43
CA LEU D 23 31.54 6.18 -28.07
C LEU D 23 30.06 6.53 -27.98
N ASP D 24 29.34 5.85 -27.08
CA ASP D 24 27.91 6.10 -26.90
C ASP D 24 27.63 7.45 -26.23
N SER D 25 26.69 8.19 -26.82
CA SER D 25 26.17 9.45 -26.28
C SER D 25 24.70 9.24 -25.90
N TYR D 26 24.24 9.92 -24.84
CA TYR D 26 22.87 9.68 -24.36
C TYR D 26 21.95 10.89 -24.32
N GLY D 27 22.50 12.07 -24.58
CA GLY D 27 21.70 13.29 -24.58
C GLY D 27 22.48 14.54 -24.88
N LYS D 28 21.89 15.69 -24.55
CA LYS D 28 22.45 16.97 -24.98
C LYS D 28 23.48 17.61 -24.00
N ILE D 29 23.53 17.11 -22.77
CA ILE D 29 24.35 17.72 -21.73
C ILE D 29 25.76 17.08 -21.72
N LYS D 30 26.78 17.91 -21.96
CA LYS D 30 28.18 17.48 -21.90
C LYS D 30 28.66 17.51 -20.46
N ILE D 31 29.15 16.36 -20.00
CA ILE D 31 29.62 16.19 -18.64
C ILE D 31 31.10 15.79 -18.64
N ARG D 32 31.92 16.55 -17.93
CA ARG D 32 33.32 16.19 -17.78
C ARG D 32 33.52 15.39 -16.49
N THR D 33 34.03 14.17 -16.62
CA THR D 33 34.23 13.25 -15.49
C THR D 33 35.25 13.81 -14.50
N ILE D 34 34.92 13.74 -13.21
CA ILE D 34 35.91 14.05 -12.18
C ILE D 34 36.28 12.80 -11.38
N TYR D 35 35.25 12.05 -10.98
CA TYR D 35 35.44 10.80 -10.23
C TYR D 35 34.72 9.61 -10.85
N ASN D 36 35.38 8.45 -10.83
CA ASN D 36 34.68 7.19 -10.95
C ASN D 36 34.85 6.41 -9.67
N GLY D 37 33.95 5.46 -9.44
CA GLY D 37 34.14 4.45 -8.42
C GLY D 37 34.31 3.08 -9.04
N ILE D 38 34.96 2.20 -8.29
CA ILE D 38 35.21 0.82 -8.74
C ILE D 38 34.49 -0.14 -7.82
N CYS D 39 33.84 -1.15 -8.38
CA CYS D 39 33.33 -2.22 -7.53
C CYS D 39 33.57 -3.62 -8.11
N GLY D 40 33.04 -4.63 -7.41
CA GLY D 40 33.17 -6.03 -7.78
C GLY D 40 32.70 -6.36 -9.19
N ALA D 41 31.67 -5.65 -9.64
CA ALA D 41 31.16 -5.77 -11.01
C ALA D 41 32.24 -5.40 -12.04
N ASP D 42 32.96 -4.31 -11.77
CA ASP D 42 34.14 -3.94 -12.60
C ASP D 42 35.24 -5.01 -12.56
N ARG D 43 35.58 -5.47 -11.36
CA ARG D 43 36.59 -6.53 -11.22
C ARG D 43 36.18 -7.79 -12.01
N GLU D 44 34.90 -8.15 -11.96
CA GLU D 44 34.42 -9.34 -12.68
C GLU D 44 34.58 -9.24 -14.20
N ILE D 45 34.23 -8.09 -14.77
CA ILE D 45 34.32 -7.92 -16.23
C ILE D 45 35.79 -7.83 -16.67
N VAL D 46 36.60 -7.14 -15.88
CA VAL D 46 38.06 -7.07 -16.13
C VAL D 46 38.71 -8.47 -16.11
N ASN D 47 38.18 -9.33 -15.25
CA ASN D 47 38.68 -10.70 -15.12
C ASN D 47 37.94 -11.77 -15.96
N GLY D 48 37.08 -11.30 -16.86
CA GLY D 48 36.37 -12.17 -17.81
C GLY D 48 35.38 -13.11 -17.16
N LYS D 49 34.79 -12.68 -16.05
CA LYS D 49 33.90 -13.52 -15.25
C LYS D 49 32.41 -13.30 -15.53
N LEU D 50 32.07 -12.15 -16.12
CA LEU D 50 30.66 -11.80 -16.36
C LEU D 50 30.14 -12.21 -17.74
N GLY D 58 29.07 -3.95 -33.86
CA GLY D 58 29.53 -2.61 -34.22
C GLY D 58 30.82 -2.20 -33.53
N LYS D 59 30.84 -2.30 -32.21
CA LYS D 59 31.98 -1.86 -31.39
C LYS D 59 32.96 -2.99 -31.07
N ASP D 60 34.24 -2.64 -31.02
CA ASP D 60 35.31 -3.58 -30.71
C ASP D 60 35.54 -3.68 -29.21
N PHE D 61 35.00 -2.73 -28.46
CA PHE D 61 35.23 -2.63 -27.04
C PHE D 61 34.06 -1.96 -26.37
N LEU D 62 34.10 -1.94 -25.03
CA LEU D 62 33.12 -1.29 -24.18
C LEU D 62 33.83 -0.39 -23.18
N VAL D 63 33.38 0.86 -23.04
CA VAL D 63 33.90 1.73 -21.98
C VAL D 63 33.43 1.17 -20.63
N LEU D 64 34.38 0.92 -19.73
CA LEU D 64 34.10 0.43 -18.38
C LEU D 64 33.51 1.53 -17.50
N GLY D 65 32.79 1.11 -16.45
CA GLY D 65 32.50 1.98 -15.32
C GLY D 65 31.09 2.48 -15.28
N HIS D 66 30.43 2.26 -14.14
CA HIS D 66 29.03 2.63 -14.00
C HIS D 66 28.79 3.54 -12.79
N GLU D 67 29.87 3.89 -12.06
CA GLU D 67 29.81 4.80 -10.93
C GLU D 67 30.58 6.04 -11.33
N ALA D 68 29.92 7.20 -11.37
CA ALA D 68 30.58 8.42 -11.85
C ALA D 68 30.00 9.68 -11.24
N ILE D 69 30.88 10.65 -10.99
CA ILE D 69 30.48 12.05 -10.81
C ILE D 69 31.20 12.89 -11.86
N GLY D 70 30.45 13.75 -12.52
CA GLY D 70 31.03 14.67 -13.50
C GLY D 70 30.52 16.07 -13.28
N VAL D 71 31.12 17.02 -14.00
CA VAL D 71 30.71 18.41 -13.91
C VAL D 71 30.08 18.86 -15.23
N VAL D 72 28.96 19.56 -15.13
CA VAL D 72 28.25 20.05 -16.30
C VAL D 72 29.07 21.17 -16.94
N GLU D 73 29.42 20.99 -18.21
CA GLU D 73 30.34 21.92 -18.86
C GLU D 73 29.66 23.21 -19.33
N GLU D 74 28.39 23.09 -19.73
CA GLU D 74 27.59 24.24 -20.14
C GLU D 74 26.17 24.09 -19.63
N SER D 75 25.60 25.20 -19.18
CA SER D 75 24.24 25.22 -18.68
C SER D 75 23.24 24.75 -19.73
N TYR D 76 22.30 23.90 -19.31
CA TYR D 76 21.25 23.39 -20.18
C TYR D 76 20.01 23.13 -19.33
N HIS D 77 18.96 23.91 -19.61
CA HIS D 77 17.72 23.88 -18.84
C HIS D 77 18.02 23.98 -17.35
N GLY D 78 17.68 22.93 -16.59
CA GLY D 78 17.76 22.96 -15.13
C GLY D 78 19.16 22.80 -14.58
N PHE D 79 20.09 22.39 -15.45
CA PHE D 79 21.47 22.16 -15.05
C PHE D 79 22.32 23.36 -15.43
N SER D 80 23.14 23.79 -14.49
CA SER D 80 23.99 24.96 -14.66
C SER D 80 25.43 24.52 -14.78
N GLN D 81 26.20 25.24 -15.58
CA GLN D 81 27.64 25.06 -15.65
C GLN D 81 28.24 24.98 -14.24
N GLY D 82 29.06 23.96 -14.00
CA GLY D 82 29.72 23.78 -12.72
C GLY D 82 29.00 22.82 -11.79
N ASP D 83 27.74 22.55 -12.09
CA ASP D 83 26.99 21.57 -11.30
C ASP D 83 27.61 20.18 -11.39
N LEU D 84 27.58 19.46 -10.26
CA LEU D 84 28.05 18.08 -10.22
C LEU D 84 26.85 17.16 -10.39
N VAL D 85 27.04 16.13 -11.21
CA VAL D 85 25.97 15.20 -11.52
C VAL D 85 26.48 13.76 -11.53
N MET D 86 25.57 12.82 -11.30
CA MET D 86 25.85 11.39 -11.38
C MET D 86 24.83 10.73 -12.31
N PRO D 87 25.30 9.91 -13.25
CA PRO D 87 24.37 9.24 -14.14
C PRO D 87 23.76 7.99 -13.51
N VAL D 88 22.48 7.73 -13.80
CA VAL D 88 21.87 6.47 -13.46
C VAL D 88 22.42 5.44 -14.44
N ASN D 89 22.86 4.28 -13.94
CA ASN D 89 23.54 3.28 -14.79
C ASN D 89 22.67 2.27 -15.55
N ARG D 90 21.55 1.83 -14.95
CA ARG D 90 20.65 0.93 -15.70
C ARG D 90 19.58 1.77 -16.37
N ARG D 91 19.42 1.55 -17.68
CA ARG D 91 18.43 2.29 -18.45
C ARG D 91 17.51 1.33 -19.20
N GLY D 92 16.31 1.81 -19.50
CA GLY D 92 15.21 0.92 -19.86
C GLY D 92 15.22 0.32 -21.26
N CYS D 93 14.34 -0.66 -21.45
CA CYS D 93 14.23 -1.37 -22.71
C CYS D 93 13.31 -0.65 -23.69
N GLY D 94 12.62 0.39 -23.23
CA GLY D 94 11.73 1.15 -24.10
C GLY D 94 10.44 0.43 -24.53
N ILE D 95 10.21 -0.77 -24.01
CA ILE D 95 9.10 -1.62 -24.44
C ILE D 95 8.08 -1.85 -23.31
N CYS D 96 8.58 -2.21 -22.14
CA CYS D 96 7.72 -2.66 -21.05
C CYS D 96 7.24 -1.52 -20.17
N ARG D 97 6.15 -1.78 -19.47
CA ARG D 97 5.48 -0.77 -18.65
C ARG D 97 6.29 -0.35 -17.45
N ASN D 98 7.13 -1.24 -16.92
CA ASN D 98 8.02 -0.82 -15.84
C ASN D 98 9.09 0.15 -16.28
N CYS D 99 9.72 -0.13 -17.41
CA CYS D 99 10.68 0.80 -18.00
C CYS D 99 10.00 2.11 -18.38
N LEU D 100 8.75 2.02 -18.83
CA LEU D 100 8.07 3.23 -19.31
C LEU D 100 7.75 4.20 -18.15
N VAL D 101 7.65 3.69 -16.92
CA VAL D 101 7.49 4.56 -15.73
C VAL D 101 8.81 4.91 -15.03
N GLY D 102 9.93 4.66 -15.73
CA GLY D 102 11.25 5.03 -15.20
C GLY D 102 11.85 4.01 -14.24
N ARG D 103 11.37 2.77 -14.32
CA ARG D 103 11.77 1.72 -13.37
C ARG D 103 12.27 0.42 -14.02
N PRO D 104 13.38 0.51 -14.79
CA PRO D 104 14.00 -0.66 -15.40
C PRO D 104 14.58 -1.67 -14.40
N ASP D 105 14.58 -1.31 -13.09
CA ASP D 105 14.98 -2.28 -12.07
C ASP D 105 14.00 -3.45 -12.07
N PHE D 106 12.78 -3.19 -12.55
CA PHE D 106 11.69 -4.20 -12.71
C PHE D 106 11.34 -4.53 -14.17
N CYS D 107 12.29 -4.26 -15.09
CA CYS D 107 12.11 -4.56 -16.50
C CYS D 107 11.61 -5.98 -16.75
N GLU D 108 10.58 -6.08 -17.59
CA GLU D 108 9.91 -7.35 -17.87
C GLU D 108 10.46 -8.09 -19.08
N THR D 109 11.30 -7.42 -19.88
CA THR D 109 11.81 -8.04 -21.11
C THR D 109 13.25 -8.49 -20.92
N GLY D 110 13.95 -7.87 -19.95
CA GLY D 110 15.35 -8.13 -19.73
C GLY D 110 16.26 -7.41 -20.73
N GLU D 111 15.66 -6.58 -21.58
CA GLU D 111 16.40 -5.88 -22.66
C GLU D 111 16.86 -4.47 -22.28
N PHE D 112 17.01 -4.23 -20.99
CA PHE D 112 17.59 -2.99 -20.50
C PHE D 112 19.10 -2.95 -20.78
N GLY D 113 19.68 -1.76 -20.68
CA GLY D 113 21.13 -1.60 -20.74
C GLY D 113 21.72 -1.30 -19.38
N GLU D 114 22.99 -1.65 -19.19
CA GLU D 114 23.71 -1.26 -17.99
C GLU D 114 25.06 -0.70 -18.38
N ALA D 115 25.25 0.60 -18.12
CA ALA D 115 26.49 1.31 -18.41
C ALA D 115 27.69 0.53 -17.90
N GLY D 116 28.70 0.37 -18.77
CA GLY D 116 29.95 -0.29 -18.40
C GLY D 116 29.88 -1.79 -18.23
N ILE D 117 28.70 -2.37 -18.51
CA ILE D 117 28.51 -3.80 -18.29
C ILE D 117 27.87 -4.44 -19.49
N HIS D 118 26.79 -3.84 -19.98
CA HIS D 118 25.95 -4.48 -20.97
C HIS D 118 25.28 -3.48 -21.90
N LYS D 119 25.56 -3.59 -23.21
CA LYS D 119 24.87 -2.78 -24.24
C LYS D 119 25.25 -1.28 -24.30
N MET D 120 25.78 -0.76 -23.19
CA MET D 120 26.01 0.67 -22.99
C MET D 120 27.42 0.96 -22.57
N ASP D 121 28.11 1.84 -23.30
CA ASP D 121 29.39 2.42 -22.84
C ASP D 121 29.24 3.07 -21.49
N GLY D 122 30.19 2.78 -20.61
CA GLY D 122 30.19 3.32 -19.26
C GLY D 122 30.83 4.69 -19.16
N PHE D 123 31.28 5.04 -17.95
CA PHE D 123 31.61 6.42 -17.64
C PHE D 123 33.08 6.65 -17.28
N MET D 124 33.91 5.62 -17.47
CA MET D 124 35.36 5.78 -17.27
C MET D 124 36.03 6.34 -18.53
N ARG D 125 35.72 7.59 -18.84
CA ARG D 125 36.22 8.30 -20.03
C ARG D 125 36.21 9.78 -19.70
N GLU D 126 36.98 10.58 -20.43
CA GLU D 126 37.16 11.99 -20.07
C GLU D 126 35.85 12.77 -19.93
N TRP D 127 34.92 12.52 -20.84
CA TRP D 127 33.63 13.17 -20.79
C TRP D 127 32.59 12.34 -21.53
N TRP D 128 31.31 12.60 -21.25
CA TRP D 128 30.23 12.01 -22.03
C TRP D 128 29.05 12.98 -22.16
N TYR D 129 28.13 12.66 -23.07
CA TYR D 129 26.92 13.43 -23.26
C TYR D 129 25.78 12.63 -22.67
N ASP D 130 24.96 13.27 -21.85
CA ASP D 130 23.81 12.58 -21.25
C ASP D 130 22.54 13.40 -21.31
N ASP D 131 21.43 12.72 -21.04
CA ASP D 131 20.11 13.33 -21.00
C ASP D 131 19.78 13.72 -19.56
N PRO D 132 19.22 14.93 -19.36
CA PRO D 132 18.85 15.38 -18.01
C PRO D 132 18.04 14.36 -17.23
N LYS D 133 17.23 13.57 -17.93
CA LYS D 133 16.39 12.61 -17.24
C LYS D 133 17.15 11.54 -16.44
N TYR D 134 18.39 11.24 -16.85
CA TYR D 134 19.18 10.20 -16.20
C TYR D 134 20.27 10.76 -15.27
N LEU D 135 20.20 12.06 -15.01
CA LEU D 135 21.21 12.71 -14.18
C LEU D 135 20.65 13.04 -12.80
N VAL D 136 21.42 12.65 -11.79
CA VAL D 136 21.14 12.97 -10.39
C VAL D 136 22.06 14.11 -9.97
N LYS D 137 21.48 15.15 -9.36
CA LYS D 137 22.25 16.28 -8.88
C LYS D 137 22.97 15.89 -7.60
N ILE D 138 24.29 16.09 -7.62
CA ILE D 138 25.14 15.82 -6.47
C ILE D 138 25.55 17.16 -5.85
N PRO D 139 25.06 17.45 -4.62
CA PRO D 139 25.47 18.67 -3.94
C PRO D 139 26.99 18.79 -3.77
N LYS D 140 27.52 19.98 -4.00
CA LYS D 140 28.96 20.19 -3.83
C LYS D 140 29.42 19.85 -2.41
N SER D 141 28.55 20.00 -1.42
CA SER D 141 28.90 19.70 -0.03
C SER D 141 29.06 18.19 0.25
N ILE D 142 28.67 17.33 -0.69
CA ILE D 142 29.02 15.89 -0.58
C ILE D 142 29.93 15.39 -1.71
N GLU D 143 30.68 16.30 -2.34
CA GLU D 143 31.53 15.88 -3.45
C GLU D 143 32.47 14.72 -3.10
N ASP D 144 33.00 14.73 -1.87
CA ASP D 144 33.99 13.71 -1.48
C ASP D 144 33.44 12.29 -1.36
N ILE D 145 32.24 12.15 -0.79
CA ILE D 145 31.64 10.83 -0.59
C ILE D 145 30.48 10.54 -1.56
N GLY D 146 30.15 11.53 -2.40
CA GLY D 146 29.00 11.43 -3.30
C GLY D 146 29.06 10.28 -4.27
N ILE D 147 30.27 9.83 -4.62
CA ILE D 147 30.42 8.65 -5.50
C ILE D 147 29.66 7.44 -4.96
N LEU D 148 29.52 7.34 -3.64
CA LEU D 148 28.81 6.22 -3.00
C LEU D 148 27.30 6.24 -3.25
N ALA D 149 26.78 7.31 -3.83
CA ALA D 149 25.34 7.37 -4.07
C ALA D 149 24.89 6.27 -5.04
N GLN D 150 25.77 5.84 -5.95
CA GLN D 150 25.37 4.79 -6.90
C GLN D 150 25.23 3.44 -6.18
N PRO D 151 26.29 2.96 -5.49
CA PRO D 151 26.06 1.72 -4.76
C PRO D 151 24.98 1.82 -3.68
N LEU D 152 24.90 2.97 -3.00
CA LEU D 152 23.90 3.13 -1.95
C LEU D 152 22.48 3.07 -2.54
N ALA D 153 22.33 3.54 -3.77
CA ALA D 153 21.01 3.48 -4.42
C ALA D 153 20.42 2.06 -4.49
N ASP D 154 21.25 1.07 -4.82
CA ASP D 154 20.78 -0.34 -4.84
C ASP D 154 20.22 -0.74 -3.47
N ILE D 155 20.89 -0.26 -2.42
CA ILE D 155 20.54 -0.59 -1.02
C ILE D 155 19.27 0.17 -0.58
N GLU D 156 19.18 1.44 -0.94
CA GLU D 156 17.91 2.19 -0.77
C GLU D 156 16.71 1.46 -1.38
N LYS D 157 16.85 1.06 -2.64
CA LYS D 157 15.76 0.32 -3.32
C LYS D 157 15.45 -0.96 -2.54
N SER D 158 16.50 -1.68 -2.12
CA SER D 158 16.30 -2.97 -1.44
C SER D 158 15.56 -2.81 -0.12
N ILE D 159 15.98 -1.85 0.69
CA ILE D 159 15.30 -1.63 1.98
C ILE D 159 13.87 -1.12 1.73
N GLU D 160 13.70 -0.20 0.78
CA GLU D 160 12.35 0.24 0.40
C GLU D 160 11.47 -0.97 0.10
N GLU D 161 12.03 -1.90 -0.64
CA GLU D 161 11.26 -3.03 -1.10
C GLU D 161 10.88 -3.95 0.05
N ILE D 162 11.84 -4.21 0.94
CA ILE D 162 11.57 -5.04 2.10
C ILE D 162 10.45 -4.41 2.94
N LEU D 163 10.52 -3.10 3.11
CA LEU D 163 9.51 -2.40 3.91
C LEU D 163 8.14 -2.41 3.23
N GLU D 164 8.13 -2.35 1.90
CA GLU D 164 6.87 -2.49 1.17
C GLU D 164 6.30 -3.88 1.35
N VAL D 165 7.15 -4.90 1.21
CA VAL D 165 6.66 -6.28 1.32
C VAL D 165 6.06 -6.52 2.70
N GLN D 166 6.71 -5.95 3.72
CA GLN D 166 6.26 -6.17 5.09
C GLN D 166 4.95 -5.45 5.46
N LYS D 167 4.43 -4.62 4.54
CA LYS D 167 3.06 -4.10 4.70
C LYS D 167 2.03 -5.22 4.73
N ARG D 168 2.40 -6.40 4.22
CA ARG D 168 1.57 -7.60 4.30
C ARG D 168 1.26 -8.04 5.72
N VAL D 169 2.12 -7.65 6.65
CA VAL D 169 1.93 -7.96 8.05
C VAL D 169 1.00 -6.90 8.66
N PRO D 170 -0.12 -7.32 9.25
CA PRO D 170 -1.05 -6.32 9.80
C PRO D 170 -0.36 -5.30 10.71
N VAL D 171 0.49 -5.76 11.60
CA VAL D 171 1.28 -4.82 12.43
C VAL D 171 2.73 -5.28 12.51
N TRP D 172 3.59 -4.64 11.74
CA TRP D 172 5.03 -4.94 11.82
C TRP D 172 5.79 -3.85 12.59
N THR D 173 5.08 -2.84 13.06
CA THR D 173 5.74 -1.80 13.86
C THR D 173 5.75 -2.32 15.29
N CYS D 174 6.36 -1.55 16.18
CA CYS D 174 6.66 -1.97 17.54
C CYS D 174 5.71 -1.25 18.51
N ASP D 175 5.89 -1.46 19.81
CA ASP D 175 5.00 -0.86 20.80
C ASP D 175 4.97 0.67 20.77
N ASP D 176 6.04 1.25 20.21
CA ASP D 176 6.17 2.69 20.12
C ASP D 176 5.91 3.22 18.71
N GLY D 177 5.34 2.39 17.84
CA GLY D 177 5.00 2.82 16.47
C GLY D 177 6.17 2.86 15.51
N THR D 178 7.38 2.54 16.01
CA THR D 178 8.62 2.51 15.20
C THR D 178 8.98 1.10 14.76
N LEU D 179 10.10 0.97 14.04
CA LEU D 179 10.68 -0.35 13.76
C LEU D 179 11.91 -0.60 14.65
N ASN D 180 12.05 0.16 15.74
CA ASN D 180 13.27 0.06 16.57
C ASN D 180 13.48 -1.33 17.16
N CYS D 181 12.38 -2.03 17.38
CA CYS D 181 12.41 -3.36 17.99
C CYS D 181 12.78 -4.45 16.97
N ARG D 182 12.79 -4.10 15.69
CA ARG D 182 13.07 -5.08 14.63
C ARG D 182 14.57 -5.24 14.50
N LYS D 183 15.01 -6.50 14.36
CA LYS D 183 16.43 -6.88 14.34
C LYS D 183 16.82 -7.34 12.95
N VAL D 184 17.96 -6.84 12.47
CA VAL D 184 18.50 -7.18 11.16
C VAL D 184 19.85 -7.83 11.30
N LEU D 185 20.04 -8.95 10.62
CA LEU D 185 21.35 -9.61 10.54
C LEU D 185 21.92 -9.35 9.15
N VAL D 186 23.02 -8.61 9.08
CA VAL D 186 23.66 -8.30 7.79
C VAL D 186 24.84 -9.24 7.71
N VAL D 187 24.79 -10.16 6.74
CA VAL D 187 25.82 -11.18 6.60
C VAL D 187 26.82 -10.74 5.55
N GLY D 188 28.05 -10.46 5.97
CA GLY D 188 29.06 -9.91 5.06
C GLY D 188 29.27 -8.43 5.34
N THR D 189 30.52 -7.98 5.30
CA THR D 189 30.86 -6.63 5.79
C THR D 189 31.74 -5.84 4.82
N GLY D 190 31.60 -6.14 3.53
CA GLY D 190 32.21 -5.33 2.46
C GLY D 190 31.48 -3.98 2.34
N PRO D 191 31.75 -3.24 1.27
CA PRO D 191 31.02 -1.97 1.10
C PRO D 191 29.52 -2.17 1.17
N ILE D 192 29.03 -3.28 0.63
CA ILE D 192 27.57 -3.53 0.63
C ILE D 192 27.05 -3.74 2.05
N GLY D 193 27.69 -4.66 2.79
CA GLY D 193 27.28 -4.90 4.19
C GLY D 193 27.35 -3.65 5.04
N VAL D 194 28.42 -2.87 4.85
CA VAL D 194 28.58 -1.63 5.60
C VAL D 194 27.46 -0.64 5.25
N LEU D 195 27.16 -0.48 3.96
CA LEU D 195 26.08 0.43 3.58
C LEU D 195 24.71 -0.03 4.08
N PHE D 196 24.42 -1.33 4.00
CA PHE D 196 23.15 -1.84 4.56
C PHE D 196 23.07 -1.53 6.05
N THR D 197 24.20 -1.68 6.73
CA THR D 197 24.24 -1.44 8.18
C THR D 197 23.97 0.04 8.53
N LEU D 198 24.69 0.93 7.86
CA LEU D 198 24.48 2.38 8.01
C LEU D 198 23.02 2.75 7.76
N LEU D 199 22.45 2.25 6.67
CA LEU D 199 21.10 2.65 6.31
C LEU D 199 20.05 2.06 7.27
N PHE D 200 20.16 0.79 7.61
CA PHE D 200 19.20 0.24 8.60
C PHE D 200 19.31 0.96 9.95
N ARG D 201 20.53 1.33 10.36
CA ARG D 201 20.66 2.09 11.62
C ARG D 201 20.08 3.49 11.50
N THR D 202 20.22 4.09 10.33
CA THR D 202 19.60 5.38 10.05
C THR D 202 18.09 5.33 10.26
N TYR D 203 17.50 4.22 9.84
CA TYR D 203 16.06 3.96 9.96
C TYR D 203 15.67 3.49 11.36
N GLY D 204 16.68 3.19 12.19
CA GLY D 204 16.46 2.89 13.58
C GLY D 204 16.34 1.43 13.96
N LEU D 205 16.42 0.52 12.97
CA LEU D 205 16.36 -0.92 13.26
C LEU D 205 17.63 -1.34 13.97
N GLU D 206 17.54 -2.38 14.80
CA GLU D 206 18.73 -2.91 15.47
C GLU D 206 19.52 -3.74 14.46
N VAL D 207 20.84 -3.60 14.43
CA VAL D 207 21.66 -4.35 13.44
C VAL D 207 22.73 -5.20 14.11
N TRP D 208 22.84 -6.44 13.63
CA TRP D 208 24.02 -7.29 13.87
C TRP D 208 24.75 -7.52 12.54
N MET D 209 26.03 -7.17 12.48
CA MET D 209 26.87 -7.54 11.34
C MET D 209 27.54 -8.84 11.66
N ALA D 210 27.67 -9.72 10.67
CA ALA D 210 28.33 -11.02 10.87
C ALA D 210 29.39 -11.30 9.81
N ASN D 211 30.53 -11.82 10.26
CA ASN D 211 31.58 -12.27 9.34
C ASN D 211 32.41 -13.31 10.09
N ARG D 212 33.16 -14.12 9.33
CA ARG D 212 33.89 -15.27 9.86
C ARG D 212 35.29 -14.86 10.31
N ARG D 213 35.31 -13.86 11.20
CA ARG D 213 36.54 -13.25 11.70
C ARG D 213 36.16 -12.11 12.64
N GLU D 214 37.16 -11.50 13.25
CA GLU D 214 36.95 -10.29 14.04
C GLU D 214 36.90 -9.06 13.12
N PRO D 215 36.33 -7.93 13.62
CA PRO D 215 36.20 -6.74 12.80
C PRO D 215 37.51 -6.10 12.34
N THR D 216 37.51 -5.53 11.13
CA THR D 216 38.58 -4.60 10.71
C THR D 216 38.46 -3.28 11.49
N GLU D 217 39.44 -2.40 11.36
CA GLU D 217 39.39 -1.09 12.00
C GLU D 217 38.22 -0.26 11.48
N VAL D 218 37.97 -0.29 10.17
CA VAL D 218 36.86 0.44 9.58
C VAL D 218 35.51 -0.11 10.07
N GLU D 219 35.37 -1.43 10.10
CA GLU D 219 34.15 -2.05 10.60
C GLU D 219 33.93 -1.76 12.09
N GLN D 220 35.01 -1.78 12.89
CA GLN D 220 34.92 -1.45 14.32
C GLN D 220 34.45 0.00 14.54
N THR D 221 34.90 0.91 13.70
CA THR D 221 34.48 2.30 13.77
C THR D 221 32.97 2.40 13.51
N VAL D 222 32.53 1.74 12.45
CA VAL D 222 31.10 1.65 12.13
C VAL D 222 30.30 1.08 13.31
N ILE D 223 30.72 -0.08 13.83
CA ILE D 223 30.11 -0.69 15.03
C ILE D 223 29.93 0.33 16.15
N GLU D 224 31.01 0.97 16.54
CA GLU D 224 30.98 1.82 17.69
C GLU D 224 30.14 3.06 17.40
N GLU D 225 30.34 3.67 16.24
CA GLU D 225 29.70 4.95 15.98
C GLU D 225 28.20 4.81 15.81
N THR D 226 27.79 3.75 15.13
CA THR D 226 26.37 3.54 14.80
C THR D 226 25.60 2.73 15.86
N LYS D 227 26.33 2.26 16.88
CA LYS D 227 25.82 1.39 17.93
C LYS D 227 25.22 0.14 17.31
N THR D 228 26.03 -0.49 16.46
CA THR D 228 25.73 -1.75 15.80
C THR D 228 26.38 -2.93 16.56
N ASN D 229 25.74 -4.09 16.50
CA ASN D 229 26.31 -5.29 17.10
C ASN D 229 27.15 -6.08 16.10
N TYR D 230 28.06 -6.90 16.59
CA TYR D 230 28.88 -7.73 15.71
C TYR D 230 28.95 -9.16 16.23
N TYR D 231 28.92 -10.07 15.27
CA TYR D 231 29.04 -11.49 15.56
C TYR D 231 30.06 -12.16 14.67
N ASN D 232 31.02 -12.81 15.31
CA ASN D 232 32.00 -13.66 14.64
C ASN D 232 31.34 -15.02 14.34
N SER D 233 31.06 -15.26 13.06
CA SER D 233 30.32 -16.46 12.63
C SER D 233 31.22 -17.60 12.19
N SER D 234 32.49 -17.56 12.61
CA SER D 234 33.51 -18.53 12.18
C SER D 234 33.11 -19.99 12.42
N ASN D 235 32.38 -20.22 13.51
CA ASN D 235 31.93 -21.56 13.89
C ASN D 235 30.41 -21.68 13.89
N GLY D 236 29.78 -20.92 12.99
CA GLY D 236 28.34 -21.00 12.82
C GLY D 236 27.58 -20.03 13.69
N TYR D 237 26.26 -20.21 13.69
CA TYR D 237 25.33 -19.22 14.24
C TYR D 237 24.57 -19.66 15.48
N ASP D 238 24.85 -20.88 15.96
CA ASP D 238 24.20 -21.38 17.16
C ASP D 238 24.32 -20.43 18.35
N LYS D 239 25.50 -19.87 18.55
CA LYS D 239 25.70 -19.03 19.73
C LYS D 239 24.95 -17.70 19.61
N LEU D 240 24.86 -17.19 18.39
CA LEU D 240 24.06 -15.98 18.15
C LEU D 240 22.59 -16.29 18.45
N LYS D 241 22.11 -17.40 17.91
CA LYS D 241 20.70 -17.78 18.08
C LYS D 241 20.33 -17.96 19.55
N ASP D 242 21.21 -18.61 20.30
CA ASP D 242 21.00 -18.84 21.74
C ASP D 242 21.00 -17.55 22.55
N SER D 243 21.81 -16.57 22.15
CA SER D 243 21.94 -15.35 22.95
C SER D 243 20.94 -14.26 22.59
N VAL D 244 20.73 -14.04 21.29
CA VAL D 244 19.90 -12.93 20.83
C VAL D 244 18.54 -13.39 20.25
N GLY D 245 18.45 -14.66 19.86
CA GLY D 245 17.21 -15.18 19.29
C GLY D 245 17.20 -15.00 17.79
N LYS D 246 16.01 -14.84 17.22
CA LYS D 246 15.86 -14.77 15.76
C LYS D 246 15.69 -13.34 15.24
N PHE D 247 15.88 -13.19 13.93
CA PHE D 247 15.89 -11.87 13.28
C PHE D 247 14.71 -11.62 12.38
N ASP D 248 14.30 -10.35 12.33
CA ASP D 248 13.16 -9.98 11.49
C ASP D 248 13.57 -9.83 10.05
N VAL D 249 14.84 -9.49 9.84
CA VAL D 249 15.34 -9.34 8.50
C VAL D 249 16.73 -9.93 8.49
N ILE D 250 17.03 -10.68 7.45
CA ILE D 250 18.40 -11.14 7.24
C ILE D 250 18.80 -10.78 5.83
N ILE D 251 19.97 -10.13 5.70
CA ILE D 251 20.47 -9.73 4.39
C ILE D 251 21.71 -10.58 4.07
N ASP D 252 21.67 -11.27 2.94
CA ASP D 252 22.88 -11.91 2.43
C ASP D 252 23.63 -10.89 1.57
N ALA D 253 24.67 -10.32 2.16
N ALA D 253 24.78 -10.44 2.07
CA ALA D 253 25.53 -9.35 1.49
CA ALA D 253 25.65 -9.49 1.35
C ALA D 253 26.85 -10.07 1.19
C ALA D 253 27.08 -10.02 1.14
N THR D 254 26.87 -11.37 1.46
N THR D 254 27.22 -11.32 0.84
CA THR D 254 28.03 -12.18 1.13
CA THR D 254 28.54 -11.95 0.81
C THR D 254 29.14 -12.14 -0.59
C THR D 254 27.96 -12.54 -0.36
N GLY D 255 28.29 -12.56 -1.53
N GLY D 255 29.10 -12.57 -1.02
CA GLY D 255 28.69 -13.01 -2.86
CA GLY D 255 29.16 -13.18 -2.33
C GLY D 255 29.42 -14.34 -2.85
C GLY D 255 29.52 -14.63 -2.13
N ALA D 256 29.16 -15.14 -0.94
N ALA D 256 29.28 -15.09 -1.74
CA ALA D 256 29.67 -16.41 -0.50
CA ALA D 256 30.03 -16.33 -1.48
C ALA D 256 28.90 -17.56 -1.10
C ALA D 256 29.19 -17.59 -1.72
N ASP D 257 29.54 -18.72 -1.09
CA ASP D 257 28.87 -19.99 -1.33
C ASP D 257 27.44 -19.96 -0.77
N VAL D 258 26.48 -20.45 -1.55
CA VAL D 258 25.05 -20.44 -1.15
C VAL D 258 24.74 -21.21 0.16
N ASN D 259 25.67 -22.05 0.62
CA ASN D 259 25.46 -22.71 1.91
C ASN D 259 25.39 -21.76 3.11
N ILE D 260 25.81 -20.52 2.93
CA ILE D 260 25.61 -19.51 3.96
C ILE D 260 24.12 -19.38 4.28
N LEU D 261 23.29 -19.49 3.26
CA LEU D 261 21.84 -19.42 3.44
C LEU D 261 21.37 -20.52 4.37
N GLY D 262 21.95 -21.71 4.21
CA GLY D 262 21.68 -22.84 5.09
C GLY D 262 22.00 -22.55 6.54
N ASN D 263 23.03 -21.76 6.79
CA ASN D 263 23.42 -21.38 8.15
C ASN D 263 22.51 -20.33 8.78
N VAL D 264 21.96 -19.42 7.97
CA VAL D 264 21.22 -18.29 8.54
C VAL D 264 19.69 -18.40 8.49
N ILE D 265 19.19 -19.25 7.60
CA ILE D 265 17.74 -19.46 7.52
C ILE D 265 17.14 -19.90 8.87
N PRO D 266 17.82 -20.78 9.64
CA PRO D 266 17.31 -21.08 10.98
C PRO D 266 17.23 -19.91 11.98
N LEU D 267 17.84 -18.78 11.64
CA LEU D 267 17.81 -17.57 12.50
C LEU D 267 16.71 -16.59 12.10
N LEU D 268 15.95 -16.92 11.05
CA LEU D 268 14.86 -16.06 10.61
C LEU D 268 13.65 -16.22 11.52
N GLY D 269 13.09 -15.11 12.00
CA GLY D 269 11.96 -15.14 12.92
C GLY D 269 10.60 -15.08 12.24
N ARG D 270 9.54 -15.20 13.04
CA ARG D 270 8.20 -15.24 12.48
C ARG D 270 7.93 -13.99 11.66
N ASN D 271 7.25 -14.16 10.53
CA ASN D 271 6.88 -13.06 9.61
C ASN D 271 8.11 -12.43 8.92
N GLY D 272 9.28 -13.07 9.10
CA GLY D 272 10.56 -12.50 8.66
C GLY D 272 10.86 -12.49 7.18
N VAL D 273 11.88 -11.72 6.81
CA VAL D 273 12.30 -11.60 5.41
C VAL D 273 13.77 -11.93 5.28
N LEU D 274 14.06 -12.86 4.37
CA LEU D 274 15.44 -13.09 3.94
C LEU D 274 15.64 -12.35 2.62
N GLY D 275 16.51 -11.34 2.65
CA GLY D 275 16.81 -10.54 1.48
C GLY D 275 18.06 -11.04 0.80
N LEU D 276 17.92 -11.55 -0.41
CA LEU D 276 19.05 -12.03 -1.20
C LEU D 276 19.56 -10.91 -2.08
N PHE D 277 20.70 -10.33 -1.72
CA PHE D 277 21.26 -9.19 -2.45
C PHE D 277 22.56 -9.59 -3.12
N GLY D 278 23.40 -10.33 -2.39
CA GLY D 278 24.67 -10.79 -2.97
C GLY D 278 24.44 -11.75 -4.12
N PHE D 279 25.39 -11.77 -5.06
CA PHE D 279 25.35 -12.73 -6.14
C PHE D 279 26.29 -13.85 -5.75
N SER D 280 25.72 -14.94 -5.26
CA SER D 280 26.49 -16.11 -4.87
C SER D 280 27.15 -16.76 -6.07
N THR D 281 28.31 -17.34 -5.81
CA THR D 281 29.23 -17.64 -6.88
C THR D 281 29.61 -19.12 -6.91
N SER D 282 29.17 -19.87 -5.90
CA SER D 282 29.42 -21.30 -5.83
C SER D 282 28.37 -21.97 -4.95
N GLY D 283 28.33 -23.29 -5.04
CA GLY D 283 27.63 -24.09 -4.07
C GLY D 283 26.21 -24.43 -4.46
N SER D 284 25.65 -25.40 -3.74
CA SER D 284 24.27 -25.82 -3.84
C SER D 284 23.78 -26.03 -2.40
N VAL D 285 22.74 -25.32 -2.02
CA VAL D 285 22.24 -25.38 -0.64
C VAL D 285 20.99 -26.27 -0.56
N PRO D 286 21.00 -27.27 0.34
CA PRO D 286 19.82 -28.10 0.48
C PRO D 286 18.78 -27.51 1.44
N LEU D 287 17.53 -27.48 0.99
CA LEU D 287 16.43 -27.09 1.84
C LEU D 287 15.55 -28.30 2.05
N ASP D 288 15.50 -28.78 3.28
CA ASP D 288 14.67 -29.94 3.58
C ASP D 288 13.23 -29.55 3.86
N TYR D 289 12.35 -30.56 3.91
CA TYR D 289 10.93 -30.32 4.11
C TYR D 289 10.61 -29.60 5.43
N LYS D 290 11.35 -29.93 6.49
CA LYS D 290 11.12 -29.31 7.81
C LYS D 290 11.34 -27.80 7.75
N THR D 291 12.38 -27.40 7.02
CA THR D 291 12.74 -25.99 6.88
C THR D 291 11.65 -25.25 6.10
N LEU D 292 11.22 -25.86 4.99
CA LEU D 292 10.24 -25.24 4.11
C LEU D 292 8.84 -25.20 4.74
N GLN D 293 8.47 -26.25 5.45
CA GLN D 293 7.18 -26.28 6.14
C GLN D 293 7.11 -25.19 7.23
N GLU D 294 8.23 -24.92 7.87
CA GLU D 294 8.29 -23.91 8.92
C GLU D 294 8.17 -22.50 8.32
N ILE D 295 8.75 -22.30 7.12
CA ILE D 295 8.59 -21.04 6.35
C ILE D 295 7.10 -20.77 6.06
N VAL D 296 6.38 -21.80 5.66
CA VAL D 296 4.94 -21.69 5.42
C VAL D 296 4.21 -21.34 6.73
N HIS D 297 4.44 -22.10 7.78
CA HIS D 297 3.69 -21.87 9.03
C HIS D 297 3.87 -20.47 9.62
N THR D 298 4.97 -19.82 9.27
CA THR D 298 5.36 -18.57 9.91
C THR D 298 5.38 -17.37 8.96
N ASN D 299 4.77 -17.48 7.78
CA ASN D 299 4.64 -16.35 6.85
C ASN D 299 5.98 -15.74 6.46
N LYS D 300 7.05 -16.54 6.36
CA LYS D 300 8.37 -16.00 6.02
C LYS D 300 8.45 -15.74 4.52
N THR D 301 9.32 -14.82 4.14
CA THR D 301 9.46 -14.47 2.74
C THR D 301 10.94 -14.41 2.37
N ILE D 302 11.28 -14.81 1.14
CA ILE D 302 12.63 -14.67 0.59
C ILE D 302 12.50 -13.79 -0.63
N ILE D 303 13.31 -12.73 -0.71
CA ILE D 303 13.20 -11.75 -1.80
C ILE D 303 14.54 -11.54 -2.49
N GLY D 304 14.58 -11.64 -3.81
CA GLY D 304 15.76 -11.24 -4.58
C GLY D 304 15.74 -9.74 -4.78
N LEU D 305 16.86 -9.09 -4.46
CA LEU D 305 16.96 -7.62 -4.39
C LEU D 305 18.01 -7.15 -5.40
N VAL D 306 17.63 -6.28 -6.33
CA VAL D 306 18.57 -5.80 -7.33
C VAL D 306 18.21 -4.41 -7.84
N ASN D 307 19.26 -3.63 -8.07
CA ASN D 307 19.23 -2.38 -8.82
C ASN D 307 18.37 -1.24 -8.27
N GLY D 308 19.06 -0.14 -7.97
CA GLY D 308 18.40 1.11 -7.61
C GLY D 308 18.21 2.01 -8.81
N GLN D 309 17.18 2.86 -8.75
CA GLN D 309 16.85 3.78 -9.82
C GLN D 309 16.86 5.24 -9.31
N LYS D 310 16.47 6.19 -10.17
CA LYS D 310 16.67 7.61 -9.84
C LYS D 310 16.17 8.06 -8.45
N PRO D 311 14.91 7.71 -8.07
CA PRO D 311 14.46 8.12 -6.72
C PRO D 311 15.38 7.60 -5.62
N HIS D 312 15.97 6.42 -5.85
CA HIS D 312 16.88 5.80 -4.88
C HIS D 312 18.26 6.47 -4.79
N PHE D 313 18.76 6.94 -5.95
CA PHE D 313 19.96 7.76 -5.97
C PHE D 313 19.72 9.05 -5.17
N GLN D 314 18.53 9.66 -5.35
CA GLN D 314 18.24 10.94 -4.68
C GLN D 314 18.13 10.75 -3.19
N GLN D 315 17.48 9.66 -2.78
CA GLN D 315 17.42 9.30 -1.37
C GLN D 315 18.83 9.06 -0.80
N ALA D 316 19.70 8.42 -1.59
CA ALA D 316 21.08 8.10 -1.16
C ALA D 316 21.84 9.39 -0.88
N VAL D 317 21.65 10.40 -1.72
CA VAL D 317 22.28 11.70 -1.54
C VAL D 317 21.87 12.28 -0.19
N VAL D 318 20.57 12.22 0.12
CA VAL D 318 20.11 12.76 1.40
C VAL D 318 20.75 12.01 2.59
N HIS D 319 20.85 10.69 2.49
CA HIS D 319 21.44 9.92 3.57
C HIS D 319 22.95 10.14 3.72
N LEU D 320 23.66 10.19 2.61
CA LEU D 320 25.10 10.50 2.69
C LEU D 320 25.31 11.86 3.38
N ALA D 321 24.48 12.82 3.03
CA ALA D 321 24.53 14.15 3.65
C ALA D 321 24.30 14.03 5.15
N SER D 322 23.29 13.24 5.54
CA SER D 322 22.97 13.04 6.94
C SER D 322 24.14 12.39 7.69
N TRP D 323 24.85 11.47 7.04
CA TRP D 323 25.91 10.72 7.72
C TRP D 323 27.12 11.57 8.04
N LYS D 324 27.34 12.64 7.28
CA LYS D 324 28.42 13.59 7.63
C LYS D 324 28.20 14.14 9.05
N THR D 325 26.94 14.24 9.47
CA THR D 325 26.63 14.74 10.81
C THR D 325 26.45 13.61 11.81
N LEU D 326 25.68 12.59 11.42
CA LEU D 326 25.33 11.50 12.33
C LEU D 326 26.50 10.58 12.63
N TYR D 327 27.22 10.22 11.57
CA TYR D 327 28.27 9.19 11.65
C TYR D 327 29.54 9.72 10.96
N PRO D 328 30.09 10.82 11.48
CA PRO D 328 31.21 11.47 10.76
C PRO D 328 32.46 10.60 10.52
N LYS D 329 32.78 9.76 11.49
CA LYS D 329 33.96 8.89 11.37
C LYS D 329 33.75 7.81 10.32
N ALA D 330 32.56 7.20 10.34
CA ALA D 330 32.25 6.18 9.35
C ALA D 330 32.23 6.80 7.97
N ALA D 331 31.59 7.96 7.84
CA ALA D 331 31.51 8.64 6.55
C ALA D 331 32.89 8.86 5.94
N LYS D 332 33.84 9.26 6.79
CA LYS D 332 35.19 9.57 6.34
C LYS D 332 35.94 8.33 5.86
N MET D 333 35.52 7.16 6.34
CA MET D 333 36.17 5.89 5.99
C MET D 333 35.52 5.18 4.81
N LEU D 334 34.51 5.81 4.22
CA LEU D 334 33.83 5.20 3.08
C LEU D 334 34.71 5.22 1.84
N ILE D 335 35.51 6.28 1.70
CA ILE D 335 36.47 6.37 0.60
C ILE D 335 37.83 5.87 1.10
N THR D 336 38.26 4.74 0.55
CA THR D 336 39.48 4.06 1.01
C THR D 336 40.74 4.74 0.46
N LYS D 337 40.74 4.96 -0.84
CA LYS D 337 41.82 5.69 -1.50
C LYS D 337 41.32 6.24 -2.82
N THR D 338 42.07 7.21 -3.32
CA THR D 338 41.82 7.80 -4.62
C THR D 338 43.07 7.59 -5.45
N VAL D 339 42.86 7.12 -6.68
CA VAL D 339 43.94 6.84 -7.63
C VAL D 339 43.78 7.74 -8.86
N SER D 340 44.87 8.37 -9.28
CA SER D 340 44.81 9.23 -10.45
C SER D 340 44.70 8.43 -11.74
N ILE D 341 43.88 8.93 -12.66
CA ILE D 341 43.72 8.34 -13.99
C ILE D 341 45.07 8.22 -14.71
N ASN D 342 46.02 9.09 -14.34
CA ASN D 342 47.36 9.12 -14.95
C ASN D 342 48.36 8.15 -14.35
N ASP D 343 47.99 7.54 -13.23
CA ASP D 343 48.83 6.56 -12.55
C ASP D 343 48.43 5.16 -13.02
N GLU D 344 48.85 4.81 -14.23
CA GLU D 344 48.37 3.61 -14.92
C GLU D 344 48.68 2.31 -14.18
N LYS D 345 49.87 2.22 -13.58
CA LYS D 345 50.26 1.01 -12.84
C LYS D 345 49.31 0.73 -11.67
N GLU D 346 49.07 1.75 -10.85
CA GLU D 346 48.18 1.62 -9.69
C GLU D 346 46.73 1.46 -10.14
N LEU D 347 46.38 2.14 -11.22
CA LEU D 347 45.03 2.05 -11.80
C LEU D 347 44.71 0.63 -12.23
N LEU D 348 45.61 0.01 -12.99
CA LEU D 348 45.37 -1.36 -13.46
C LEU D 348 45.26 -2.31 -12.29
N LYS D 349 46.09 -2.08 -11.28
CA LYS D 349 46.15 -2.87 -10.06
C LYS D 349 44.79 -2.92 -9.39
N VAL D 350 44.23 -1.74 -9.10
CA VAL D 350 42.93 -1.64 -8.43
C VAL D 350 41.73 -2.03 -9.29
N LEU D 351 41.86 -1.97 -10.63
CA LEU D 351 40.78 -2.43 -11.51
C LEU D 351 40.71 -3.95 -11.51
N ARG D 352 41.86 -4.59 -11.33
CA ARG D 352 41.95 -6.03 -11.45
C ARG D 352 41.59 -6.78 -10.16
N GLU D 353 41.83 -6.14 -9.01
CA GLU D 353 41.59 -6.82 -7.74
C GLU D 353 41.33 -5.90 -6.55
N LYS D 354 40.40 -6.34 -5.69
CA LYS D 354 40.10 -5.71 -4.40
C LYS D 354 41.28 -5.87 -3.43
N GLU D 355 41.53 -4.83 -2.62
CA GLU D 355 42.45 -4.91 -1.46
C GLU D 355 41.66 -5.33 -0.21
N HIS D 356 42.25 -6.12 0.69
CA HIS D 356 41.53 -6.56 1.90
C HIS D 356 41.01 -5.36 2.71
N GLY D 357 39.75 -5.42 3.14
CA GLY D 357 39.16 -4.34 3.95
C GLY D 357 38.76 -3.11 3.15
N GLU D 358 38.96 -3.16 1.82
CA GLU D 358 38.57 -2.06 0.92
C GLU D 358 37.08 -1.74 1.03
N ILE D 359 36.76 -0.44 1.04
CA ILE D 359 35.37 -0.03 0.91
C ILE D 359 35.13 0.53 -0.48
N LYS D 360 35.73 1.69 -0.78
CA LYS D 360 35.57 2.28 -2.12
C LYS D 360 36.85 2.95 -2.62
N ILE D 361 37.30 2.51 -3.80
CA ILE D 361 38.35 3.19 -4.54
C ILE D 361 37.72 4.15 -5.54
N ARG D 362 38.24 5.36 -5.52
CA ARG D 362 37.83 6.43 -6.41
C ARG D 362 38.93 6.63 -7.44
N ILE D 363 38.52 6.87 -8.69
CA ILE D 363 39.46 7.31 -9.72
C ILE D 363 39.29 8.82 -9.93
N LEU D 364 40.39 9.57 -9.85
CA LEU D 364 40.37 11.02 -10.08
C LEU D 364 40.83 11.35 -11.50
N TRP D 365 40.00 12.09 -12.21
CA TRP D 365 40.35 12.58 -13.53
C TRP D 365 40.99 13.96 -13.40
N GLU D 366 42.14 14.12 -14.03
CA GLU D 366 42.96 15.34 -13.90
C GLU D 366 44.02 15.41 -15.00
C1 EDO E . -18.18 -14.12 -21.84
O1 EDO E . -18.10 -13.39 -23.07
C2 EDO E . -18.27 -15.62 -22.12
O2 EDO E . -19.60 -16.09 -21.82
C2 BGC F . -20.32 7.16 -16.30
C3 BGC F . -18.85 7.24 -15.87
C4 BGC F . -18.24 8.50 -16.45
C5 BGC F . -19.05 9.68 -15.90
C6 BGC F . -18.41 11.04 -16.23
C1 BGC F . -21.08 8.44 -15.91
O1 BGC F . -22.39 8.37 -16.46
O2 BGC F . -20.93 6.05 -15.69
O3 BGC F . -18.17 6.09 -16.34
O4 BGC F . -16.88 8.63 -16.16
O5 BGC F . -20.38 9.59 -16.37
O6 BGC F . -18.95 12.00 -15.36
O6 BGC F . -18.86 11.51 -17.48
PA NAP G . -30.71 9.93 -9.58
O1A NAP G . -31.03 11.35 -9.90
O2A NAP G . -31.41 8.83 -10.32
O5B NAP G . -30.98 9.69 -8.06
C5B NAP G . -30.62 10.68 -7.08
C4B NAP G . -31.22 10.29 -5.73
O4B NAP G . -30.92 11.35 -4.78
C3B NAP G . -32.75 10.15 -5.77
O3B NAP G . -33.08 9.03 -4.95
C2B NAP G . -33.22 11.46 -5.14
O2B NAP G . -34.47 11.34 -4.47
C1B NAP G . -32.14 11.62 -4.08
N9A NAP G . -32.05 12.97 -3.52
C8A NAP G . -32.26 14.16 -4.10
N7A NAP G . -32.06 15.14 -3.20
C5A NAP G . -31.71 14.55 -2.05
C6A NAP G . -31.36 15.00 -0.79
N6A NAP G . -31.36 16.30 -0.53
N1A NAP G . -31.07 14.10 0.16
C2A NAP G . -31.06 12.80 -0.07
N3A NAP G . -31.38 12.31 -1.27
C4A NAP G . -31.70 13.18 -2.26
O3 NAP G . -29.12 9.84 -9.75
PN NAP G . -28.20 8.52 -9.90
O1N NAP G . -28.16 8.02 -11.29
O2N NAP G . -28.47 7.62 -8.75
O5D NAP G . -26.77 9.22 -9.77
C5D NAP G . -26.46 9.95 -8.58
C4D NAP G . -25.43 11.02 -8.88
O4D NAP G . -24.18 10.33 -9.26
C3D NAP G . -25.77 11.97 -10.06
O3D NAP G . -25.24 13.27 -9.78
C2D NAP G . -24.97 11.34 -11.19
O2D NAP G . -24.65 12.25 -12.24
C1D NAP G . -23.66 11.00 -10.41
N1N NAP G . -22.79 10.02 -11.06
C2N NAP G . -21.40 10.13 -10.84
C3N NAP G . -20.56 9.20 -11.43
C7N NAP G . -19.07 9.31 -11.16
O7N NAP G . -18.30 8.59 -11.78
N7N NAP G . -18.75 10.16 -10.18
C4N NAP G . -21.08 8.17 -12.22
C5N NAP G . -22.46 8.05 -12.43
C6N NAP G . -23.31 8.97 -11.85
P2B NAP G . -35.85 10.90 -5.26
O1X NAP G . -35.92 11.76 -6.60
O2X NAP G . -35.68 9.33 -5.65
O3X NAP G . -37.01 11.14 -4.32
ZN ZN H . -24.67 5.67 -17.50
ZN ZN I . -4.38 10.64 -20.15
C1 EDO J . -26.77 -15.36 8.13
O1 EDO J . -26.38 -15.86 9.41
C2 EDO J . -28.10 -14.61 8.22
O2 EDO J . -29.10 -15.37 7.52
C2 BGC K . -6.58 -24.79 8.25
C3 BGC K . -5.90 -23.47 8.62
C4 BGC K . -4.81 -23.74 9.65
C5 BGC K . -3.87 -24.84 9.12
C6 BGC K . -2.73 -25.13 10.10
C1 BGC K . -5.60 -25.89 7.86
O1 BGC K . -6.32 -27.09 7.67
O2 BGC K . -7.45 -24.55 7.18
O3 BGC K . -6.86 -22.59 9.18
O4 BGC K . -4.12 -22.55 9.94
O5 BGC K . -4.63 -26.02 8.87
O6 BGC K . -3.21 -25.90 11.19
PA NAP L . -4.48 -33.37 -1.13
O1A NAP L . -3.52 -34.33 -0.51
O2A NAP L . -5.93 -33.68 -1.11
O5B NAP L . -4.08 -33.11 -2.63
C5B NAP L . -2.70 -33.04 -3.02
C4B NAP L . -2.62 -32.87 -4.54
O4B NAP L . -1.26 -32.85 -4.98
C3B NAP L . -3.23 -34.14 -5.14
O3B NAP L . -4.02 -33.75 -6.27
C2B NAP L . -1.99 -34.93 -5.60
O2B NAP L . -2.26 -35.76 -6.73
C1B NAP L . -1.14 -33.78 -6.08
N9A NAP L . 0.31 -34.07 -6.17
C8A NAP L . 1.02 -34.88 -5.37
N7A NAP L . 2.30 -34.87 -5.78
C5A NAP L . 2.39 -34.05 -6.82
C6A NAP L . 3.43 -33.64 -7.65
N6A NAP L . 4.67 -34.12 -7.43
N1A NAP L . 3.17 -32.77 -8.64
C2A NAP L . 1.94 -32.30 -8.85
N3A NAP L . 0.92 -32.65 -8.09
C4A NAP L . 1.12 -33.55 -7.08
O3 NAP L . -4.10 -31.97 -0.38
PN NAP L . -5.02 -30.67 -0.12
O1N NAP L . -6.00 -30.86 0.98
O2N NAP L . -5.44 -30.19 -1.45
O5D NAP L . -3.90 -29.73 0.51
C5D NAP L . -2.68 -29.52 -0.19
C4D NAP L . -1.56 -29.02 0.71
O4D NAP L . -1.97 -27.75 1.34
C3D NAP L . -1.32 -29.99 1.89
O3D NAP L . 0.09 -30.05 2.19
C2D NAP L . -2.11 -29.32 3.03
O2D NAP L . -1.59 -29.68 4.30
C1D NAP L . -1.76 -27.88 2.77
N1N NAP L . -2.66 -26.87 3.40
C2N NAP L . -2.07 -25.67 3.78
C3N NAP L . -2.84 -24.67 4.38
C7N NAP L . -2.17 -23.36 4.77
O7N NAP L . -2.77 -22.53 5.44
N7N NAP L . -0.93 -23.19 4.28
C4N NAP L . -4.22 -24.88 4.56
C5N NAP L . -4.82 -26.08 4.14
C6N NAP L . -4.05 -27.08 3.56
P2B NAP L . -3.32 -36.99 -6.72
O1X NAP L . -3.14 -37.71 -5.30
O2X NAP L . -4.73 -36.24 -6.77
O3X NAP L . -3.09 -37.85 -7.93
ZN ZN M . -9.65 -28.22 7.25
ZN ZN N . -0.27 -13.57 18.86
C1 EDO O . 22.79 11.06 22.31
O1 EDO O . 22.47 12.38 22.73
C2 EDO O . 21.54 10.34 21.82
O2 EDO O . 20.63 10.10 22.90
C2 BGC P . 1.93 20.12 18.17
C3 BGC P . 1.27 18.80 17.80
C4 BGC P . -0.10 18.71 18.47
C5 BGC P . -0.94 19.95 18.12
C6 BGC P . -2.37 19.91 18.66
C1 BGC P . 0.98 21.29 17.91
O1 BGC P . 1.58 22.47 18.36
O2 BGC P . 3.12 20.27 17.42
O3 BGC P . 2.08 17.72 18.20
O4 BGC P . -0.73 17.54 18.01
O5 BGC P . -0.25 21.09 18.60
O6 BGC P . -3.26 20.17 17.60
PA NAP Q . 2.67 31.36 12.37
O1A NAP Q . 1.48 32.13 12.89
O2A NAP Q . 4.00 31.62 12.94
O5B NAP Q . 2.84 31.60 10.81
C5B NAP Q . 1.77 31.90 9.93
C4B NAP Q . 2.28 32.29 8.54
O4B NAP Q . 1.17 32.44 7.61
C3B NAP Q . 2.98 33.65 8.64
O3B NAP Q . 4.10 33.60 7.75
C2B NAP Q . 1.88 34.60 8.19
O2B NAP Q . 2.40 35.77 7.58
C1B NAP Q . 1.27 33.78 7.05
N9A NAP Q . -0.06 34.22 6.64
C8A NAP Q . -1.02 34.76 7.39
N7A NAP Q . -2.08 35.01 6.60
C5A NAP Q . -1.77 34.62 5.34
C6A NAP Q . -2.43 34.62 4.12
N6A NAP Q . -3.69 35.08 3.99
N1A NAP Q . -1.77 34.12 3.05
C2A NAP Q . -0.54 33.64 3.12
N3A NAP Q . 0.11 33.64 4.27
C4A NAP Q . -0.48 34.11 5.38
O3 NAP Q . 2.21 29.84 12.44
PN NAP Q . 3.10 28.51 12.36
O1N NAP Q . 3.67 28.22 13.69
O2N NAP Q . 3.96 28.51 11.16
O5D NAP Q . 1.90 27.45 12.19
C5D NAP Q . 1.04 27.51 11.04
C4D NAP Q . -0.35 26.92 11.34
O4D NAP Q . -0.15 25.50 11.56
C3D NAP Q . -1.00 27.47 12.63
O3D NAP Q . -2.44 27.51 12.44
C2D NAP Q . -0.63 26.42 13.66
O2D NAP Q . -1.54 26.38 14.76
C1D NAP Q . -0.81 25.17 12.84
N1N NAP Q . -0.14 23.94 13.34
C2N NAP Q . -0.77 22.71 13.05
C3N NAP Q . -0.18 21.53 13.49
C7N NAP Q . -0.87 20.18 13.12
O7N NAP Q . -0.49 19.13 13.63
N7N NAP Q . -1.86 20.26 12.23
C4N NAP Q . 1.04 21.56 14.16
C5N NAP Q . 1.67 22.77 14.45
C6N NAP Q . 1.09 23.97 14.03
P2B NAP Q . 3.34 36.84 8.39
O1X NAP Q . 2.57 37.01 9.79
O2X NAP Q . 4.78 36.17 8.63
O3X NAP Q . 3.42 38.09 7.61
ZN ZN R . 4.97 23.50 19.50
ZN ZN S . -6.92 6.30 21.34
C1 EDO T . 25.38 21.06 -7.66
O1 EDO T . 26.63 20.34 -7.62
C2 EDO T . 24.21 20.08 -7.82
O2 EDO T . 24.11 19.56 -9.16
C2 BGC U . 25.14 -2.06 -9.73
C3 BGC U . 23.65 -2.29 -10.00
C4 BGC U . 23.49 -3.22 -11.19
C5 BGC U . 24.20 -4.53 -10.86
C6 BGC U . 24.04 -5.57 -11.98
C1 BGC U . 25.82 -3.42 -9.49
O1 BGC U . 27.21 -3.22 -9.38
O2 BGC U . 25.32 -1.23 -8.59
O3 BGC U . 23.02 -1.06 -10.27
O4 BGC U . 22.12 -3.42 -11.43
O5 BGC U . 25.58 -4.23 -10.63
O6 BGC U . 24.93 -5.25 -13.05
O6 BGC U . 23.01 -6.45 -11.64
PA NAP V . 32.86 -7.86 -1.28
O1A NAP V . 33.38 -9.09 -1.93
O2A NAP V . 33.66 -6.62 -1.29
O5B NAP V . 32.51 -8.16 0.24
C5B NAP V . 32.02 -9.46 0.62
C4B NAP V . 31.94 -9.55 2.16
O4B NAP V . 31.41 -10.82 2.59
C3B NAP V . 33.39 -9.49 2.69
O3B NAP V . 33.37 -8.75 3.91
C2B NAP V . 33.70 -10.97 2.95
O2B NAP V . 34.63 -11.16 4.00
C1B NAP V . 32.34 -11.40 3.48
N9A NAP V . 32.16 -12.86 3.48
C8A NAP V . 32.62 -13.78 2.63
N7A NAP V . 32.20 -14.99 3.01
C5A NAP V . 31.44 -14.84 4.10
C6A NAP V . 30.72 -15.72 4.93
N6A NAP V . 30.70 -17.02 4.71
N1A NAP V . 30.05 -15.21 5.98
C2A NAP V . 30.05 -13.91 6.23
N3A NAP V . 30.71 -13.05 5.46
C4A NAP V . 31.41 -13.49 4.40
O3 NAP V . 31.42 -7.62 -1.96
PN NAP V . 30.53 -6.25 -1.96
O1N NAP V . 31.09 -5.29 -2.95
O2N NAP V . 30.34 -5.83 -0.58
O5D NAP V . 29.18 -6.87 -2.58
C5D NAP V . 28.51 -7.93 -1.88
C4D NAP V . 27.66 -8.75 -2.85
O4D NAP V . 26.67 -7.84 -3.36
C3D NAP V . 28.45 -9.23 -4.08
O3D NAP V . 27.99 -10.53 -4.50
C2D NAP V . 28.13 -8.16 -5.12
O2D NAP V . 28.23 -8.68 -6.43
C1D NAP V . 26.66 -7.98 -4.80
N1N NAP V . 25.97 -6.78 -5.31
C2N NAP V . 24.61 -6.90 -5.66
C3N NAP V . 23.93 -5.77 -6.14
C7N NAP V . 22.43 -5.87 -6.47
O7N NAP V . 21.84 -4.95 -7.04
N7N NAP V . 21.84 -6.99 -6.05
C4N NAP V . 24.59 -4.54 -6.25
C5N NAP V . 25.93 -4.42 -5.89
C6N NAP V . 26.63 -5.54 -5.43
P2B NAP V . 36.15 -10.59 4.01
O1X NAP V . 36.73 -10.84 2.54
O2X NAP V . 36.00 -9.01 4.25
O3X NAP V . 36.86 -11.30 5.12
ZN ZN W . 29.56 -0.57 -8.85
ZN ZN X . 11.81 -3.00 -19.75
#